data_1SH9
# 
_entry.id   1SH9 
# 
_audit_conform.dict_name       mmcif_pdbx.dic 
_audit_conform.dict_version    5.376 
_audit_conform.dict_location   http://mmcif.pdb.org/dictionaries/ascii/mmcif_pdbx.dic 
# 
loop_
_database_2.database_id 
_database_2.database_code 
_database_2.pdbx_database_accession 
_database_2.pdbx_DOI 
PDB   1SH9         pdb_00001sh9 10.2210/pdb1sh9/pdb 
RCSB  RCSB021708   ?            ?                   
WWPDB D_1000021708 ?            ?                   
# 
_pdbx_database_related.db_name        PDB 
_pdbx_database_related.db_id          1SGU 
_pdbx_database_related.details        . 
_pdbx_database_related.content_type   unspecified 
# 
_pdbx_database_status.status_code                     REL 
_pdbx_database_status.entry_id                        1SH9 
_pdbx_database_status.recvd_initial_deposition_date   2004-02-25 
_pdbx_database_status.deposit_site                    RCSB 
_pdbx_database_status.process_site                    RCSB 
_pdbx_database_status.status_code_sf                  REL 
_pdbx_database_status.SG_entry                        . 
_pdbx_database_status.status_code_mr                  ? 
_pdbx_database_status.status_code_cs                  ? 
_pdbx_database_status.pdb_format_compatible           Y 
_pdbx_database_status.methods_development_category    ? 
_pdbx_database_status.status_code_nmr_data            ? 
# 
loop_
_audit_author.name 
_audit_author.pdbx_ordinal 
'Clemente, J.C.'     1 
'Moose, R.E.'        2 
'Hemrajani, R.'      3 
'Govindasamy, L.'    4 
'Reutzel, R.'        5 
'McKenna, R.'        6 
'Abanje-McKenna, M.' 7 
'Goodenow, M.M.'     8 
'Dunn, B.M.'         9 
# 
_citation.id                        primary 
_citation.title                     'Comparing the Accumulation of Active- and Nonactive-Site Mutations in the HIV-1 Protease.' 
_citation.journal_abbrev            Biochemistry 
_citation.journal_volume            43 
_citation.page_first                12141 
_citation.page_last                 12151 
_citation.year                      2004 
_citation.journal_id_ASTM           BICHAW 
_citation.country                   US 
_citation.journal_id_ISSN           0006-2960 
_citation.journal_id_CSD            0033 
_citation.book_publisher            ? 
_citation.pdbx_database_id_PubMed   15379553 
_citation.pdbx_database_id_DOI      10.1021/bi049459m 
# 
loop_
_citation_author.citation_id 
_citation_author.name 
_citation_author.ordinal 
_citation_author.identifier_ORCID 
primary 'Clemente, J.C.'       1  ? 
primary 'Moose, R.E.'          2  ? 
primary 'Hemrajani, R.'        3  ? 
primary 'Whitford, L.R.'       4  ? 
primary 'Govindasamy, L.'      5  ? 
primary 'Reutzel, R.'          6  ? 
primary 'McKenna, R.'          7  ? 
primary 'Agbandje-McKenna, M.' 8  ? 
primary 'Goodenow, M.M.'       9  ? 
primary 'Dunn, B.M.'           10 ? 
# 
_cell.entry_id           1SH9 
_cell.length_a           62.121 
_cell.length_b           62.121 
_cell.length_c           84.784 
_cell.angle_alpha        90.00 
_cell.angle_beta         90.00 
_cell.angle_gamma        120.00 
_cell.Z_PDB              12 
_cell.pdbx_unique_axis   ? 
_cell.length_a_esd       ? 
_cell.length_b_esd       ? 
_cell.length_c_esd       ? 
_cell.angle_alpha_esd    ? 
_cell.angle_beta_esd     ? 
_cell.angle_gamma_esd    ? 
# 
_symmetry.entry_id                         1SH9 
_symmetry.space_group_name_H-M             'P 61' 
_symmetry.pdbx_full_space_group_name_H-M   ? 
_symmetry.cell_setting                     ? 
_symmetry.Int_Tables_number                169 
_symmetry.space_group_name_Hall            ? 
# 
loop_
_entity.id 
_entity.type 
_entity.src_method 
_entity.pdbx_description 
_entity.formula_weight 
_entity.pdbx_number_of_molecules 
_entity.pdbx_ec 
_entity.pdbx_mutation 
_entity.pdbx_fragment 
_entity.details 
1 polymer     man 'POL polyprotein' 10835.717 2  3.4.23.16 'K20R, V32I, L33F, M36I, I54V, L63P, A71V, V82A, I84V, L90M' PROTEASE ? 
2 non-polymer syn RITONAVIR         720.944   1  ?         ?                                                            ?        ? 
3 water       nat water             18.015    34 ?         ?                                                            ?        ? 
# 
_entity_name_com.entity_id   1 
_entity_name_com.name        RETROPEPSIN 
# 
_entity_poly.entity_id                      1 
_entity_poly.type                           'polypeptide(L)' 
_entity_poly.nstd_linkage                   no 
_entity_poly.nstd_monomer                   no 
_entity_poly.pdbx_seq_one_letter_code       
;PQITLWQRPLVTIKIGGQLREALLDTGADDTIFEEISLPGRWKPKMIGGIGGFVKVRQYDQIPIEICGHKVIGTVLVGPT
PANVIGRNLMTQIGCTLNF
;
_entity_poly.pdbx_seq_one_letter_code_can   
;PQITLWQRPLVTIKIGGQLREALLDTGADDTIFEEISLPGRWKPKMIGGIGGFVKVRQYDQIPIEICGHKVIGTVLVGPT
PANVIGRNLMTQIGCTLNF
;
_entity_poly.pdbx_strand_id                 A,B 
_entity_poly.pdbx_target_identifier         ? 
# 
loop_
_entity_poly_seq.entity_id 
_entity_poly_seq.num 
_entity_poly_seq.mon_id 
_entity_poly_seq.hetero 
1 1  PRO n 
1 2  GLN n 
1 3  ILE n 
1 4  THR n 
1 5  LEU n 
1 6  TRP n 
1 7  GLN n 
1 8  ARG n 
1 9  PRO n 
1 10 LEU n 
1 11 VAL n 
1 12 THR n 
1 13 ILE n 
1 14 LYS n 
1 15 ILE n 
1 16 GLY n 
1 17 GLY n 
1 18 GLN n 
1 19 LEU n 
1 20 ARG n 
1 21 GLU n 
1 22 ALA n 
1 23 LEU n 
1 24 LEU n 
1 25 ASP n 
1 26 THR n 
1 27 GLY n 
1 28 ALA n 
1 29 ASP n 
1 30 ASP n 
1 31 THR n 
1 32 ILE n 
1 33 PHE n 
1 34 GLU n 
1 35 GLU n 
1 36 ILE n 
1 37 SER n 
1 38 LEU n 
1 39 PRO n 
1 40 GLY n 
1 41 ARG n 
1 42 TRP n 
1 43 LYS n 
1 44 PRO n 
1 45 LYS n 
1 46 MET n 
1 47 ILE n 
1 48 GLY n 
1 49 GLY n 
1 50 ILE n 
1 51 GLY n 
1 52 GLY n 
1 53 PHE n 
1 54 VAL n 
1 55 LYS n 
1 56 VAL n 
1 57 ARG n 
1 58 GLN n 
1 59 TYR n 
1 60 ASP n 
1 61 GLN n 
1 62 ILE n 
1 63 PRO n 
1 64 ILE n 
1 65 GLU n 
1 66 ILE n 
1 67 CYS n 
1 68 GLY n 
1 69 HIS n 
1 70 LYS n 
1 71 VAL n 
1 72 ILE n 
1 73 GLY n 
1 74 THR n 
1 75 VAL n 
1 76 LEU n 
1 77 VAL n 
1 78 GLY n 
1 79 PRO n 
1 80 THR n 
1 81 PRO n 
1 82 ALA n 
1 83 ASN n 
1 84 VAL n 
1 85 ILE n 
1 86 GLY n 
1 87 ARG n 
1 88 ASN n 
1 89 LEU n 
1 90 MET n 
1 91 THR n 
1 92 GLN n 
1 93 ILE n 
1 94 GLY n 
1 95 CYS n 
1 96 THR n 
1 97 LEU n 
1 98 ASN n 
1 99 PHE n 
# 
_entity_src_gen.entity_id                          1 
_entity_src_gen.pdbx_src_id                        1 
_entity_src_gen.pdbx_alt_source_flag               sample 
_entity_src_gen.pdbx_seq_type                      ? 
_entity_src_gen.pdbx_beg_seq_num                   ? 
_entity_src_gen.pdbx_end_seq_num                   ? 
_entity_src_gen.gene_src_common_name               ? 
_entity_src_gen.gene_src_genus                     Lentivirus 
_entity_src_gen.pdbx_gene_src_gene                 ? 
_entity_src_gen.gene_src_species                   ? 
_entity_src_gen.gene_src_strain                    ? 
_entity_src_gen.gene_src_tissue                    ? 
_entity_src_gen.gene_src_tissue_fraction           ? 
_entity_src_gen.gene_src_details                   ? 
_entity_src_gen.pdbx_gene_src_fragment             ? 
_entity_src_gen.pdbx_gene_src_scientific_name      'Human immunodeficiency virus 1' 
_entity_src_gen.pdbx_gene_src_ncbi_taxonomy_id     11676 
_entity_src_gen.pdbx_gene_src_variant              ? 
_entity_src_gen.pdbx_gene_src_cell_line            ? 
_entity_src_gen.pdbx_gene_src_atcc                 ? 
_entity_src_gen.pdbx_gene_src_organ                ? 
_entity_src_gen.pdbx_gene_src_organelle            ? 
_entity_src_gen.pdbx_gene_src_cell                 ? 
_entity_src_gen.pdbx_gene_src_cellular_location    ? 
_entity_src_gen.host_org_common_name               ? 
_entity_src_gen.pdbx_host_org_scientific_name      'Escherichia coli' 
_entity_src_gen.pdbx_host_org_ncbi_taxonomy_id     562 
_entity_src_gen.host_org_genus                     Escherichia 
_entity_src_gen.pdbx_host_org_gene                 ? 
_entity_src_gen.pdbx_host_org_organ                ? 
_entity_src_gen.host_org_species                   ? 
_entity_src_gen.pdbx_host_org_tissue               ? 
_entity_src_gen.pdbx_host_org_tissue_fraction      ? 
_entity_src_gen.pdbx_host_org_strain               ? 
_entity_src_gen.pdbx_host_org_variant              ? 
_entity_src_gen.pdbx_host_org_cell_line            ? 
_entity_src_gen.pdbx_host_org_atcc                 ? 
_entity_src_gen.pdbx_host_org_culture_collection   ? 
_entity_src_gen.pdbx_host_org_cell                 ? 
_entity_src_gen.pdbx_host_org_organelle            ? 
_entity_src_gen.pdbx_host_org_cellular_location    ? 
_entity_src_gen.pdbx_host_org_vector_type          ? 
_entity_src_gen.pdbx_host_org_vector               ? 
_entity_src_gen.host_org_details                   ? 
_entity_src_gen.expression_system_id               ? 
_entity_src_gen.plasmid_name                       ? 
_entity_src_gen.plasmid_details                    ? 
_entity_src_gen.pdbx_description                   ? 
# 
_struct_ref.id                         1 
_struct_ref.db_name                    UNP 
_struct_ref.db_code                    POL_HV1BR 
_struct_ref.entity_id                  1 
_struct_ref.pdbx_seq_one_letter_code   
;PQITLWQRPLVTIKIGGQLKEALLDTGADDTVLEEMSLPGRWKPKMIGGIGGFIKVRQYDQILIEICGHKAIGTVLVGPT
PVNIIGRNLLTQIGCTLNF
;
_struct_ref.pdbx_align_begin           69 
_struct_ref.pdbx_db_accession          P03367 
_struct_ref.pdbx_db_isoform            ? 
# 
loop_
_struct_ref_seq.align_id 
_struct_ref_seq.ref_id 
_struct_ref_seq.pdbx_PDB_id_code 
_struct_ref_seq.pdbx_strand_id 
_struct_ref_seq.seq_align_beg 
_struct_ref_seq.pdbx_seq_align_beg_ins_code 
_struct_ref_seq.seq_align_end 
_struct_ref_seq.pdbx_seq_align_end_ins_code 
_struct_ref_seq.pdbx_db_accession 
_struct_ref_seq.db_align_beg 
_struct_ref_seq.pdbx_db_align_beg_ins_code 
_struct_ref_seq.db_align_end 
_struct_ref_seq.pdbx_db_align_end_ins_code 
_struct_ref_seq.pdbx_auth_seq_align_beg 
_struct_ref_seq.pdbx_auth_seq_align_end 
1 1 1SH9 A 1 ? 99 ? P03367 69 ? 167 ? 1 99 
2 1 1SH9 B 1 ? 99 ? P03367 69 ? 167 ? 1 99 
# 
loop_
_struct_ref_seq_dif.align_id 
_struct_ref_seq_dif.pdbx_pdb_id_code 
_struct_ref_seq_dif.mon_id 
_struct_ref_seq_dif.pdbx_pdb_strand_id 
_struct_ref_seq_dif.seq_num 
_struct_ref_seq_dif.pdbx_pdb_ins_code 
_struct_ref_seq_dif.pdbx_seq_db_name 
_struct_ref_seq_dif.pdbx_seq_db_accession_code 
_struct_ref_seq_dif.db_mon_id 
_struct_ref_seq_dif.pdbx_seq_db_seq_num 
_struct_ref_seq_dif.details 
_struct_ref_seq_dif.pdbx_auth_seq_num 
_struct_ref_seq_dif.pdbx_ordinal 
1 1SH9 ARG A 20 ? UNP P03367 LYS 88  'engineered mutation' 20 1  
1 1SH9 ILE A 32 ? UNP P03367 VAL 100 'engineered mutation' 32 2  
1 1SH9 PHE A 33 ? UNP P03367 LEU 101 'engineered mutation' 33 3  
1 1SH9 ILE A 36 ? UNP P03367 MET 104 'engineered mutation' 36 4  
1 1SH9 VAL A 54 ? UNP P03367 ILE 122 'engineered mutation' 54 5  
1 1SH9 PRO A 63 ? UNP P03367 LEU 131 'engineered mutation' 63 6  
1 1SH9 VAL A 71 ? UNP P03367 ALA 139 'engineered mutation' 71 7  
1 1SH9 ALA A 82 ? UNP P03367 VAL 150 'engineered mutation' 82 8  
1 1SH9 VAL A 84 ? UNP P03367 ILE 152 'engineered mutation' 84 9  
1 1SH9 MET A 90 ? UNP P03367 LEU 158 'engineered mutation' 90 10 
2 1SH9 ARG B 20 ? UNP P03367 LYS 88  'engineered mutation' 20 11 
2 1SH9 ILE B 32 ? UNP P03367 VAL 100 'engineered mutation' 32 12 
2 1SH9 PHE B 33 ? UNP P03367 LEU 101 'engineered mutation' 33 13 
2 1SH9 ILE B 36 ? UNP P03367 MET 104 'engineered mutation' 36 14 
2 1SH9 VAL B 54 ? UNP P03367 ILE 122 'engineered mutation' 54 15 
2 1SH9 PRO B 63 ? UNP P03367 LEU 131 'engineered mutation' 63 16 
2 1SH9 VAL B 71 ? UNP P03367 ALA 139 'engineered mutation' 71 17 
2 1SH9 ALA B 82 ? UNP P03367 VAL 150 'engineered mutation' 82 18 
2 1SH9 VAL B 84 ? UNP P03367 ILE 152 'engineered mutation' 84 19 
2 1SH9 MET B 90 ? UNP P03367 LEU 158 'engineered mutation' 90 20 
# 
loop_
_chem_comp.id 
_chem_comp.type 
_chem_comp.mon_nstd_flag 
_chem_comp.name 
_chem_comp.pdbx_synonyms 
_chem_comp.formula 
_chem_comp.formula_weight 
ALA 'L-peptide linking' y ALANINE         ?       'C3 H7 N O2'       89.093  
ARG 'L-peptide linking' y ARGININE        ?       'C6 H15 N4 O2 1'   175.209 
ASN 'L-peptide linking' y ASPARAGINE      ?       'C4 H8 N2 O3'      132.118 
ASP 'L-peptide linking' y 'ASPARTIC ACID' ?       'C4 H7 N O4'       133.103 
CYS 'L-peptide linking' y CYSTEINE        ?       'C3 H7 N O2 S'     121.158 
GLN 'L-peptide linking' y GLUTAMINE       ?       'C5 H10 N2 O3'     146.144 
GLU 'L-peptide linking' y 'GLUTAMIC ACID' ?       'C5 H9 N O4'       147.129 
GLY 'peptide linking'   y GLYCINE         ?       'C2 H5 N O2'       75.067  
HIS 'L-peptide linking' y HISTIDINE       ?       'C6 H10 N3 O2 1'   156.162 
HOH non-polymer         . WATER           ?       'H2 O'             18.015  
ILE 'L-peptide linking' y ISOLEUCINE      ?       'C6 H13 N O2'      131.173 
LEU 'L-peptide linking' y LEUCINE         ?       'C6 H13 N O2'      131.173 
LYS 'L-peptide linking' y LYSINE          ?       'C6 H15 N2 O2 1'   147.195 
MET 'L-peptide linking' y METHIONINE      ?       'C5 H11 N O2 S'    149.211 
PHE 'L-peptide linking' y PHENYLALANINE   ?       'C9 H11 N O2'      165.189 
PRO 'L-peptide linking' y PROLINE         ?       'C5 H9 N O2'       115.130 
RIT peptide-like        . RITONAVIR       A-84538 'C37 H48 N6 O5 S2' 720.944 
SER 'L-peptide linking' y SERINE          ?       'C3 H7 N O3'       105.093 
THR 'L-peptide linking' y THREONINE       ?       'C4 H9 N O3'       119.119 
TRP 'L-peptide linking' y TRYPTOPHAN      ?       'C11 H12 N2 O2'    204.225 
TYR 'L-peptide linking' y TYROSINE        ?       'C9 H11 N O3'      181.189 
VAL 'L-peptide linking' y VALINE          ?       'C5 H11 N O2'      117.146 
# 
_exptl.entry_id          1SH9 
_exptl.method            'X-RAY DIFFRACTION' 
_exptl.crystals_number   1 
# 
_exptl_crystal.id                    1 
_exptl_crystal.density_meas          ? 
_exptl_crystal.density_Matthews      2.09 
_exptl_crystal.density_percent_sol   40.61 
_exptl_crystal.description           ? 
_exptl_crystal.F_000                 ? 
_exptl_crystal.preparation           ? 
# 
_exptl_crystal_grow.crystal_id      1 
_exptl_crystal_grow.method          ? 
_exptl_crystal_grow.temp            298 
_exptl_crystal_grow.temp_details    ? 
_exptl_crystal_grow.pH              6.00 
_exptl_crystal_grow.pdbx_details    
'20mM Sodium Acetate, 1.5 M Ammonium Sulfate, pH 6.0, VAPOR DIFFUSION, HANGING DROP, temperature 298K, pH 6.00' 
_exptl_crystal_grow.pdbx_pH_range   . 
# 
_diffrn.id                     1 
_diffrn.ambient_temp           298.0 
_diffrn.ambient_temp_details   ? 
_diffrn.crystal_id             1 
# 
_diffrn_radiation.diffrn_id                        1 
_diffrn_radiation.wavelength_id                    1 
_diffrn_radiation.pdbx_monochromatic_or_laue_m_l   M 
_diffrn_radiation.monochromator                    ? 
_diffrn_radiation.pdbx_diffrn_protocol             'SINGLE WAVELENGTH' 
_diffrn_radiation.pdbx_scattering_type             x-ray 
# 
_diffrn_radiation_wavelength.id           1 
_diffrn_radiation_wavelength.wavelength   1.5418 
_diffrn_radiation_wavelength.wt           1.0 
# 
_diffrn_source.diffrn_id                   1 
_diffrn_source.source                      'ROTATING ANODE' 
_diffrn_source.type                        'RIGAKU RUH3R' 
_diffrn_source.pdbx_synchrotron_site       ? 
_diffrn_source.pdbx_synchrotron_beamline   ? 
_diffrn_source.pdbx_wavelength             1.5418 
_diffrn_source.pdbx_wavelength_list        1.5418 
# 
_reflns.entry_id                     1SH9 
_reflns.observed_criterion_sigma_I   2.000 
_reflns.observed_criterion_sigma_F   ? 
_reflns.d_resolution_low             19.770 
_reflns.d_resolution_high            2.480 
_reflns.number_obs                   6598 
_reflns.number_all                   ? 
_reflns.percent_possible_obs         97.8 
_reflns.pdbx_Rmerge_I_obs            ? 
_reflns.pdbx_Rsym_value              0.134 
_reflns.pdbx_netI_over_sigmaI        4.4 
_reflns.B_iso_Wilson_estimate        14.80 
_reflns.pdbx_redundancy              ? 
_reflns.R_free_details               ? 
_reflns.limit_h_max                  ? 
_reflns.limit_h_min                  ? 
_reflns.limit_k_max                  ? 
_reflns.limit_k_min                  ? 
_reflns.limit_l_max                  ? 
_reflns.limit_l_min                  ? 
_reflns.observed_criterion_F_max     ? 
_reflns.observed_criterion_F_min     ? 
_reflns.pdbx_chi_squared             ? 
_reflns.pdbx_scaling_rejects         ? 
_reflns.pdbx_ordinal                 1 
_reflns.pdbx_diffrn_id               1 
# 
_reflns_shell.d_res_high             2.48 
_reflns_shell.d_res_low              2.59 
_reflns_shell.percent_possible_all   89.9 
_reflns_shell.Rmerge_I_obs           ? 
_reflns_shell.pdbx_Rsym_value        0.511 
_reflns_shell.meanI_over_sigI_obs    ? 
_reflns_shell.pdbx_redundancy        ? 
_reflns_shell.percent_possible_obs   ? 
_reflns_shell.number_unique_all      ? 
_reflns_shell.number_measured_all    ? 
_reflns_shell.number_measured_obs    ? 
_reflns_shell.number_unique_obs      ? 
_reflns_shell.pdbx_chi_squared       ? 
_reflns_shell.pdbx_ordinal           1 
_reflns_shell.pdbx_diffrn_id         1 
# 
_refine.entry_id                                 1SH9 
_refine.ls_number_reflns_obs                     6156 
_refine.ls_number_reflns_all                     6451 
_refine.pdbx_ls_sigma_I                          ? 
_refine.pdbx_ls_sigma_F                          0.000 
_refine.pdbx_data_cutoff_high_absF               216954.640 
_refine.pdbx_data_cutoff_low_absF                0.0000 
_refine.pdbx_data_cutoff_high_rms_absF           ? 
_refine.ls_d_res_low                             19.77 
_refine.ls_d_res_high                            2.50 
_refine.ls_percent_reflns_obs                    95.4 
_refine.ls_R_factor_obs                          0.213 
_refine.ls_R_factor_all                          ? 
_refine.ls_R_factor_R_work                       0.213 
_refine.ls_R_factor_R_free                       0.279 
_refine.ls_R_factor_R_free_error                 0.015 
_refine.ls_R_factor_R_free_error_details         ? 
_refine.ls_percent_reflns_R_free                 5.500 
_refine.ls_number_reflns_R_free                  338 
_refine.ls_number_parameters                     ? 
_refine.ls_number_restraints                     ? 
_refine.occupancy_min                            ? 
_refine.occupancy_max                            ? 
_refine.correlation_coeff_Fo_to_Fc               ? 
_refine.correlation_coeff_Fo_to_Fc_free          ? 
_refine.B_iso_mean                               23.80 
_refine.aniso_B[1][1]                            1.65000 
_refine.aniso_B[2][2]                            1.65000 
_refine.aniso_B[3][3]                            -3.30000 
_refine.aniso_B[1][2]                            4.80000 
_refine.aniso_B[1][3]                            0.00000 
_refine.aniso_B[2][3]                            0.00000 
_refine.solvent_model_details                    'FLAT MODEL' 
_refine.solvent_model_param_ksol                 0.36 
_refine.solvent_model_param_bsol                 44.96 
_refine.pdbx_solvent_vdw_probe_radii             ? 
_refine.pdbx_solvent_ion_probe_radii             ? 
_refine.pdbx_solvent_shrinkage_radii             ? 
_refine.pdbx_ls_cross_valid_method               THROUGHOUT 
_refine.details                                  ? 
_refine.pdbx_starting_model                      'PDB ENTRY 1HXW' 
_refine.pdbx_method_to_determine_struct          'MOLECULAR REPLACEMENT' 
_refine.pdbx_isotropic_thermal_model             RESTRAINED 
_refine.pdbx_stereochemistry_target_values       'ENGH & HUBER' 
_refine.pdbx_stereochem_target_val_spec_case     ? 
_refine.pdbx_R_Free_selection_details            RANDOM 
_refine.pdbx_overall_ESU_R_Free                  ? 
_refine.overall_SU_ML                            ? 
_refine.overall_SU_B                             ? 
_refine.ls_redundancy_reflns_obs                 ? 
_refine.B_iso_min                                ? 
_refine.B_iso_max                                ? 
_refine.overall_SU_R_Cruickshank_DPI             ? 
_refine.overall_SU_R_free                        ? 
_refine.ls_wR_factor_R_free                      ? 
_refine.ls_wR_factor_R_work                      ? 
_refine.overall_FOM_free_R_set                   ? 
_refine.overall_FOM_work_R_set                   ? 
_refine.pdbx_overall_phase_error                 ? 
_refine.pdbx_refine_id                           'X-RAY DIFFRACTION' 
_refine.pdbx_overall_ESU_R                       ? 
_refine.pdbx_diffrn_id                           1 
_refine.pdbx_TLS_residual_ADP_flag               ? 
_refine.pdbx_overall_SU_R_free_Cruickshank_DPI   ? 
_refine.pdbx_overall_SU_R_Blow_DPI               ? 
_refine.pdbx_overall_SU_R_free_Blow_DPI          ? 
# 
_refine_analyze.entry_id                        1SH9 
_refine_analyze.Luzzati_coordinate_error_obs    0.29 
_refine_analyze.Luzzati_sigma_a_obs             0.32 
_refine_analyze.Luzzati_d_res_low_obs           5.00 
_refine_analyze.Luzzati_coordinate_error_free   0.40 
_refine_analyze.Luzzati_sigma_a_free            0.45 
_refine_analyze.Luzzati_d_res_low_free          ? 
_refine_analyze.number_disordered_residues      ? 
_refine_analyze.occupancy_sum_hydrogen          ? 
_refine_analyze.occupancy_sum_non_hydrogen      ? 
_refine_analyze.pdbx_Luzzati_d_res_high_obs     ? 
_refine_analyze.pdbx_refine_id                  'X-RAY DIFFRACTION' 
# 
_refine_hist.pdbx_refine_id                   'X-RAY DIFFRACTION' 
_refine_hist.cycle_id                         LAST 
_refine_hist.pdbx_number_atoms_protein        1522 
_refine_hist.pdbx_number_atoms_nucleic_acid   0 
_refine_hist.pdbx_number_atoms_ligand         50 
_refine_hist.number_atoms_solvent             34 
_refine_hist.number_atoms_total               1606 
_refine_hist.d_res_high                       2.50 
_refine_hist.d_res_low                        19.77 
# 
loop_
_refine_ls_restr.type 
_refine_ls_restr.dev_ideal 
_refine_ls_restr.dev_ideal_target 
_refine_ls_restr.weight 
_refine_ls_restr.number 
_refine_ls_restr.pdbx_refine_id 
_refine_ls_restr.pdbx_restraint_function 
c_bond_d                0.006 ? ? ? 'X-RAY DIFFRACTION' ? 
c_bond_d_na             ?     ? ? ? 'X-RAY DIFFRACTION' ? 
c_bond_d_prot           ?     ? ? ? 'X-RAY DIFFRACTION' ? 
c_angle_d               ?     ? ? ? 'X-RAY DIFFRACTION' ? 
c_angle_d_na            ?     ? ? ? 'X-RAY DIFFRACTION' ? 
c_angle_d_prot          ?     ? ? ? 'X-RAY DIFFRACTION' ? 
c_angle_deg             1.30  ? ? ? 'X-RAY DIFFRACTION' ? 
c_angle_deg_na          ?     ? ? ? 'X-RAY DIFFRACTION' ? 
c_angle_deg_prot        ?     ? ? ? 'X-RAY DIFFRACTION' ? 
c_dihedral_angle_d      26.00 ? ? ? 'X-RAY DIFFRACTION' ? 
c_dihedral_angle_d_na   ?     ? ? ? 'X-RAY DIFFRACTION' ? 
c_dihedral_angle_d_prot ?     ? ? ? 'X-RAY DIFFRACTION' ? 
c_improper_angle_d      0.86  ? ? ? 'X-RAY DIFFRACTION' ? 
c_improper_angle_d_na   ?     ? ? ? 'X-RAY DIFFRACTION' ? 
c_improper_angle_d_prot ?     ? ? ? 'X-RAY DIFFRACTION' ? 
c_mcbond_it             ?     ? ? ? 'X-RAY DIFFRACTION' ? 
c_mcangle_it            ?     ? ? ? 'X-RAY DIFFRACTION' ? 
c_scbond_it             ?     ? ? ? 'X-RAY DIFFRACTION' ? 
c_scangle_it            ?     ? ? ? 'X-RAY DIFFRACTION' ? 
# 
_refine_ls_shell.pdbx_total_number_of_bins_used   6 
_refine_ls_shell.d_res_high                       2.50 
_refine_ls_shell.d_res_low                        2.66 
_refine_ls_shell.number_reflns_R_work             919 
_refine_ls_shell.R_factor_R_work                  0.262 
_refine_ls_shell.percent_reflns_obs               91.40 
_refine_ls_shell.R_factor_R_free                  0.362 
_refine_ls_shell.R_factor_R_free_error            0.053 
_refine_ls_shell.percent_reflns_R_free            4.90 
_refine_ls_shell.number_reflns_R_free             47 
_refine_ls_shell.redundancy_reflns_obs            ? 
_refine_ls_shell.number_reflns_all                ? 
_refine_ls_shell.number_reflns_obs                ? 
_refine_ls_shell.R_factor_all                     ? 
_refine_ls_shell.pdbx_refine_id                   'X-RAY DIFFRACTION' 
# 
loop_
_pdbx_xplor_file.serial_no 
_pdbx_xplor_file.param_file 
_pdbx_xplor_file.topol_file 
_pdbx_xplor_file.pdbx_refine_id 
1 PROTEIN_REP.PARAM PROTEIN.TOP   'X-RAY DIFFRACTION' 
2 WATER.PARAM       WATER.TOP     'X-RAY DIFFRACTION' 
3 RITONAVIR.PARAM   RITONAVIR.TOP 'X-RAY DIFFRACTION' 
# 
_struct.entry_id                  1SH9 
_struct.title                     'Comparing the Accumulation of Active Site and Non-active Site Mutations in the HIV-1 Protease' 
_struct.pdbx_model_details        ? 
_struct.pdbx_CASP_flag            ? 
_struct.pdbx_model_type_details   ? 
# 
_struct_keywords.entry_id        1SH9 
_struct_keywords.pdbx_keywords   'HYDROLASE/HYDROLASE INHIBITOR' 
_struct_keywords.text            
'HIV-1 protease, non-active site mutations, active site mutations, ritonavir, HYDROLASE, HYDROLASE-HYDROLASE INHIBITOR complex' 
# 
loop_
_struct_asym.id 
_struct_asym.pdbx_blank_PDB_chainid_flag 
_struct_asym.pdbx_modified 
_struct_asym.entity_id 
_struct_asym.details 
A N N 1 ? 
B N N 1 ? 
C N N 2 ? 
D N N 3 ? 
E N N 3 ? 
# 
_struct_biol.id                    1 
_struct_biol.pdbx_parent_biol_id   ? 
_struct_biol.details               ? 
# 
loop_
_struct_conf.conf_type_id 
_struct_conf.id 
_struct_conf.pdbx_PDB_helix_id 
_struct_conf.beg_label_comp_id 
_struct_conf.beg_label_asym_id 
_struct_conf.beg_label_seq_id 
_struct_conf.pdbx_beg_PDB_ins_code 
_struct_conf.end_label_comp_id 
_struct_conf.end_label_asym_id 
_struct_conf.end_label_seq_id 
_struct_conf.pdbx_end_PDB_ins_code 
_struct_conf.beg_auth_comp_id 
_struct_conf.beg_auth_asym_id 
_struct_conf.beg_auth_seq_id 
_struct_conf.end_auth_comp_id 
_struct_conf.end_auth_asym_id 
_struct_conf.end_auth_seq_id 
_struct_conf.pdbx_PDB_helix_class 
_struct_conf.details 
_struct_conf.pdbx_PDB_helix_length 
HELX_P HELX_P1 1 GLY A 86 ? THR A 91 ? GLY A 86 THR A 91 1 ? 6 
HELX_P HELX_P2 2 GLY B 86 ? THR B 91 ? GLY B 86 THR B 91 1 ? 6 
# 
_struct_conf_type.id          HELX_P 
_struct_conf_type.criteria    ? 
_struct_conf_type.reference   ? 
# 
loop_
_struct_sheet.id 
_struct_sheet.type 
_struct_sheet.number_strands 
_struct_sheet.details 
A ? 4 ? 
B ? 8 ? 
C ? 8 ? 
# 
loop_
_struct_sheet_order.sheet_id 
_struct_sheet_order.range_id_1 
_struct_sheet_order.range_id_2 
_struct_sheet_order.offset 
_struct_sheet_order.sense 
A 1 2 ? anti-parallel 
A 2 3 ? anti-parallel 
A 3 4 ? anti-parallel 
B 1 2 ? anti-parallel 
B 2 3 ? anti-parallel 
B 3 4 ? parallel      
B 4 5 ? anti-parallel 
B 5 6 ? parallel      
B 6 7 ? anti-parallel 
B 7 8 ? anti-parallel 
C 1 2 ? anti-parallel 
C 2 3 ? anti-parallel 
C 3 4 ? parallel      
C 4 5 ? anti-parallel 
C 5 6 ? parallel      
C 6 7 ? anti-parallel 
C 7 8 ? anti-parallel 
# 
loop_
_struct_sheet_range.sheet_id 
_struct_sheet_range.id 
_struct_sheet_range.beg_label_comp_id 
_struct_sheet_range.beg_label_asym_id 
_struct_sheet_range.beg_label_seq_id 
_struct_sheet_range.pdbx_beg_PDB_ins_code 
_struct_sheet_range.end_label_comp_id 
_struct_sheet_range.end_label_asym_id 
_struct_sheet_range.end_label_seq_id 
_struct_sheet_range.pdbx_end_PDB_ins_code 
_struct_sheet_range.beg_auth_comp_id 
_struct_sheet_range.beg_auth_asym_id 
_struct_sheet_range.beg_auth_seq_id 
_struct_sheet_range.end_auth_comp_id 
_struct_sheet_range.end_auth_asym_id 
_struct_sheet_range.end_auth_seq_id 
A 1 GLN A 2  ? THR A 4  ? GLN A 2  THR A 4  
A 2 THR B 96 ? ASN B 98 ? THR B 96 ASN B 98 
A 3 THR A 96 ? ASN A 98 ? THR A 96 ASN A 98 
A 4 GLN B 2  ? ILE B 3  ? GLN B 2  ILE B 3  
B 1 LYS A 43 ? GLY A 48 ? LYS A 43 GLY A 48 
B 2 PHE A 53 ? ILE A 66 ? PHE A 53 ILE A 66 
B 3 HIS A 69 ? VAL A 77 ? HIS A 69 VAL A 77 
B 4 THR A 31 ? PHE A 33 ? THR A 31 PHE A 33 
B 5 VAL A 84 ? ILE A 85 ? VAL A 84 ILE A 85 
B 6 GLN A 18 ? LEU A 24 ? GLN A 18 LEU A 24 
B 7 LEU A 10 ? ILE A 15 ? LEU A 10 ILE A 15 
B 8 PHE A 53 ? ILE A 66 ? PHE A 53 ILE A 66 
C 1 LYS B 43 ? GLY B 48 ? LYS B 43 GLY B 48 
C 2 PHE B 53 ? ILE B 66 ? PHE B 53 ILE B 66 
C 3 HIS B 69 ? VAL B 77 ? HIS B 69 VAL B 77 
C 4 ILE B 32 ? PHE B 33 ? ILE B 32 PHE B 33 
C 5 VAL B 84 ? ILE B 85 ? VAL B 84 ILE B 85 
C 6 GLN B 18 ? LEU B 24 ? GLN B 18 LEU B 24 
C 7 LEU B 10 ? ILE B 15 ? LEU B 10 ILE B 15 
C 8 PHE B 53 ? ILE B 66 ? PHE B 53 ILE B 66 
# 
loop_
_pdbx_struct_sheet_hbond.sheet_id 
_pdbx_struct_sheet_hbond.range_id_1 
_pdbx_struct_sheet_hbond.range_id_2 
_pdbx_struct_sheet_hbond.range_1_label_atom_id 
_pdbx_struct_sheet_hbond.range_1_label_comp_id 
_pdbx_struct_sheet_hbond.range_1_label_asym_id 
_pdbx_struct_sheet_hbond.range_1_label_seq_id 
_pdbx_struct_sheet_hbond.range_1_PDB_ins_code 
_pdbx_struct_sheet_hbond.range_1_auth_atom_id 
_pdbx_struct_sheet_hbond.range_1_auth_comp_id 
_pdbx_struct_sheet_hbond.range_1_auth_asym_id 
_pdbx_struct_sheet_hbond.range_1_auth_seq_id 
_pdbx_struct_sheet_hbond.range_2_label_atom_id 
_pdbx_struct_sheet_hbond.range_2_label_comp_id 
_pdbx_struct_sheet_hbond.range_2_label_asym_id 
_pdbx_struct_sheet_hbond.range_2_label_seq_id 
_pdbx_struct_sheet_hbond.range_2_PDB_ins_code 
_pdbx_struct_sheet_hbond.range_2_auth_atom_id 
_pdbx_struct_sheet_hbond.range_2_auth_comp_id 
_pdbx_struct_sheet_hbond.range_2_auth_asym_id 
_pdbx_struct_sheet_hbond.range_2_auth_seq_id 
A 1 2 N ILE A 3  ? N ILE A 3  O LEU B 97 ? O LEU B 97 
A 2 3 O ASN B 98 ? O ASN B 98 N THR A 96 ? N THR A 96 
A 3 4 N LEU A 97 ? N LEU A 97 O ILE B 3  ? O ILE B 3  
B 1 2 N LYS A 45 ? N LYS A 45 O VAL A 56 ? O VAL A 56 
B 2 3 N ILE A 64 ? N ILE A 64 O VAL A 71 ? O VAL A 71 
B 3 4 O LEU A 76 ? O LEU A 76 N THR A 31 ? N THR A 31 
B 4 5 N ILE A 32 ? N ILE A 32 O VAL A 84 ? O VAL A 84 
B 5 6 O ILE A 85 ? O ILE A 85 N LEU A 23 ? N LEU A 23 
B 6 7 O ARG A 20 ? O ARG A 20 N ILE A 13 ? N ILE A 13 
B 7 8 N LYS A 14 ? N LYS A 14 O GLU A 65 ? O GLU A 65 
C 1 2 N LYS B 45 ? N LYS B 45 O VAL B 56 ? O VAL B 56 
C 2 3 N ILE B 64 ? N ILE B 64 O VAL B 71 ? O VAL B 71 
C 3 4 O LEU B 76 ? O LEU B 76 N PHE B 33 ? N PHE B 33 
C 4 5 N ILE B 32 ? N ILE B 32 O VAL B 84 ? O VAL B 84 
C 5 6 O ILE B 85 ? O ILE B 85 N LEU B 23 ? N LEU B 23 
C 6 7 O ARG B 20 ? O ARG B 20 N ILE B 13 ? N ILE B 13 
C 7 8 N LYS B 14 ? N LYS B 14 O GLU B 65 ? O GLU B 65 
# 
_struct_site.id                   AC1 
_struct_site.pdbx_evidence_code   Software 
_struct_site.pdbx_auth_asym_id    B 
_struct_site.pdbx_auth_comp_id    RIT 
_struct_site.pdbx_auth_seq_id     301 
_struct_site.pdbx_auth_ins_code   ? 
_struct_site.pdbx_num_residues    21 
_struct_site.details              'BINDING SITE FOR RESIDUE RIT B 301' 
# 
loop_
_struct_site_gen.id 
_struct_site_gen.site_id 
_struct_site_gen.pdbx_num_res 
_struct_site_gen.label_comp_id 
_struct_site_gen.label_asym_id 
_struct_site_gen.label_seq_id 
_struct_site_gen.pdbx_auth_ins_code 
_struct_site_gen.auth_comp_id 
_struct_site_gen.auth_asym_id 
_struct_site_gen.auth_seq_id 
_struct_site_gen.label_atom_id 
_struct_site_gen.label_alt_id 
_struct_site_gen.symmetry 
_struct_site_gen.details 
1  AC1 21 ARG A 8  ? ARG A 8   . ? 6_555 ? 
2  AC1 21 ASP A 25 ? ASP A 25  . ? 1_555 ? 
3  AC1 21 GLY A 27 ? GLY A 27  . ? 1_555 ? 
4  AC1 21 ALA A 28 ? ALA A 28  . ? 1_555 ? 
5  AC1 21 ASP A 29 ? ASP A 29  . ? 1_555 ? 
6  AC1 21 ILE A 32 ? ILE A 32  . ? 1_555 ? 
7  AC1 21 GLY A 48 ? GLY A 48  . ? 1_555 ? 
8  AC1 21 GLY A 49 ? GLY A 49  . ? 1_555 ? 
9  AC1 21 ILE A 50 ? ILE A 50  . ? 1_555 ? 
10 AC1 21 PRO A 81 ? PRO A 81  . ? 1_555 ? 
11 AC1 21 ARG B 8  ? ARG B 8   . ? 1_555 ? 
12 AC1 21 ASP B 25 ? ASP B 25  . ? 1_555 ? 
13 AC1 21 GLY B 27 ? GLY B 27  . ? 1_555 ? 
14 AC1 21 ASP B 30 ? ASP B 30  . ? 1_555 ? 
15 AC1 21 ILE B 47 ? ILE B 47  . ? 1_555 ? 
16 AC1 21 GLY B 48 ? GLY B 48  . ? 1_555 ? 
17 AC1 21 GLY B 49 ? GLY B 49  . ? 1_555 ? 
18 AC1 21 ILE B 50 ? ILE B 50  . ? 1_555 ? 
19 AC1 21 PRO B 81 ? PRO B 81  . ? 1_555 ? 
20 AC1 21 HOH E .  ? HOH B 315 . ? 1_555 ? 
21 AC1 21 HOH E .  ? HOH B 316 . ? 1_555 ? 
# 
_atom_sites.entry_id                    1SH9 
_atom_sites.fract_transf_matrix[1][1]   0.00408464 
_atom_sites.fract_transf_matrix[1][2]   0.01058950 
_atom_sites.fract_transf_matrix[1][3]   0.01472081 
_atom_sites.fract_transf_matrix[2][1]   0.01706849 
_atom_sites.fract_transf_matrix[2][2]   -0.00048036 
_atom_sites.fract_transf_matrix[2][3]   0.00734505 
_atom_sites.fract_transf_matrix[3][1]   0.00334468 
_atom_sites.fract_transf_matrix[3][2]   0.00872161 
_atom_sites.fract_transf_matrix[3][3]   -0.00720200 
_atom_sites.fract_transf_vector[1]      0.378862 
_atom_sites.fract_transf_vector[2]      0.000551 
_atom_sites.fract_transf_vector[3]      0.128097 
# 
loop_
_atom_type.symbol 
C 
N 
O 
S 
# 
loop_
_atom_site.group_PDB 
_atom_site.id 
_atom_site.type_symbol 
_atom_site.label_atom_id 
_atom_site.label_alt_id 
_atom_site.label_comp_id 
_atom_site.label_asym_id 
_atom_site.label_entity_id 
_atom_site.label_seq_id 
_atom_site.pdbx_PDB_ins_code 
_atom_site.Cartn_x 
_atom_site.Cartn_y 
_atom_site.Cartn_z 
_atom_site.occupancy 
_atom_site.B_iso_or_equiv 
_atom_site.pdbx_formal_charge 
_atom_site.auth_seq_id 
_atom_site.auth_comp_id 
_atom_site.auth_asym_id 
_atom_site.auth_atom_id 
_atom_site.pdbx_PDB_model_num 
ATOM   1    N N   . PRO A 1 1  ? -11.114 14.241  6.424   1.00 33.64 ? 1   PRO A N   1 
ATOM   2    C CA  . PRO A 1 1  ? -11.590 12.869  6.660   1.00 31.98 ? 1   PRO A CA  1 
ATOM   3    C C   . PRO A 1 1  ? -10.752 12.016  7.578   1.00 31.68 ? 1   PRO A C   1 
ATOM   4    O O   . PRO A 1 1  ? -9.520  12.017  7.498   1.00 32.34 ? 1   PRO A O   1 
ATOM   5    C CB  . PRO A 1 1  ? -11.771 12.401  5.247   1.00 32.43 ? 1   PRO A CB  1 
ATOM   6    C CG  . PRO A 1 1  ? -12.284 13.642  4.555   1.00 33.24 ? 1   PRO A CG  1 
ATOM   7    C CD  . PRO A 1 1  ? -11.863 14.848  5.344   1.00 33.84 ? 1   PRO A CD  1 
ATOM   8    N N   . GLN A 1 2  ? -11.397 11.279  8.474   1.00 30.75 ? 2   GLN A N   1 
ATOM   9    C CA  . GLN A 1 2  ? -10.643 10.341  9.266   1.00 30.05 ? 2   GLN A CA  1 
ATOM   10   C C   . GLN A 1 2  ? -11.136 8.997   8.828   1.00 30.35 ? 2   GLN A C   1 
ATOM   11   O O   . GLN A 1 2  ? -12.324 8.713   8.951   1.00 33.21 ? 2   GLN A O   1 
ATOM   12   C CB  . GLN A 1 2  ? -10.813 10.480  10.798  1.00 29.29 ? 2   GLN A CB  1 
ATOM   13   C CG  . GLN A 1 2  ? -10.032 9.435   11.588  1.00 30.48 ? 2   GLN A CG  1 
ATOM   14   C CD  . GLN A 1 2  ? -9.993  9.610   13.107  1.00 31.56 ? 2   GLN A CD  1 
ATOM   15   O OE1 . GLN A 1 2  ? -10.974 9.343   13.801  1.00 31.26 ? 2   GLN A OE1 1 
ATOM   16   N NE2 . GLN A 1 2  ? -8.901  10.078  13.650  1.00 32.12 ? 2   GLN A NE2 1 
ATOM   17   N N   . ILE A 1 3  ? -10.259 8.139   8.316   1.00 27.43 ? 3   ILE A N   1 
ATOM   18   C CA  . ILE A 1 3  ? -10.771 6.853   7.952   1.00 24.76 ? 3   ILE A CA  1 
ATOM   19   C C   . ILE A 1 3  ? -10.019 5.788   8.721   1.00 21.76 ? 3   ILE A C   1 
ATOM   20   O O   . ILE A 1 3  ? -8.788  5.798   8.781   1.00 18.86 ? 3   ILE A O   1 
ATOM   21   C CB  . ILE A 1 3  ? -10.705 6.593   6.449   1.00 26.81 ? 3   ILE A CB  1 
ATOM   22   C CG1 . ILE A 1 3  ? -9.252  6.553   5.985   1.00 27.86 ? 3   ILE A CG1 1 
ATOM   23   C CG2 . ILE A 1 3  ? -11.499 7.649   5.692   1.00 26.75 ? 3   ILE A CG2 1 
ATOM   24   C CD1 . ILE A 1 3  ? -9.093  6.158   4.533   1.00 28.45 ? 3   ILE A CD1 1 
ATOM   25   N N   . THR A 1 4  ? -10.775 4.866   9.313   1.00 19.43 ? 4   THR A N   1 
ATOM   26   C CA  . THR A 1 4  ? -10.210 3.744   10.043  1.00 18.43 ? 4   THR A CA  1 
ATOM   27   C C   . THR A 1 4  ? -9.863  2.705   8.985   1.00 17.49 ? 4   THR A C   1 
ATOM   28   O O   . THR A 1 4  ? -10.213 2.872   7.818   1.00 16.75 ? 4   THR A O   1 
ATOM   29   C CB  . THR A 1 4  ? -11.226 3.160   11.045  1.00 18.93 ? 4   THR A CB  1 
ATOM   30   O OG1 . THR A 1 4  ? -12.391 2.712   10.345  1.00 20.33 ? 4   THR A OG1 1 
ATOM   31   C CG2 . THR A 1 4  ? -11.637 4.217   12.058  1.00 19.44 ? 4   THR A CG2 1 
ATOM   32   N N   . LEU A 1 5  ? -9.195  1.627   9.377   1.00 16.63 ? 5   LEU A N   1 
ATOM   33   C CA  . LEU A 1 5  ? -8.793  0.637   8.392   1.00 16.32 ? 5   LEU A CA  1 
ATOM   34   C C   . LEU A 1 5  ? -9.453  -0.733  8.446   1.00 15.77 ? 5   LEU A C   1 
ATOM   35   O O   . LEU A 1 5  ? -8.883  -1.718  7.969   1.00 13.77 ? 5   LEU A O   1 
ATOM   36   C CB  . LEU A 1 5  ? -7.270  0.486   8.428   1.00 17.31 ? 5   LEU A CB  1 
ATOM   37   C CG  . LEU A 1 5  ? -6.522  1.775   8.077   1.00 18.55 ? 5   LEU A CG  1 
ATOM   38   C CD1 . LEU A 1 5  ? -5.021  1.561   8.197   1.00 18.63 ? 5   LEU A CD1 1 
ATOM   39   C CD2 . LEU A 1 5  ? -6.895  2.203   6.662   1.00 17.87 ? 5   LEU A CD2 1 
ATOM   40   N N   . TRP A 1 6  ? -10.657 -0.801  9.004   1.00 15.22 ? 6   TRP A N   1 
ATOM   41   C CA  . TRP A 1 6  ? -11.372 -2.070  9.074   1.00 15.52 ? 6   TRP A CA  1 
ATOM   42   C C   . TRP A 1 6  ? -11.902 -2.441  7.698   1.00 15.97 ? 6   TRP A C   1 
ATOM   43   O O   . TRP A 1 6  ? -12.337 -3.566  7.464   1.00 16.70 ? 6   TRP A O   1 
ATOM   44   C CB  . TRP A 1 6  ? -12.514 -1.981  10.083  1.00 16.52 ? 6   TRP A CB  1 
ATOM   45   C CG  . TRP A 1 6  ? -12.003 -1.775  11.462  1.00 16.11 ? 6   TRP A CG  1 
ATOM   46   C CD1 . TRP A 1 6  ? -11.743 -0.583  12.072  1.00 14.48 ? 6   TRP A CD1 1 
ATOM   47   C CD2 . TRP A 1 6  ? -11.589 -2.794  12.375  1.00 13.90 ? 6   TRP A CD2 1 
ATOM   48   N NE1 . TRP A 1 6  ? -11.188 -0.796  13.310  1.00 15.01 ? 6   TRP A NE1 1 
ATOM   49   C CE2 . TRP A 1 6  ? -11.082 -2.145  13.522  1.00 14.05 ? 6   TRP A CE2 1 
ATOM   50   C CE3 . TRP A 1 6  ? -11.594 -4.193  12.335  1.00 13.04 ? 6   TRP A CE3 1 
ATOM   51   C CZ2 . TRP A 1 6  ? -10.581 -2.849  14.622  1.00 13.36 ? 6   TRP A CZ2 1 
ATOM   52   C CZ3 . TRP A 1 6  ? -11.093 -4.895  13.430  1.00 14.33 ? 6   TRP A CZ3 1 
ATOM   53   C CH2 . TRP A 1 6  ? -10.595 -4.218  14.557  1.00 13.97 ? 6   TRP A CH2 1 
ATOM   54   N N   . GLN A 1 7  ? -11.857 -1.470  6.793   1.00 17.48 ? 7   GLN A N   1 
ATOM   55   C CA  . GLN A 1 7  ? -12.288 -1.650  5.416   1.00 17.98 ? 7   GLN A CA  1 
ATOM   56   C C   . GLN A 1 7  ? -11.201 -1.029  4.556   1.00 17.28 ? 7   GLN A C   1 
ATOM   57   O O   . GLN A 1 7  ? -10.467 -0.157  5.021   1.00 15.93 ? 7   GLN A O   1 
ATOM   58   C CB  . GLN A 1 7  ? -13.608 -0.921  5.162   1.00 20.84 ? 7   GLN A CB  1 
ATOM   59   C CG  . GLN A 1 7  ? -14.776 -1.421  5.990   1.00 26.23 ? 7   GLN A CG  1 
ATOM   60   C CD  . GLN A 1 7  ? -16.061 -0.662  5.700   1.00 28.42 ? 7   GLN A CD  1 
ATOM   61   O OE1 . GLN A 1 7  ? -16.123 0.559   5.849   1.00 30.17 ? 7   GLN A OE1 1 
ATOM   62   N NE2 . GLN A 1 7  ? -17.095 -1.386  5.283   1.00 30.07 ? 7   GLN A NE2 1 
ATOM   63   N N   . ARG A 1 8  ? -11.087 -1.485  3.312   1.00 17.89 ? 8   ARG A N   1 
ATOM   64   C CA  . ARG A 1 8  ? -10.092 -0.939  2.395   1.00 18.61 ? 8   ARG A CA  1 
ATOM   65   C C   . ARG A 1 8  ? -10.401 0.538   2.212   1.00 17.30 ? 8   ARG A C   1 
ATOM   66   O O   . ARG A 1 8  ? -11.547 0.910   1.985   1.00 17.73 ? 8   ARG A O   1 
ATOM   67   C CB  . ARG A 1 8  ? -10.159 -1.659  1.047   1.00 22.25 ? 8   ARG A CB  1 
ATOM   68   C CG  . ARG A 1 8  ? -9.771  -3.127  1.127   1.00 27.18 ? 8   ARG A CG  1 
ATOM   69   C CD  . ARG A 1 8  ? -10.111 -3.877  -0.146  1.00 30.30 ? 8   ARG A CD  1 
ATOM   70   N NE  . ARG A 1 8  ? -9.859  -5.308  0.001   1.00 34.48 ? 8   ARG A NE  1 
ATOM   71   C CZ  . ARG A 1 8  ? -10.242 -6.232  -0.875  1.00 34.18 ? 8   ARG A CZ  1 
ATOM   72   N NH1 . ARG A 1 8  ? -10.901 -5.883  -1.974  1.00 34.00 ? 8   ARG A NH1 1 
ATOM   73   N NH2 . ARG A 1 8  ? -9.969  -7.508  -0.650  1.00 35.58 ? 8   ARG A NH2 1 
ATOM   74   N N   . PRO A 1 9  ? -9.382  1.403   2.320   1.00 16.75 ? 9   PRO A N   1 
ATOM   75   C CA  . PRO A 1 9  ? -9.576  2.847   2.166   1.00 17.05 ? 9   PRO A CA  1 
ATOM   76   C C   . PRO A 1 9  ? -9.824  3.290   0.725   1.00 17.08 ? 9   PRO A C   1 
ATOM   77   O O   . PRO A 1 9  ? -8.907  3.732   0.031   1.00 17.19 ? 9   PRO A O   1 
ATOM   78   C CB  . PRO A 1 9  ? -8.290  3.420   2.745   1.00 17.71 ? 9   PRO A CB  1 
ATOM   79   C CG  . PRO A 1 9  ? -7.280  2.391   2.358   1.00 17.31 ? 9   PRO A CG  1 
ATOM   80   C CD  . PRO A 1 9  ? -7.985  1.093   2.670   1.00 16.17 ? 9   PRO A CD  1 
ATOM   81   N N   . LEU A 1 10 ? -11.074 3.171   0.288   1.00 19.06 ? 10  LEU A N   1 
ATOM   82   C CA  . LEU A 1 10 ? -11.467 3.549   -1.069  1.00 20.45 ? 10  LEU A CA  1 
ATOM   83   C C   . LEU A 1 10 ? -12.039 4.952   -1.146  1.00 19.75 ? 10  LEU A C   1 
ATOM   84   O O   . LEU A 1 10 ? -12.746 5.392   -0.243  1.00 22.18 ? 10  LEU A O   1 
ATOM   85   C CB  . LEU A 1 10 ? -12.511 2.573   -1.611  1.00 19.22 ? 10  LEU A CB  1 
ATOM   86   C CG  . LEU A 1 10 ? -12.020 1.178   -1.984  1.00 21.17 ? 10  LEU A CG  1 
ATOM   87   C CD1 . LEU A 1 10 ? -13.205 0.322   -2.385  1.00 22.33 ? 10  LEU A CD1 1 
ATOM   88   C CD2 . LEU A 1 10 ? -11.011 1.276   -3.122  1.00 19.11 ? 10  LEU A CD2 1 
ATOM   89   N N   . VAL A 1 11 ? -11.732 5.650   -2.233  1.00 17.81 ? 11  VAL A N   1 
ATOM   90   C CA  . VAL A 1 11 ? -12.241 6.998   -2.444  1.00 17.50 ? 11  VAL A CA  1 
ATOM   91   C C   . VAL A 1 11 ? -12.671 7.139   -3.891  1.00 17.85 ? 11  VAL A C   1 
ATOM   92   O O   . VAL A 1 11 ? -12.127 6.475   -4.770  1.00 18.29 ? 11  VAL A O   1 
ATOM   93   C CB  . VAL A 1 11 ? -11.181 8.076   -2.112  1.00 16.84 ? 11  VAL A CB  1 
ATOM   94   C CG1 . VAL A 1 11 ? -10.890 8.062   -0.618  1.00 17.79 ? 11  VAL A CG1 1 
ATOM   95   C CG2 . VAL A 1 11 ? -9.908  7.834   -2.906  1.00 15.89 ? 11  VAL A CG2 1 
ATOM   96   N N   . THR A 1 12 ? -13.655 7.996   -4.139  1.00 17.55 ? 12  THR A N   1 
ATOM   97   C CA  . THR A 1 12 ? -14.143 8.192   -5.494  1.00 18.71 ? 12  THR A CA  1 
ATOM   98   C C   . THR A 1 12 ? -13.320 9.252   -6.214  1.00 17.98 ? 12  THR A C   1 
ATOM   99   O O   . THR A 1 12 ? -12.988 10.294  -5.653  1.00 16.24 ? 12  THR A O   1 
ATOM   100  C CB  . THR A 1 12 ? -15.630 8.573   -5.498  1.00 20.97 ? 12  THR A CB  1 
ATOM   101  O OG1 . THR A 1 12 ? -16.366 7.609   -4.732  1.00 21.28 ? 12  THR A OG1 1 
ATOM   102  C CG2 . THR A 1 12 ? -16.170 8.569   -6.922  1.00 23.16 ? 12  THR A CG2 1 
ATOM   103  N N   . ILE A 1 13 ? -13.007 8.979   -7.474  1.00 20.49 ? 13  ILE A N   1 
ATOM   104  C CA  . ILE A 1 13 ? -12.171 9.868   -8.271  1.00 21.68 ? 13  ILE A CA  1 
ATOM   105  C C   . ILE A 1 13 ? -12.741 10.258  -9.633  1.00 20.67 ? 13  ILE A C   1 
ATOM   106  O O   . ILE A 1 13 ? -13.361 9.447   -10.313 1.00 19.40 ? 13  ILE A O   1 
ATOM   107  C CB  . ILE A 1 13 ? -10.793 9.201   -8.527  1.00 22.48 ? 13  ILE A CB  1 
ATOM   108  C CG1 . ILE A 1 13 ? -10.134 8.834   -7.199  1.00 23.67 ? 13  ILE A CG1 1 
ATOM   109  C CG2 . ILE A 1 13 ? -9.901  10.115  -9.342  1.00 24.62 ? 13  ILE A CG2 1 
ATOM   110  C CD1 . ILE A 1 13 ? -9.939  10.007  -6.272  1.00 24.96 ? 13  ILE A CD1 1 
ATOM   111  N N   . LYS A 1 14 ? -12.529 11.513  -10.015 1.00 20.83 ? 14  LYS A N   1 
ATOM   112  C CA  . LYS A 1 14 ? -12.915 11.977  -11.318 1.00 22.67 ? 14  LYS A CA  1 
ATOM   113  C C   . LYS A 1 14 ? -11.619 12.291  -12.023 1.00 22.57 ? 14  LYS A C   1 
ATOM   114  O O   . LYS A 1 14 ? -10.898 13.209  -11.644 1.00 20.70 ? 14  LYS A O   1 
ATOM   115  C CB  . LYS A 1 14 ? -13.818 13.209  -11.286 1.00 24.28 ? 14  LYS A CB  1 
ATOM   116  C CG  . LYS A 1 14 ? -14.221 13.716  -12.662 1.00 28.14 ? 14  LYS A CG  1 
ATOM   117  C CD  . LYS A 1 14 ? -15.438 14.603  -12.609 1.00 32.32 ? 14  LYS A CD  1 
ATOM   118  C CE  . LYS A 1 14 ? -15.056 15.999  -12.133 1.00 36.08 ? 14  LYS A CE  1 
ATOM   119  N NZ  . LYS A 1 14 ? -14.808 16.042  -10.666 1.00 41.30 ? 14  LYS A NZ  1 
ATOM   120  N N   . ILE A 1 15 ? -11.318 11.518  -13.057 1.00 21.71 ? 15  ILE A N   1 
ATOM   121  C CA  . ILE A 1 15 ? -10.077 11.664  -13.790 1.00 21.24 ? 15  ILE A CA  1 
ATOM   122  C C   . ILE A 1 15 ? -10.354 11.637  -15.289 1.00 21.37 ? 15  ILE A C   1 
ATOM   123  O O   . ILE A 1 15 ? -10.900 10.671  -15.815 1.00 23.44 ? 15  ILE A O   1 
ATOM   124  C CB  . ILE A 1 15 ? -9.101  10.517  -13.398 1.00 21.91 ? 15  ILE A CB  1 
ATOM   125  C CG1 . ILE A 1 15 ? -7.844  10.551  -14.267 1.00 22.38 ? 15  ILE A CG1 1 
ATOM   126  C CG2 . ILE A 1 15 ? -9.801  9.178   -13.519 1.00 20.20 ? 15  ILE A CG2 1 
ATOM   127  C CD1 . ILE A 1 15 ? -6.919  11.690  -13.953 1.00 23.24 ? 15  ILE A CD1 1 
ATOM   128  N N   . GLY A 1 16 ? -9.980  12.714  -15.973 1.00 21.89 ? 16  GLY A N   1 
ATOM   129  C CA  . GLY A 1 16 ? -10.196 12.788  -17.404 1.00 21.44 ? 16  GLY A CA  1 
ATOM   130  C C   . GLY A 1 16 ? -11.662 12.657  -17.769 1.00 21.53 ? 16  GLY A C   1 
ATOM   131  O O   . GLY A 1 16 ? -12.002 12.085  -18.803 1.00 23.34 ? 16  GLY A O   1 
ATOM   132  N N   . GLY A 1 17 ? -12.527 13.190  -16.911 1.00 20.00 ? 17  GLY A N   1 
ATOM   133  C CA  . GLY A 1 17 ? -13.953 13.122  -17.158 1.00 17.54 ? 17  GLY A CA  1 
ATOM   134  C C   . GLY A 1 17 ? -14.538 11.765  -16.821 1.00 17.92 ? 17  GLY A C   1 
ATOM   135  O O   . GLY A 1 17 ? -15.740 11.544  -16.972 1.00 21.09 ? 17  GLY A O   1 
ATOM   136  N N   . GLN A 1 18 ? -13.695 10.850  -16.360 1.00 15.42 ? 18  GLN A N   1 
ATOM   137  C CA  . GLN A 1 18 ? -14.156 9.511   -16.017 1.00 13.60 ? 18  GLN A CA  1 
ATOM   138  C C   . GLN A 1 18 ? -14.208 9.343   -14.504 1.00 13.30 ? 18  GLN A C   1 
ATOM   139  O O   . GLN A 1 18 ? -13.411 9.934   -13.780 1.00 12.98 ? 18  GLN A O   1 
ATOM   140  C CB  . GLN A 1 18 ? -13.220 8.475   -16.640 1.00 13.08 ? 18  GLN A CB  1 
ATOM   141  C CG  . GLN A 1 18 ? -13.081 8.627   -18.149 1.00 12.29 ? 18  GLN A CG  1 
ATOM   142  C CD  . GLN A 1 18 ? -11.781 8.068   -18.679 1.00 11.35 ? 18  GLN A CD  1 
ATOM   143  O OE1 . GLN A 1 18 ? -11.600 6.859   -18.767 1.00 11.88 ? 18  GLN A OE1 1 
ATOM   144  N NE2 . GLN A 1 18 ? -10.859 8.954   -19.023 1.00 15.14 ? 18  GLN A NE2 1 
ATOM   145  N N   . LEU A 1 19 ? -15.160 8.547   -14.028 1.00 11.83 ? 19  LEU A N   1 
ATOM   146  C CA  . LEU A 1 19 ? -15.296 8.317   -12.599 1.00 11.97 ? 19  LEU A CA  1 
ATOM   147  C C   . LEU A 1 19 ? -14.739 6.958   -12.218 1.00 12.18 ? 19  LEU A C   1 
ATOM   148  O O   . LEU A 1 19 ? -15.048 5.950   -12.845 1.00 11.77 ? 19  LEU A O   1 
ATOM   149  C CB  . LEU A 1 19 ? -16.762 8.415   -12.182 1.00 12.42 ? 19  LEU A CB  1 
ATOM   150  C CG  . LEU A 1 19 ? -17.456 9.712   -12.605 1.00 11.49 ? 19  LEU A CG  1 
ATOM   151  C CD1 . LEU A 1 19 ? -18.830 9.784   -11.954 1.00 10.36 ? 19  LEU A CD1 1 
ATOM   152  C CD2 . LEU A 1 19 ? -16.603 10.912  -12.202 1.00 9.65  ? 19  LEU A CD2 1 
ATOM   153  N N   . ARG A 1 20 ? -13.916 6.940   -11.177 1.00 13.31 ? 20  ARG A N   1 
ATOM   154  C CA  . ARG A 1 20 ? -13.302 5.709   -10.713 1.00 15.27 ? 20  ARG A CA  1 
ATOM   155  C C   . ARG A 1 20 ? -13.261 5.626   -9.201  1.00 15.21 ? 20  ARG A C   1 
ATOM   156  O O   . ARG A 1 20 ? -13.519 6.598   -8.501  1.00 17.14 ? 20  ARG A O   1 
ATOM   157  C CB  . ARG A 1 20 ? -11.870 5.605   -11.247 1.00 18.16 ? 20  ARG A CB  1 
ATOM   158  C CG  . ARG A 1 20 ? -11.669 4.575   -12.344 1.00 21.04 ? 20  ARG A CG  1 
ATOM   159  C CD  . ARG A 1 20 ? -12.473 4.915   -13.577 1.00 21.82 ? 20  ARG A CD  1 
ATOM   160  N NE  . ARG A 1 20 ? -12.273 3.939   -14.640 1.00 22.94 ? 20  ARG A NE  1 
ATOM   161  C CZ  . ARG A 1 20 ? -12.870 4.000   -15.825 1.00 24.06 ? 20  ARG A CZ  1 
ATOM   162  N NH1 . ARG A 1 20 ? -12.629 3.072   -16.738 1.00 24.87 ? 20  ARG A NH1 1 
ATOM   163  N NH2 . ARG A 1 20 ? -13.715 4.986   -16.093 1.00 22.60 ? 20  ARG A NH2 1 
ATOM   164  N N   . GLU A 1 21 ? -12.937 4.443   -8.705  1.00 16.02 ? 21  GLU A N   1 
ATOM   165  C CA  . GLU A 1 21 ? -12.806 4.225   -7.278  1.00 17.36 ? 21  GLU A CA  1 
ATOM   166  C C   . GLU A 1 21 ? -11.349 3.810   -7.096  1.00 16.59 ? 21  GLU A C   1 
ATOM   167  O O   . GLU A 1 21 ? -10.828 2.988   -7.851  1.00 15.76 ? 21  GLU A O   1 
ATOM   168  C CB  . GLU A 1 21 ? -13.762 3.126   -6.817  1.00 19.01 ? 21  GLU A CB  1 
ATOM   169  C CG  . GLU A 1 21 ? -13.968 3.070   -5.313  1.00 25.07 ? 21  GLU A CG  1 
ATOM   170  C CD  . GLU A 1 21 ? -15.382 2.658   -4.934  1.00 27.96 ? 21  GLU A CD  1 
ATOM   171  O OE1 . GLU A 1 21 ? -16.325 3.416   -5.240  1.00 30.00 ? 21  GLU A OE1 1 
ATOM   172  O OE2 . GLU A 1 21 ? -15.553 1.577   -4.332  1.00 30.03 ? 21  GLU A OE2 1 
ATOM   173  N N   . ALA A 1 22 ? -10.675 4.406   -6.123  1.00 15.86 ? 22  ALA A N   1 
ATOM   174  C CA  . ALA A 1 22 ? -9.277  4.086   -5.893  1.00 14.47 ? 22  ALA A CA  1 
ATOM   175  C C   . ALA A 1 22 ? -8.979  3.857   -4.424  1.00 14.61 ? 22  ALA A C   1 
ATOM   176  O O   . ALA A 1 22 ? -9.704  4.314   -3.537  1.00 14.58 ? 22  ALA A O   1 
ATOM   177  C CB  . ALA A 1 22 ? -8.386  5.191   -6.445  1.00 11.52 ? 22  ALA A CB  1 
ATOM   178  N N   . LEU A 1 23 ? -7.892  3.141   -4.183  1.00 14.67 ? 23  LEU A N   1 
ATOM   179  C CA  . LEU A 1 23 ? -7.459  2.804   -2.841  1.00 15.59 ? 23  LEU A CA  1 
ATOM   180  C C   . LEU A 1 23 ? -6.366  3.774   -2.395  1.00 14.28 ? 23  LEU A C   1 
ATOM   181  O O   . LEU A 1 23 ? -5.379  3.967   -3.107  1.00 14.59 ? 23  LEU A O   1 
ATOM   182  C CB  . LEU A 1 23 ? -6.917  1.373   -2.861  1.00 18.37 ? 23  LEU A CB  1 
ATOM   183  C CG  . LEU A 1 23 ? -6.958  0.463   -1.638  1.00 18.78 ? 23  LEU A CG  1 
ATOM   184  C CD1 . LEU A 1 23 ? -8.388  0.260   -1.184  1.00 19.90 ? 23  LEU A CD1 1 
ATOM   185  C CD2 . LEU A 1 23 ? -6.340  -0.873  -2.015  1.00 20.22 ? 23  LEU A CD2 1 
ATOM   186  N N   . LEU A 1 24 ? -6.561  4.385   -1.223  1.00 13.21 ? 24  LEU A N   1 
ATOM   187  C CA  . LEU A 1 24 ? -5.543  5.265   -0.684  1.00 13.10 ? 24  LEU A CA  1 
ATOM   188  C C   . LEU A 1 24 ? -4.427  4.350   -0.220  1.00 12.59 ? 24  LEU A C   1 
ATOM   189  O O   . LEU A 1 24 ? -4.568  3.654   0.770   1.00 14.30 ? 24  LEU A O   1 
ATOM   190  C CB  . LEU A 1 24 ? -6.077  6.164   0.419   1.00 12.90 ? 24  LEU A CB  1 
ATOM   191  C CG  . LEU A 1 24 ? -7.143  7.169   -0.039  1.00 14.33 ? 24  LEU A CG  1 
ATOM   192  C CD1 . LEU A 1 24 ? -7.713  7.926   1.151   1.00 14.37 ? 24  LEU A CD1 1 
ATOM   193  C CD2 . LEU A 1 24 ? -6.579  8.135   -1.065  1.00 13.70 ? 24  LEU A CD2 1 
ATOM   194  N N   . ASP A 1 25 ? -3.325  4.353   -0.924  1.00 12.77 ? 25  ASP A N   1 
ATOM   195  C CA  . ASP A 1 25 ? -2.243  3.432   -0.627  1.00 12.28 ? 25  ASP A CA  1 
ATOM   196  C C   . ASP A 1 25 ? -0.923  4.081   -0.211  1.00 12.78 ? 25  ASP A C   1 
ATOM   197  O O   . ASP A 1 25 ? -0.182  4.605   -1.046  1.00 10.87 ? 25  ASP A O   1 
ATOM   198  C CB  . ASP A 1 25 ? -2.048  2.551   -1.859  1.00 13.33 ? 25  ASP A CB  1 
ATOM   199  C CG  . ASP A 1 25 ? -0.978  1.518   -1.678  1.00 15.50 ? 25  ASP A CG  1 
ATOM   200  O OD1 . ASP A 1 25 ? -0.632  1.203   -0.521  1.00 15.18 ? 25  ASP A OD1 1 
ATOM   201  O OD2 . ASP A 1 25 ? -0.495  1.014   -2.706  1.00 17.58 ? 25  ASP A OD2 1 
ATOM   202  N N   . THR A 1 26 ? -0.633  4.032   1.086   1.00 12.84 ? 26  THR A N   1 
ATOM   203  C CA  . THR A 1 26 ? 0.591   4.609   1.628   1.00 11.63 ? 26  THR A CA  1 
ATOM   204  C C   . THR A 1 26 ? 1.824   3.783   1.259   1.00 12.47 ? 26  THR A C   1 
ATOM   205  O O   . THR A 1 26 ? 2.953   4.273   1.327   1.00 13.09 ? 26  THR A O   1 
ATOM   206  C CB  . THR A 1 26 ? 0.501   4.741   3.158   1.00 11.74 ? 26  THR A CB  1 
ATOM   207  O OG1 . THR A 1 26 ? 0.192   3.468   3.734   1.00 12.49 ? 26  THR A OG1 1 
ATOM   208  C CG2 . THR A 1 26 ? -0.588  5.737   3.543   1.00 14.11 ? 26  THR A CG2 1 
ATOM   209  N N   . GLY A 1 27 ? 1.599   2.533   0.861   1.00 11.85 ? 27  GLY A N   1 
ATOM   210  C CA  . GLY A 1 27 ? 2.698   1.666   0.472   1.00 10.20 ? 27  GLY A CA  1 
ATOM   211  C C   . GLY A 1 27 ? 3.077   1.801   -0.995  1.00 12.32 ? 27  GLY A C   1 
ATOM   212  O O   . GLY A 1 27 ? 3.866   1.014   -1.514  1.00 12.39 ? 27  GLY A O   1 
ATOM   213  N N   . ALA A 1 28 ? 2.515   2.800   -1.670  1.00 12.43 ? 28  ALA A N   1 
ATOM   214  C CA  . ALA A 1 28 ? 2.801   3.032   -3.082  1.00 13.14 ? 28  ALA A CA  1 
ATOM   215  C C   . ALA A 1 28 ? 3.346   4.439   -3.268  1.00 15.64 ? 28  ALA A C   1 
ATOM   216  O O   . ALA A 1 28 ? 2.794   5.395   -2.726  1.00 18.33 ? 28  ALA A O   1 
ATOM   217  C CB  . ALA A 1 28 ? 1.534   2.857   -3.906  1.00 10.56 ? 28  ALA A CB  1 
ATOM   218  N N   . ASP A 1 29 ? 4.430   4.572   -4.027  1.00 16.63 ? 29  ASP A N   1 
ATOM   219  C CA  . ASP A 1 29 ? 5.008   5.889   -4.268  1.00 19.10 ? 29  ASP A CA  1 
ATOM   220  C C   . ASP A 1 29 ? 4.227   6.580   -5.371  1.00 20.34 ? 29  ASP A C   1 
ATOM   221  O O   . ASP A 1 29 ? 3.989   7.785   -5.316  1.00 23.28 ? 29  ASP A O   1 
ATOM   222  C CB  . ASP A 1 29 ? 6.474   5.788   -4.710  1.00 21.61 ? 29  ASP A CB  1 
ATOM   223  C CG  . ASP A 1 29 ? 7.341   5.028   -3.726  1.00 23.27 ? 29  ASP A CG  1 
ATOM   224  O OD1 . ASP A 1 29 ? 7.107   5.125   -2.503  1.00 24.44 ? 29  ASP A OD1 1 
ATOM   225  O OD2 . ASP A 1 29 ? 8.275   4.344   -4.184  1.00 24.68 ? 29  ASP A OD2 1 
ATOM   226  N N   . ASP A 1 30 ? 3.829   5.795   -6.369  1.00 20.28 ? 30  ASP A N   1 
ATOM   227  C CA  . ASP A 1 30 ? 3.097   6.293   -7.526  1.00 18.43 ? 30  ASP A CA  1 
ATOM   228  C C   . ASP A 1 30 ? 1.635   5.877   -7.551  1.00 18.30 ? 30  ASP A C   1 
ATOM   229  O O   . ASP A 1 30 ? 1.226   4.935   -6.871  1.00 18.87 ? 30  ASP A O   1 
ATOM   230  C CB  . ASP A 1 30 ? 3.760   5.788   -8.801  1.00 20.08 ? 30  ASP A CB  1 
ATOM   231  C CG  . ASP A 1 30 ? 5.244   6.025   -8.809  1.00 22.19 ? 30  ASP A CG  1 
ATOM   232  O OD1 . ASP A 1 30 ? 5.647   7.203   -8.875  1.00 25.63 ? 30  ASP A OD1 1 
ATOM   233  O OD2 . ASP A 1 30 ? 6.004   5.035   -8.740  1.00 21.87 ? 30  ASP A OD2 1 
ATOM   234  N N   . THR A 1 31 ? 0.861   6.590   -8.364  1.00 17.24 ? 31  THR A N   1 
ATOM   235  C CA  . THR A 1 31 ? -0.559  6.335   -8.534  1.00 15.98 ? 31  THR A CA  1 
ATOM   236  C C   . THR A 1 31 ? -0.715  5.505   -9.800  1.00 16.97 ? 31  THR A C   1 
ATOM   237  O O   . THR A 1 31 ? -0.149  5.843   -10.839 1.00 18.08 ? 31  THR A O   1 
ATOM   238  C CB  . THR A 1 31 ? -1.330  7.666   -8.681  1.00 16.32 ? 31  THR A CB  1 
ATOM   239  O OG1 . THR A 1 31 ? -1.243  8.398   -7.451  1.00 15.87 ? 31  THR A OG1 1 
ATOM   240  C CG2 . THR A 1 31 ? -2.792  7.422   -9.020  1.00 12.72 ? 31  THR A CG2 1 
ATOM   241  N N   . ILE A 1 32 ? -1.442  4.406   -9.601  1.00 17.37 ? 32  ILE A N   1 
ATOM   242  C CA  . ILE A 1 32 ? -1.697  3.459   -10.652 1.00 18.90 ? 32  ILE A CA  1 
ATOM   243  C C   . ILE A 1 32 ? -3.177  3.295   -10.842 1.00 18.46 ? 32  ILE A C   1 
ATOM   244  O O   . ILE A 1 32 ? -3.958  3.118   -9.920  1.00 16.41 ? 32  ILE A O   1 
ATOM   245  C CB  . ILE A 1 32 ? -1.103  2.074   -10.411 1.00 20.73 ? 32  ILE A CB  1 
ATOM   246  C CG1 . ILE A 1 32 ? 0.410   2.182   -10.282 1.00 24.61 ? 32  ILE A CG1 1 
ATOM   247  C CG2 . ILE A 1 32 ? -1.488  1.117   -11.536 1.00 19.77 ? 32  ILE A CG2 1 
ATOM   248  C CD1 . ILE A 1 32 ? 0.872   2.600   -8.904  1.00 29.68 ? 32  ILE A CD1 1 
ATOM   249  N N   . PHE A 1 33 ? -3.505  3.373   -12.106 1.00 18.44 ? 33  PHE A N   1 
ATOM   250  C CA  . PHE A 1 33 ? -4.853  3.226   -12.592 1.00 20.24 ? 33  PHE A CA  1 
ATOM   251  C C   . PHE A 1 33 ? -4.902  2.211   -13.698 1.00 21.35 ? 33  PHE A C   1 
ATOM   252  O O   . PHE A 1 33 ? -4.106  2.242   -14.635 1.00 19.51 ? 33  PHE A O   1 
ATOM   253  C CB  . PHE A 1 33 ? -5.414  4.524   -13.149 1.00 18.32 ? 33  PHE A CB  1 
ATOM   254  C CG  . PHE A 1 33 ? -6.087  5.290   -12.075 1.00 19.70 ? 33  PHE A CG  1 
ATOM   255  C CD1 . PHE A 1 33 ? -7.374  4.932   -11.618 1.00 20.03 ? 33  PHE A CD1 1 
ATOM   256  C CD2 . PHE A 1 33 ? -5.449  6.347   -11.495 1.00 20.15 ? 33  PHE A CD2 1 
ATOM   257  C CE1 . PHE A 1 33 ? -7.987  5.638   -10.605 1.00 19.48 ? 33  PHE A CE1 1 
ATOM   258  C CE2 . PHE A 1 33 ? -6.049  7.057   -10.483 1.00 20.66 ? 33  PHE A CE2 1 
ATOM   259  C CZ  . PHE A 1 33 ? -7.306  6.711   -10.041 1.00 20.09 ? 33  PHE A CZ  1 
ATOM   260  N N   . GLU A 1 34 ? -5.857  1.326   -13.550 1.00 23.20 ? 34  GLU A N   1 
ATOM   261  C CA  . GLU A 1 34 ? -6.112  0.336   -14.575 1.00 26.40 ? 34  GLU A CA  1 
ATOM   262  C C   . GLU A 1 34 ? -7.049  0.986   -15.547 1.00 28.19 ? 34  GLU A C   1 
ATOM   263  O O   . GLU A 1 34 ? -8.031  1.623   -15.182 1.00 28.47 ? 34  GLU A O   1 
ATOM   264  C CB  . GLU A 1 34 ? -6.741  -0.958  -14.063 1.00 29.45 ? 34  GLU A CB  1 
ATOM   265  C CG  . GLU A 1 34 ? -6.718  -2.074  -15.109 1.00 33.21 ? 34  GLU A CG  1 
ATOM   266  C CD  . GLU A 1 34 ? -7.388  -3.368  -14.683 1.00 35.82 ? 34  GLU A CD  1 
ATOM   267  O OE1 . GLU A 1 34 ? -7.236  -4.365  -15.432 1.00 37.04 ? 34  GLU A OE1 1 
ATOM   268  O OE2 . GLU A 1 34 ? -8.047  -3.396  -13.614 1.00 38.69 ? 34  GLU A OE2 1 
ATOM   269  N N   . GLU A 1 35 ? -6.701  0.820   -16.803 1.00 29.67 ? 35  GLU A N   1 
ATOM   270  C CA  . GLU A 1 35 ? -7.368  1.320   -17.983 1.00 31.43 ? 35  GLU A CA  1 
ATOM   271  C C   . GLU A 1 35 ? -8.373  2.426   -17.822 1.00 29.36 ? 35  GLU A C   1 
ATOM   272  O O   . GLU A 1 35 ? -9.469  2.253   -17.273 1.00 28.47 ? 35  GLU A O   1 
ATOM   273  C CB  . GLU A 1 35 ? -8.012  0.162   -18.727 1.00 35.01 ? 35  GLU A CB  1 
ATOM   274  C CG  . GLU A 1 35 ? -7.198  -0.191  -19.945 1.00 41.17 ? 35  GLU A CG  1 
ATOM   275  C CD  . GLU A 1 35 ? -5.843  0.484   -19.843 1.00 43.20 ? 35  GLU A CD  1 
ATOM   276  O OE1 . GLU A 1 35 ? -5.245  0.467   -18.731 1.00 43.02 ? 35  GLU A OE1 1 
ATOM   277  O OE2 . GLU A 1 35 ? -5.379  1.027   -20.864 1.00 44.02 ? 35  GLU A OE2 1 
ATOM   278  N N   . ILE A 1 36 ? -7.938  3.567   -18.315 1.00 26.78 ? 36  ILE A N   1 
ATOM   279  C CA  . ILE A 1 36 ? -8.709  4.781   -18.350 1.00 24.49 ? 36  ILE A CA  1 
ATOM   280  C C   . ILE A 1 36 ? -8.152  5.527   -19.541 1.00 23.30 ? 36  ILE A C   1 
ATOM   281  O O   . ILE A 1 36 ? -7.033  5.212   -19.953 1.00 23.87 ? 36  ILE A O   1 
ATOM   282  C CB  . ILE A 1 36 ? -8.539  5.603   -17.059 1.00 23.66 ? 36  ILE A CB  1 
ATOM   283  C CG1 . ILE A 1 36 ? -7.047  5.636   -16.669 1.00 24.72 ? 36  ILE A CG1 1 
ATOM   284  C CG2 . ILE A 1 36 ? -9.358  5.012   -15.916 1.00 24.54 ? 36  ILE A CG2 1 
ATOM   285  C CD1 . ILE A 1 36 ? -6.364  6.938   -17.005 1.00 27.29 ? 36  ILE A CD1 1 
ATOM   286  N N   . SER A 1 37 ? -8.848  6.475   -20.112 1.00 22.96 ? 37  SER A N   1 
ATOM   287  C CA  . SER A 1 37 ? -8.206  7.142   -21.228 1.00 22.88 ? 37  SER A CA  1 
ATOM   288  C C   . SER A 1 37 ? -7.718  8.544   -20.895 1.00 22.60 ? 37  SER A C   1 
ATOM   289  O O   . SER A 1 37 ? -8.491  9.396   -20.447 1.00 22.75 ? 37  SER A O   1 
ATOM   290  C CB  . SER A 1 37 ? -9.143  7.172   -22.434 1.00 23.42 ? 37  SER A CB  1 
ATOM   291  O OG  . SER A 1 37 ? -9.470  5.863   -22.865 1.00 25.98 ? 37  SER A OG  1 
ATOM   292  N N   . LEU A 1 38 ? -6.416  8.781   -21.127 1.00 22.43 ? 38  LEU A N   1 
ATOM   293  C CA  . LEU A 1 38 ? -5.797  10.070  -20.892 1.00 21.32 ? 38  LEU A CA  1 
ATOM   294  C C   . LEU A 1 38 ? -5.086  10.685  -22.081 1.00 23.35 ? 38  LEU A C   1 
ATOM   295  O O   . LEU A 1 38 ? -4.473  10.033  -22.922 1.00 23.61 ? 38  LEU A O   1 
ATOM   296  C CB  . LEU A 1 38 ? -4.770  9.981   -19.766 1.00 19.86 ? 38  LEU A CB  1 
ATOM   297  C CG  . LEU A 1 38 ? -5.311  9.489   -18.420 1.00 19.20 ? 38  LEU A CG  1 
ATOM   298  C CD1 . LEU A 1 38 ? -4.185  9.396   -17.404 1.00 19.02 ? 38  LEU A CD1 1 
ATOM   299  C CD2 . LEU A 1 38 ? -6.428  10.397  -17.928 1.00 17.55 ? 38  LEU A CD2 1 
ATOM   300  N N   . PRO A 1 39 ? -5.228  12.017  -22.082 1.00 24.87 ? 39  PRO A N   1 
ATOM   301  C CA  . PRO A 1 39 ? -4.624  12.913  -23.109 1.00 26.66 ? 39  PRO A CA  1 
ATOM   302  C C   . PRO A 1 39 ? -3.117  12.846  -23.310 1.00 29.23 ? 39  PRO A C   1 
ATOM   303  O O   . PRO A 1 39 ? -2.371  12.381  -22.442 1.00 28.61 ? 39  PRO A O   1 
ATOM   304  C CB  . PRO A 1 39 ? -5.181  14.274  -22.742 1.00 25.23 ? 39  PRO A CB  1 
ATOM   305  C CG  . PRO A 1 39 ? -6.582  13.937  -22.320 1.00 24.99 ? 39  PRO A CG  1 
ATOM   306  C CD  . PRO A 1 39 ? -6.583  12.512  -21.826 1.00 23.10 ? 39  PRO A CD  1 
ATOM   307  N N   . GLY A 1 40 ? -2.676  13.330  -24.450 1.00 30.44 ? 40  GLY A N   1 
ATOM   308  C CA  . GLY A 1 40 ? -1.270  13.596  -24.661 1.00 32.12 ? 40  GLY A CA  1 
ATOM   309  C C   . GLY A 1 40 ? -0.362  12.399  -24.702 1.00 32.94 ? 40  GLY A C   1 
ATOM   310  O O   . GLY A 1 40 ? -0.805  11.260  -24.637 1.00 32.54 ? 40  GLY A O   1 
ATOM   311  N N   . ARG A 1 41 ? 0.925   12.708  -24.828 1.00 33.34 ? 41  ARG A N   1 
ATOM   312  C CA  . ARG A 1 41 ? 1.937   11.675  -24.965 1.00 35.07 ? 41  ARG A CA  1 
ATOM   313  C C   . ARG A 1 41 ? 2.426   11.184  -23.617 1.00 34.18 ? 41  ARG A C   1 
ATOM   314  O O   . ARG A 1 41 ? 2.390   11.907  -22.626 1.00 34.62 ? 41  ARG A O   1 
ATOM   315  C CB  . ARG A 1 41 ? 3.114   12.181  -25.807 1.00 37.90 ? 41  ARG A CB  1 
ATOM   316  C CG  . ARG A 1 41 ? 3.472   13.642  -25.595 1.00 42.55 ? 41  ARG A CG  1 
ATOM   317  C CD  . ARG A 1 41 ? 4.533   14.082  -26.601 1.00 46.81 ? 41  ARG A CD  1 
ATOM   318  N NE  . ARG A 1 41 ? 4.678   15.535  -26.672 1.00 48.69 ? 41  ARG A NE  1 
ATOM   319  C CZ  . ARG A 1 41 ? 5.036   16.306  -25.651 1.00 49.35 ? 41  ARG A CZ  1 
ATOM   320  N NH1 . ARG A 1 41 ? 5.291   15.768  -24.464 1.00 49.12 ? 41  ARG A NH1 1 
ATOM   321  N NH2 . ARG A 1 41 ? 5.141   17.619  -25.818 1.00 49.11 ? 41  ARG A NH2 1 
ATOM   322  N N   . TRP A 1 42 ? 2.879   9.939   -23.593 1.00 34.29 ? 42  TRP A N   1 
ATOM   323  C CA  . TRP A 1 42 ? 3.369   9.316   -22.377 1.00 35.01 ? 42  TRP A CA  1 
ATOM   324  C C   . TRP A 1 42 ? 4.785   8.790   -22.552 1.00 35.98 ? 42  TRP A C   1 
ATOM   325  O O   . TRP A 1 42 ? 5.448   9.070   -23.548 1.00 36.94 ? 42  TRP A O   1 
ATOM   326  C CB  . TRP A 1 42 ? 2.442   8.167   -21.988 1.00 34.51 ? 42  TRP A CB  1 
ATOM   327  C CG  . TRP A 1 42 ? 1.919   7.415   -23.175 1.00 34.82 ? 42  TRP A CG  1 
ATOM   328  C CD1 . TRP A 1 42 ? 0.855   7.763   -23.961 1.00 34.07 ? 42  TRP A CD1 1 
ATOM   329  C CD2 . TRP A 1 42 ? 2.456   6.212   -23.740 1.00 34.37 ? 42  TRP A CD2 1 
ATOM   330  N NE1 . TRP A 1 42 ? 0.698   6.854   -24.977 1.00 34.20 ? 42  TRP A NE1 1 
ATOM   331  C CE2 . TRP A 1 42 ? 1.667   5.892   -24.867 1.00 34.31 ? 42  TRP A CE2 1 
ATOM   332  C CE3 . TRP A 1 42 ? 3.530   5.377   -23.405 1.00 34.41 ? 42  TRP A CE3 1 
ATOM   333  C CZ2 . TRP A 1 42 ? 1.915   4.767   -25.662 1.00 34.72 ? 42  TRP A CZ2 1 
ATOM   334  C CZ3 . TRP A 1 42 ? 3.778   4.257   -24.195 1.00 34.87 ? 42  TRP A CZ3 1 
ATOM   335  C CH2 . TRP A 1 42 ? 2.973   3.964   -25.311 1.00 35.40 ? 42  TRP A CH2 1 
ATOM   336  N N   . LYS A 1 43 ? 5.238   8.024   -21.567 1.00 37.49 ? 43  LYS A N   1 
ATOM   337  C CA  . LYS A 1 43 ? 6.568   7.435   -21.586 1.00 38.32 ? 43  LYS A CA  1 
ATOM   338  C C   . LYS A 1 43 ? 6.493   6.026   -20.999 1.00 38.49 ? 43  LYS A C   1 
ATOM   339  O O   . LYS A 1 43 ? 6.103   5.847   -19.845 1.00 36.57 ? 43  LYS A O   1 
ATOM   340  C CB  . LYS A 1 43 ? 7.527   8.295   -20.763 1.00 39.97 ? 43  LYS A CB  1 
ATOM   341  C CG  . LYS A 1 43 ? 7.623   9.733   -21.242 1.00 42.08 ? 43  LYS A CG  1 
ATOM   342  C CD  . LYS A 1 43 ? 8.541   10.552  -20.350 1.00 45.44 ? 43  LYS A CD  1 
ATOM   343  C CE  . LYS A 1 43 ? 8.003   10.642  -18.927 1.00 47.72 ? 43  LYS A CE  1 
ATOM   344  N NZ  . LYS A 1 43 ? 8.894   11.436  -18.031 1.00 48.03 ? 43  LYS A NZ  1 
ATOM   345  N N   . PRO A 1 44 ? 6.863   5.005   -21.793 1.00 39.12 ? 44  PRO A N   1 
ATOM   346  C CA  . PRO A 1 44 ? 6.830   3.611   -21.341 1.00 38.69 ? 44  PRO A CA  1 
ATOM   347  C C   . PRO A 1 44 ? 7.665   3.387   -20.089 1.00 38.87 ? 44  PRO A C   1 
ATOM   348  O O   . PRO A 1 44 ? 8.886   3.280   -20.157 1.00 39.85 ? 44  PRO A O   1 
ATOM   349  C CB  . PRO A 1 44 ? 7.370   2.846   -22.547 1.00 38.08 ? 44  PRO A CB  1 
ATOM   350  C CG  . PRO A 1 44 ? 8.304   3.828   -23.171 1.00 38.66 ? 44  PRO A CG  1 
ATOM   351  C CD  . PRO A 1 44 ? 7.502   5.103   -23.116 1.00 38.95 ? 44  PRO A CD  1 
ATOM   352  N N   . LYS A 1 45 ? 6.993   3.317   -18.945 1.00 37.73 ? 45  LYS A N   1 
ATOM   353  C CA  . LYS A 1 45 ? 7.660   3.112   -17.668 1.00 36.10 ? 45  LYS A CA  1 
ATOM   354  C C   . LYS A 1 45 ? 7.303   1.737   -17.113 1.00 35.44 ? 45  LYS A C   1 
ATOM   355  O O   . LYS A 1 45 ? 6.285   1.152   -17.484 1.00 35.87 ? 45  LYS A O   1 
ATOM   356  C CB  . LYS A 1 45 ? 7.231   4.206   -16.685 1.00 36.77 ? 45  LYS A CB  1 
ATOM   357  C CG  . LYS A 1 45 ? 7.829   4.106   -15.289 1.00 37.50 ? 45  LYS A CG  1 
ATOM   358  C CD  . LYS A 1 45 ? 7.251   5.199   -14.387 1.00 40.55 ? 45  LYS A CD  1 
ATOM   359  C CE  . LYS A 1 45 ? 7.690   5.055   -12.930 1.00 41.04 ? 45  LYS A CE  1 
ATOM   360  N NZ  . LYS A 1 45 ? 9.146   5.289   -12.734 1.00 41.93 ? 45  LYS A NZ  1 
ATOM   361  N N   . MET A 1 46 ? 8.151   1.223   -16.231 1.00 34.01 ? 46  MET A N   1 
ATOM   362  C CA  . MET A 1 46 ? 7.919   -0.078  -15.613 1.00 33.46 ? 46  MET A CA  1 
ATOM   363  C C   . MET A 1 46 ? 7.972   0.036   -14.099 1.00 31.97 ? 46  MET A C   1 
ATOM   364  O O   . MET A 1 46 ? 8.814   0.746   -13.548 1.00 33.04 ? 46  MET A O   1 
ATOM   365  C CB  . MET A 1 46 ? 8.961   -1.092  -16.090 1.00 33.58 ? 46  MET A CB  1 
ATOM   366  C CG  . MET A 1 46 ? 8.698   -1.615  -17.486 1.00 37.00 ? 46  MET A CG  1 
ATOM   367  S SD  . MET A 1 46 ? 9.954   -2.763  -18.063 1.00 40.94 ? 46  MET A SD  1 
ATOM   368  C CE  . MET A 1 46 ? 10.663  -1.823  -19.421 1.00 41.20 ? 46  MET A CE  1 
ATOM   369  N N   . ILE A 1 47 ? 7.065   -0.659  -13.426 1.00 29.54 ? 47  ILE A N   1 
ATOM   370  C CA  . ILE A 1 47 ? 7.025   -0.631  -11.974 1.00 27.72 ? 47  ILE A CA  1 
ATOM   371  C C   . ILE A 1 47 ? 6.958   -2.052  -11.440 1.00 27.26 ? 47  ILE A C   1 
ATOM   372  O O   . ILE A 1 47 ? 6.558   -2.975  -12.151 1.00 25.66 ? 47  ILE A O   1 
ATOM   373  C CB  . ILE A 1 47 ? 5.802   0.163   -11.459 1.00 28.26 ? 47  ILE A CB  1 
ATOM   374  C CG1 . ILE A 1 47 ? 4.513   -0.600  -11.771 1.00 28.51 ? 47  ILE A CG1 1 
ATOM   375  C CG2 . ILE A 1 47 ? 5.769   1.541   -12.110 1.00 27.40 ? 47  ILE A CG2 1 
ATOM   376  C CD1 . ILE A 1 47 ? 3.266   0.041   -11.206 1.00 29.61 ? 47  ILE A CD1 1 
ATOM   377  N N   . GLY A 1 48 ? 7.352   -2.226  -10.185 1.00 28.16 ? 48  GLY A N   1 
ATOM   378  C CA  . GLY A 1 48 ? 7.327   -3.547  -9.590  1.00 29.19 ? 48  GLY A CA  1 
ATOM   379  C C   . GLY A 1 48 ? 6.574   -3.599  -8.278  1.00 29.23 ? 48  GLY A C   1 
ATOM   380  O O   . GLY A 1 48 ? 6.319   -2.569  -7.655  1.00 29.72 ? 48  GLY A O   1 
ATOM   381  N N   . GLY A 1 49 ? 6.215   -4.812  -7.872  1.00 28.67 ? 49  GLY A N   1 
ATOM   382  C CA  . GLY A 1 49 ? 5.497   -5.027  -6.629  1.00 28.95 ? 49  GLY A CA  1 
ATOM   383  C C   . GLY A 1 49 ? 5.564   -6.510  -6.321  1.00 29.71 ? 49  GLY A C   1 
ATOM   384  O O   . GLY A 1 49 ? 6.524   -7.169  -6.713  1.00 29.14 ? 49  GLY A O   1 
ATOM   385  N N   . ILE A 1 50 ? 4.569   -7.041  -5.618  1.00 30.16 ? 50  ILE A N   1 
ATOM   386  C CA  . ILE A 1 50 ? 4.550   -8.469  -5.327  1.00 30.82 ? 50  ILE A CA  1 
ATOM   387  C C   . ILE A 1 50 ? 4.280   -9.183  -6.643  1.00 30.52 ? 50  ILE A C   1 
ATOM   388  O O   . ILE A 1 50 ? 3.459   -8.731  -7.441  1.00 31.44 ? 50  ILE A O   1 
ATOM   389  C CB  . ILE A 1 50 ? 3.424   -8.849  -4.335  1.00 32.99 ? 50  ILE A CB  1 
ATOM   390  C CG1 . ILE A 1 50 ? 3.790   -8.403  -2.921  1.00 34.08 ? 50  ILE A CG1 1 
ATOM   391  C CG2 . ILE A 1 50 ? 3.167   -10.350 -4.376  1.00 33.68 ? 50  ILE A CG2 1 
ATOM   392  C CD1 . ILE A 1 50 ? 3.533   -6.949  -2.670  1.00 37.41 ? 50  ILE A CD1 1 
ATOM   393  N N   . GLY A 1 51 ? 4.966   -10.292 -6.876  1.00 29.78 ? 51  GLY A N   1 
ATOM   394  C CA  . GLY A 1 51 ? 4.749   -11.022 -8.110  1.00 29.29 ? 51  GLY A CA  1 
ATOM   395  C C   . GLY A 1 51 ? 5.672   -10.605 -9.239  1.00 29.00 ? 51  GLY A C   1 
ATOM   396  O O   . GLY A 1 51 ? 6.106   -11.447 -10.022 1.00 30.07 ? 51  GLY A O   1 
ATOM   397  N N   . GLY A 1 52 ? 5.976   -9.316  -9.340  1.00 27.61 ? 52  GLY A N   1 
ATOM   398  C CA  . GLY A 1 52 ? 6.862   -8.889  -10.405 1.00 27.79 ? 52  GLY A CA  1 
ATOM   399  C C   . GLY A 1 52 ? 6.757   -7.451  -10.866 1.00 28.59 ? 52  GLY A C   1 
ATOM   400  O O   . GLY A 1 52 ? 6.463   -6.549  -10.082 1.00 28.13 ? 52  GLY A O   1 
ATOM   401  N N   . PHE A 1 53 ? 7.003   -7.246  -12.157 1.00 29.43 ? 53  PHE A N   1 
ATOM   402  C CA  . PHE A 1 53 ? 6.971   -5.915  -12.751 1.00 30.33 ? 53  PHE A CA  1 
ATOM   403  C C   . PHE A 1 53 ? 5.893   -5.825  -13.824 1.00 29.06 ? 53  PHE A C   1 
ATOM   404  O O   . PHE A 1 53 ? 5.372   -6.842  -14.277 1.00 28.86 ? 53  PHE A O   1 
ATOM   405  C CB  . PHE A 1 53 ? 8.331   -5.596  -13.379 1.00 32.84 ? 53  PHE A CB  1 
ATOM   406  C CG  . PHE A 1 53 ? 8.450   -6.025  -14.819 1.00 37.70 ? 53  PHE A CG  1 
ATOM   407  C CD1 . PHE A 1 53 ? 8.056   -7.300  -15.220 1.00 39.97 ? 53  PHE A CD1 1 
ATOM   408  C CD2 . PHE A 1 53 ? 8.936   -5.143  -15.782 1.00 39.10 ? 53  PHE A CD2 1 
ATOM   409  C CE1 . PHE A 1 53 ? 8.138   -7.689  -16.559 1.00 41.33 ? 53  PHE A CE1 1 
ATOM   410  C CE2 . PHE A 1 53 ? 9.025   -5.524  -17.122 1.00 39.26 ? 53  PHE A CE2 1 
ATOM   411  C CZ  . PHE A 1 53 ? 8.624   -6.799  -17.510 1.00 40.92 ? 53  PHE A CZ  1 
ATOM   412  N N   . VAL A 1 54 ? 5.571   -4.603  -14.233 1.00 27.39 ? 54  VAL A N   1 
ATOM   413  C CA  . VAL A 1 54 ? 4.576   -4.387  -15.273 1.00 25.41 ? 54  VAL A CA  1 
ATOM   414  C C   . VAL A 1 54 ? 4.940   -3.166  -16.099 1.00 24.72 ? 54  VAL A C   1 
ATOM   415  O O   . VAL A 1 54 ? 5.572   -2.230  -15.603 1.00 22.44 ? 54  VAL A O   1 
ATOM   416  C CB  . VAL A 1 54 ? 3.159   -4.175  -14.692 1.00 25.89 ? 54  VAL A CB  1 
ATOM   417  C CG1 . VAL A 1 54 ? 2.784   -5.344  -13.803 1.00 27.58 ? 54  VAL A CG1 1 
ATOM   418  C CG2 . VAL A 1 54 ? 3.095   -2.866  -13.924 1.00 26.45 ? 54  VAL A CG2 1 
ATOM   419  N N   . LYS A 1 55 ? 4.543   -3.193  -17.366 1.00 25.59 ? 55  LYS A N   1 
ATOM   420  C CA  . LYS A 1 55 ? 4.796   -2.093  -18.288 1.00 26.01 ? 55  LYS A CA  1 
ATOM   421  C C   . LYS A 1 55 ? 3.601   -1.147  -18.183 1.00 24.92 ? 55  LYS A C   1 
ATOM   422  O O   . LYS A 1 55 ? 2.452   -1.582  -18.253 1.00 24.33 ? 55  LYS A O   1 
ATOM   423  C CB  . LYS A 1 55 ? 4.899   -2.621  -19.718 1.00 27.76 ? 55  LYS A CB  1 
ATOM   424  C CG  . LYS A 1 55 ? 5.853   -3.790  -19.905 1.00 30.99 ? 55  LYS A CG  1 
ATOM   425  C CD  . LYS A 1 55 ? 7.274   -3.321  -20.183 1.00 34.83 ? 55  LYS A CD  1 
ATOM   426  C CE  . LYS A 1 55 ? 8.160   -4.485  -20.631 1.00 35.40 ? 55  LYS A CE  1 
ATOM   427  N NZ  . LYS A 1 55 ? 7.648   -5.154  -21.868 1.00 34.73 ? 55  LYS A NZ  1 
ATOM   428  N N   . VAL A 1 56 ? 3.866   0.142   -18.011 1.00 24.32 ? 56  VAL A N   1 
ATOM   429  C CA  . VAL A 1 56 ? 2.786   1.118   -17.902 1.00 23.47 ? 56  VAL A CA  1 
ATOM   430  C C   . VAL A 1 56 ? 3.092   2.380   -18.695 1.00 22.49 ? 56  VAL A C   1 
ATOM   431  O O   . VAL A 1 56 ? 4.206   2.562   -19.189 1.00 23.36 ? 56  VAL A O   1 
ATOM   432  C CB  . VAL A 1 56 ? 2.545   1.527   -16.433 1.00 23.34 ? 56  VAL A CB  1 
ATOM   433  C CG1 . VAL A 1 56 ? 2.174   0.310   -15.610 1.00 21.96 ? 56  VAL A CG1 1 
ATOM   434  C CG2 . VAL A 1 56 ? 3.794   2.194   -15.870 1.00 22.05 ? 56  VAL A CG2 1 
ATOM   435  N N   . ARG A 1 57 ? 2.092   3.243   -18.819 1.00 21.23 ? 57  ARG A N   1 
ATOM   436  C CA  . ARG A 1 57 ? 2.257   4.509   -19.520 1.00 21.07 ? 57  ARG A CA  1 
ATOM   437  C C   . ARG A 1 57 ? 2.334   5.588   -18.454 1.00 20.50 ? 57  ARG A C   1 
ATOM   438  O O   . ARG A 1 57 ? 1.522   5.615   -17.531 1.00 19.79 ? 57  ARG A O   1 
ATOM   439  C CB  . ARG A 1 57 ? 1.066   4.792   -20.432 1.00 22.41 ? 57  ARG A CB  1 
ATOM   440  C CG  . ARG A 1 57 ? 0.873   3.816   -21.572 1.00 24.26 ? 57  ARG A CG  1 
ATOM   441  C CD  . ARG A 1 57 ? -0.262  4.293   -22.453 1.00 28.15 ? 57  ARG A CD  1 
ATOM   442  N NE  . ARG A 1 57 ? -0.456  3.454   -23.629 1.00 32.03 ? 57  ARG A NE  1 
ATOM   443  C CZ  . ARG A 1 57 ? -1.343  3.708   -24.584 1.00 33.48 ? 57  ARG A CZ  1 
ATOM   444  N NH1 . ARG A 1 57 ? -1.454  2.891   -25.621 1.00 34.62 ? 57  ARG A NH1 1 
ATOM   445  N NH2 . ARG A 1 57 ? -2.120  4.781   -24.503 1.00 34.68 ? 57  ARG A NH2 1 
ATOM   446  N N   . GLN A 1 58 ? 3.310   6.474   -18.577 1.00 20.33 ? 58  GLN A N   1 
ATOM   447  C CA  . GLN A 1 58 ? 3.470   7.541   -17.607 1.00 20.37 ? 58  GLN A CA  1 
ATOM   448  C C   . GLN A 1 58 ? 2.932   8.850   -18.150 1.00 20.28 ? 58  GLN A C   1 
ATOM   449  O O   . GLN A 1 58 ? 3.422   9.361   -19.155 1.00 22.38 ? 58  GLN A O   1 
ATOM   450  C CB  . GLN A 1 58 ? 4.946   7.711   -17.250 1.00 22.35 ? 58  GLN A CB  1 
ATOM   451  C CG  . GLN A 1 58 ? 5.215   8.779   -16.201 1.00 24.78 ? 58  GLN A CG  1 
ATOM   452  C CD  . GLN A 1 58 ? 6.696   8.953   -15.909 1.00 25.68 ? 58  GLN A CD  1 
ATOM   453  O OE1 . GLN A 1 58 ? 7.401   7.989   -15.609 1.00 26.34 ? 58  GLN A OE1 1 
ATOM   454  N NE2 . GLN A 1 58 ? 7.171   10.188  -15.992 1.00 25.52 ? 58  GLN A NE2 1 
ATOM   455  N N   . TYR A 1 59 ? 1.912   9.385   -17.488 1.00 19.99 ? 59  TYR A N   1 
ATOM   456  C CA  . TYR A 1 59 ? 1.333   10.658  -17.888 1.00 18.03 ? 59  TYR A CA  1 
ATOM   457  C C   . TYR A 1 59 ? 1.665   11.691  -16.822 1.00 18.41 ? 59  TYR A C   1 
ATOM   458  O O   . TYR A 1 59 ? 1.435   11.469  -15.633 1.00 18.09 ? 59  TYR A O   1 
ATOM   459  C CB  . TYR A 1 59 ? -0.181  10.546  -18.051 1.00 17.17 ? 59  TYR A CB  1 
ATOM   460  C CG  . TYR A 1 59 ? -0.616  9.708   -19.231 1.00 17.89 ? 59  TYR A CG  1 
ATOM   461  C CD1 . TYR A 1 59 ? -0.585  8.314   -19.173 1.00 18.98 ? 59  TYR A CD1 1 
ATOM   462  C CD2 . TYR A 1 59 ? -1.073  10.309  -20.404 1.00 18.14 ? 59  TYR A CD2 1 
ATOM   463  C CE1 . TYR A 1 59 ? -1.006  7.540   -20.252 1.00 19.26 ? 59  TYR A CE1 1 
ATOM   464  C CE2 . TYR A 1 59 ? -1.493  9.543   -21.490 1.00 19.21 ? 59  TYR A CE2 1 
ATOM   465  C CZ  . TYR A 1 59 ? -1.459  8.161   -21.405 1.00 20.41 ? 59  TYR A CZ  1 
ATOM   466  O OH  . TYR A 1 59 ? -1.889  7.402   -22.467 1.00 23.75 ? 59  TYR A OH  1 
ATOM   467  N N   . ASP A 1 60 ? 2.217   12.819  -17.251 1.00 19.72 ? 60  ASP A N   1 
ATOM   468  C CA  . ASP A 1 60 ? 2.595   13.874  -16.325 1.00 21.99 ? 60  ASP A CA  1 
ATOM   469  C C   . ASP A 1 60 ? 1.616   15.030  -16.333 1.00 22.66 ? 60  ASP A C   1 
ATOM   470  O O   . ASP A 1 60 ? 0.997   15.331  -17.353 1.00 23.27 ? 60  ASP A O   1 
ATOM   471  C CB  . ASP A 1 60 ? 3.990   14.402  -16.665 1.00 25.10 ? 60  ASP A CB  1 
ATOM   472  C CG  . ASP A 1 60 ? 5.061   13.339  -16.535 1.00 28.28 ? 60  ASP A CG  1 
ATOM   473  O OD1 . ASP A 1 60 ? 5.183   12.749  -15.440 1.00 29.65 ? 60  ASP A OD1 1 
ATOM   474  O OD2 . ASP A 1 60 ? 5.778   13.093  -17.528 1.00 30.13 ? 60  ASP A OD2 1 
ATOM   475  N N   . GLN A 1 61 ? 1.483   15.672  -15.179 1.00 22.54 ? 61  GLN A N   1 
ATOM   476  C CA  . GLN A 1 61 ? 0.603   16.817  -15.022 1.00 22.69 ? 61  GLN A CA  1 
ATOM   477  C C   . GLN A 1 61 ? -0.860  16.584  -15.379 1.00 22.28 ? 61  GLN A C   1 
ATOM   478  O O   . GLN A 1 61 ? -1.466  17.383  -16.090 1.00 20.58 ? 61  GLN A O   1 
ATOM   479  C CB  . GLN A 1 61 ? 1.152   18.005  -15.819 1.00 25.47 ? 61  GLN A CB  1 
ATOM   480  C CG  . GLN A 1 61 ? 2.351   18.678  -15.155 1.00 29.39 ? 61  GLN A CG  1 
ATOM   481  C CD  . GLN A 1 61 ? 2.874   19.875  -15.930 1.00 33.08 ? 61  GLN A CD  1 
ATOM   482  O OE1 . GLN A 1 61 ? 3.666   20.665  -15.411 1.00 34.05 ? 61  GLN A OE1 1 
ATOM   483  N NE2 . GLN A 1 61 ? 2.440   20.013  -17.181 1.00 33.68 ? 61  GLN A NE2 1 
ATOM   484  N N   . ILE A 1 62 ? -1.426  15.490  -14.877 1.00 22.21 ? 62  ILE A N   1 
ATOM   485  C CA  . ILE A 1 62 ? -2.831  15.187  -15.121 1.00 21.65 ? 62  ILE A CA  1 
ATOM   486  C C   . ILE A 1 62 ? -3.628  15.579  -13.881 1.00 21.75 ? 62  ILE A C   1 
ATOM   487  O O   . ILE A 1 62 ? -3.278  15.217  -12.763 1.00 22.10 ? 62  ILE A O   1 
ATOM   488  C CB  . ILE A 1 62 ? -3.059  13.683  -15.420 1.00 21.53 ? 62  ILE A CB  1 
ATOM   489  C CG1 . ILE A 1 62 ? -2.573  13.347  -16.827 1.00 22.04 ? 62  ILE A CG1 1 
ATOM   490  C CG2 . ILE A 1 62 ? -4.532  13.349  -15.341 1.00 18.27 ? 62  ILE A CG2 1 
ATOM   491  C CD1 . ILE A 1 62 ? -1.111  13.543  -17.019 1.00 25.32 ? 62  ILE A CD1 1 
ATOM   492  N N   . PRO A 1 63 ? -4.706  16.346  -14.065 1.00 22.27 ? 63  PRO A N   1 
ATOM   493  C CA  . PRO A 1 63 ? -5.528  16.767  -12.926 1.00 22.77 ? 63  PRO A CA  1 
ATOM   494  C C   . PRO A 1 63 ? -6.455  15.668  -12.412 1.00 22.33 ? 63  PRO A C   1 
ATOM   495  O O   . PRO A 1 63 ? -7.168  15.034  -13.187 1.00 23.98 ? 63  PRO A O   1 
ATOM   496  C CB  . PRO A 1 63 ? -6.297  17.959  -13.487 1.00 22.83 ? 63  PRO A CB  1 
ATOM   497  C CG  . PRO A 1 63 ? -6.507  17.559  -14.909 1.00 23.90 ? 63  PRO A CG  1 
ATOM   498  C CD  . PRO A 1 63 ? -5.148  17.005  -15.306 1.00 22.13 ? 63  PRO A CD  1 
ATOM   499  N N   . ILE A 1 64 ? -6.432  15.443  -11.103 1.00 22.68 ? 64  ILE A N   1 
ATOM   500  C CA  . ILE A 1 64 ? -7.281  14.436  -10.482 1.00 21.53 ? 64  ILE A CA  1 
ATOM   501  C C   . ILE A 1 64 ? -8.101  15.100  -9.390  1.00 22.69 ? 64  ILE A C   1 
ATOM   502  O O   . ILE A 1 64 ? -7.637  16.037  -8.739  1.00 21.32 ? 64  ILE A O   1 
ATOM   503  C CB  . ILE A 1 64 ? -6.473  13.306  -9.809  1.00 19.79 ? 64  ILE A CB  1 
ATOM   504  C CG1 . ILE A 1 64 ? -5.538  12.640  -10.809 1.00 19.91 ? 64  ILE A CG1 1 
ATOM   505  C CG2 . ILE A 1 64 ? -7.418  12.282  -9.227  1.00 19.15 ? 64  ILE A CG2 1 
ATOM   506  C CD1 . ILE A 1 64 ? -4.226  13.358  -10.971 1.00 23.00 ? 64  ILE A CD1 1 
ATOM   507  N N   . GLU A 1 65 ? -9.320  14.613  -9.193  1.00 23.80 ? 65  GLU A N   1 
ATOM   508  C CA  . GLU A 1 65 ? -10.186 15.156  -8.160  1.00 25.56 ? 65  GLU A CA  1 
ATOM   509  C C   . GLU A 1 65 ? -10.510 14.065  -7.153  1.00 25.79 ? 65  GLU A C   1 
ATOM   510  O O   . GLU A 1 65 ? -11.270 13.143  -7.444  1.00 26.13 ? 65  GLU A O   1 
ATOM   511  C CB  . GLU A 1 65 ? -11.476 15.703  -8.763  1.00 27.43 ? 65  GLU A CB  1 
ATOM   512  C CG  . GLU A 1 65 ? -12.393 16.313  -7.730  1.00 32.04 ? 65  GLU A CG  1 
ATOM   513  C CD  . GLU A 1 65 ? -13.647 16.886  -8.338  1.00 35.46 ? 65  GLU A CD  1 
ATOM   514  O OE1 . GLU A 1 65 ? -13.539 17.852  -9.129  1.00 36.46 ? 65  GLU A OE1 1 
ATOM   515  O OE2 . GLU A 1 65 ? -14.742 16.364  -8.028  1.00 37.41 ? 65  GLU A OE2 1 
ATOM   516  N N   . ILE A 1 66 ? -9.914  14.178  -5.972  1.00 26.64 ? 66  ILE A N   1 
ATOM   517  C CA  . ILE A 1 66 ? -10.108 13.212  -4.900  1.00 25.90 ? 66  ILE A CA  1 
ATOM   518  C C   . ILE A 1 66 ? -10.955 13.869  -3.820  1.00 27.37 ? 66  ILE A C   1 
ATOM   519  O O   . ILE A 1 66 ? -10.568 14.902  -3.273  1.00 26.45 ? 66  ILE A O   1 
ATOM   520  C CB  . ILE A 1 66 ? -8.754  12.804  -4.288  1.00 26.57 ? 66  ILE A CB  1 
ATOM   521  C CG1 . ILE A 1 66 ? -7.775  12.427  -5.401  1.00 23.69 ? 66  ILE A CG1 1 
ATOM   522  C CG2 . ILE A 1 66 ? -8.943  11.642  -3.320  1.00 26.68 ? 66  ILE A CG2 1 
ATOM   523  C CD1 . ILE A 1 66 ? -6.373  12.146  -4.909  1.00 24.39 ? 66  ILE A CD1 1 
ATOM   524  N N   . CYS A 1 67 ? -12.107 13.273  -3.521  1.00 29.41 ? 67  CYS A N   1 
ATOM   525  C CA  . CYS A 1 67 ? -13.017 13.813  -2.506  1.00 30.79 ? 67  CYS A CA  1 
ATOM   526  C C   . CYS A 1 67 ? -13.255 15.316  -2.657  1.00 30.41 ? 67  CYS A C   1 
ATOM   527  O O   . CYS A 1 67 ? -13.371 16.034  -1.666  1.00 31.44 ? 67  CYS A O   1 
ATOM   528  C CB  . CYS A 1 67 ? -12.478 13.533  -1.096  1.00 32.46 ? 67  CYS A CB  1 
ATOM   529  S SG  . CYS A 1 67 ? -13.240 12.132  -0.246  1.00 33.22 ? 67  CYS A SG  1 
ATOM   530  N N   . GLY A 1 68 ? -13.323 15.791  -3.895  1.00 29.82 ? 68  GLY A N   1 
ATOM   531  C CA  . GLY A 1 68 ? -13.560 17.203  -4.114  1.00 30.53 ? 68  GLY A CA  1 
ATOM   532  C C   . GLY A 1 68 ? -12.293 18.033  -4.118  1.00 32.32 ? 68  GLY A C   1 
ATOM   533  O O   . GLY A 1 68 ? -12.335 19.243  -4.349  1.00 33.47 ? 68  GLY A O   1 
ATOM   534  N N   . HIS A 1 69 ? -11.162 17.395  -3.841  1.00 32.19 ? 69  HIS A N   1 
ATOM   535  C CA  . HIS A 1 69 ? -9.886  18.100  -3.849  1.00 32.14 ? 69  HIS A CA  1 
ATOM   536  C C   . HIS A 1 69 ? -9.277  17.874  -5.221  1.00 30.67 ? 69  HIS A C   1 
ATOM   537  O O   . HIS A 1 69 ? -9.123  16.732  -5.651  1.00 30.13 ? 69  HIS A O   1 
ATOM   538  C CB  . HIS A 1 69 ? -8.942  17.542  -2.781  1.00 34.14 ? 69  HIS A CB  1 
ATOM   539  C CG  . HIS A 1 69 ? -9.481  17.632  -1.388  1.00 37.50 ? 69  HIS A CG  1 
ATOM   540  N ND1 . HIS A 1 69 ? -10.587 16.925  -0.970  1.00 38.86 ? 69  HIS A ND1 1 
ATOM   541  C CD2 . HIS A 1 69 ? -9.067  18.351  -0.318  1.00 38.07 ? 69  HIS A CD2 1 
ATOM   542  C CE1 . HIS A 1 69 ? -10.832 17.203  0.297   1.00 40.06 ? 69  HIS A CE1 1 
ATOM   543  N NE2 . HIS A 1 69 ? -9.924  18.066  0.717   1.00 39.92 ? 69  HIS A NE2 1 
ATOM   544  N N   . LYS A 1 70 ? -8.945  18.950  -5.922  1.00 29.57 ? 70  LYS A N   1 
ATOM   545  C CA  . LYS A 1 70 ? -8.353  18.792  -7.241  1.00 30.14 ? 70  LYS A CA  1 
ATOM   546  C C   . LYS A 1 70 ? -6.855  19.048  -7.176  1.00 29.33 ? 70  LYS A C   1 
ATOM   547  O O   . LYS A 1 70 ? -6.411  20.080  -6.672  1.00 30.19 ? 70  LYS A O   1 
ATOM   548  C CB  . LYS A 1 70 ? -8.998  19.744  -8.250  1.00 30.20 ? 70  LYS A CB  1 
ATOM   549  C CG  . LYS A 1 70 ? -8.731  19.351  -9.702  1.00 33.18 ? 70  LYS A CG  1 
ATOM   550  C CD  . LYS A 1 70 ? -9.223  20.392  -10.711 1.00 35.32 ? 70  LYS A CD  1 
ATOM   551  C CE  . LYS A 1 70 ? -10.715 20.677  -10.582 1.00 37.16 ? 70  LYS A CE  1 
ATOM   552  N NZ  . LYS A 1 70 ? -11.056 21.351  -9.291  1.00 38.10 ? 70  LYS A NZ  1 
ATOM   553  N N   . VAL A 1 71 ? -6.082  18.090  -7.676  1.00 27.14 ? 71  VAL A N   1 
ATOM   554  C CA  . VAL A 1 71 ? -4.633  18.198  -7.694  1.00 24.37 ? 71  VAL A CA  1 
ATOM   555  C C   . VAL A 1 71 ? -4.113  17.700  -9.032  1.00 22.97 ? 71  VAL A C   1 
ATOM   556  O O   . VAL A 1 71 ? -4.766  16.899  -9.699  1.00 23.97 ? 71  VAL A O   1 
ATOM   557  C CB  . VAL A 1 71 ? -3.989  17.373  -6.549  1.00 25.76 ? 71  VAL A CB  1 
ATOM   558  C CG1 . VAL A 1 71 ? -4.447  17.913  -5.210  1.00 26.84 ? 71  VAL A CG1 1 
ATOM   559  C CG2 . VAL A 1 71 ? -4.360  15.904  -6.674  1.00 24.16 ? 71  VAL A CG2 1 
ATOM   560  N N   . ILE A 1 72 ? -2.949  18.190  -9.434  1.00 22.00 ? 72  ILE A N   1 
ATOM   561  C CA  . ILE A 1 72 ? -2.347  17.779  -10.695 1.00 23.05 ? 72  ILE A CA  1 
ATOM   562  C C   . ILE A 1 72 ? -1.096  16.963  -10.382 1.00 21.81 ? 72  ILE A C   1 
ATOM   563  O O   . ILE A 1 72 ? -0.304  17.344  -9.524  1.00 24.49 ? 72  ILE A O   1 
ATOM   564  C CB  . ILE A 1 72 ? -1.964  19.009  -11.571 1.00 24.85 ? 72  ILE A CB  1 
ATOM   565  C CG1 . ILE A 1 72 ? -3.225  19.731  -12.066 1.00 26.26 ? 72  ILE A CG1 1 
ATOM   566  C CG2 . ILE A 1 72 ? -1.158  18.562  -12.778 1.00 23.23 ? 72  ILE A CG2 1 
ATOM   567  C CD1 . ILE A 1 72 ? -4.066  20.376  -10.976 1.00 27.45 ? 72  ILE A CD1 1 
ATOM   568  N N   . GLY A 1 73 ? -0.929  15.839  -11.070 1.00 18.80 ? 73  GLY A N   1 
ATOM   569  C CA  . GLY A 1 73 ? 0.231   15.000  -10.835 1.00 15.17 ? 73  GLY A CA  1 
ATOM   570  C C   . GLY A 1 73 ? 0.468   13.932  -11.888 1.00 15.39 ? 73  GLY A C   1 
ATOM   571  O O   . GLY A 1 73 ? -0.249  13.842  -12.887 1.00 15.60 ? 73  GLY A O   1 
ATOM   572  N N   . THR A 1 74 ? 1.493   13.120  -11.663 1.00 14.44 ? 74  THR A N   1 
ATOM   573  C CA  . THR A 1 74 ? 1.836   12.044  -12.581 1.00 14.36 ? 74  THR A CA  1 
ATOM   574  C C   . THR A 1 74 ? 0.947   10.834  -12.320 1.00 13.41 ? 74  THR A C   1 
ATOM   575  O O   . THR A 1 74 ? 0.800   10.399  -11.179 1.00 13.68 ? 74  THR A O   1 
ATOM   576  C CB  . THR A 1 74 ? 3.315   11.610  -12.411 1.00 14.86 ? 74  THR A CB  1 
ATOM   577  O OG1 . THR A 1 74 ? 4.180   12.704  -12.739 1.00 16.24 ? 74  THR A OG1 1 
ATOM   578  C CG2 . THR A 1 74 ? 3.638   10.428  -13.319 1.00 14.91 ? 74  THR A CG2 1 
ATOM   579  N N   . VAL A 1 75 ? 0.348   10.302  -13.378 1.00 11.27 ? 75  VAL A N   1 
ATOM   580  C CA  . VAL A 1 75 ? -0.504  9.130   -13.259 1.00 10.68 ? 75  VAL A CA  1 
ATOM   581  C C   . VAL A 1 75 ? 0.009   8.027   -14.182 1.00 11.85 ? 75  VAL A C   1 
ATOM   582  O O   . VAL A 1 75 ? 0.274   8.258   -15.360 1.00 13.05 ? 75  VAL A O   1 
ATOM   583  C CB  . VAL A 1 75 ? -1.977  9.451   -13.625 1.00 9.99  ? 75  VAL A CB  1 
ATOM   584  C CG1 . VAL A 1 75 ? -2.802  8.171   -13.640 1.00 7.08  ? 75  VAL A CG1 1 
ATOM   585  C CG2 . VAL A 1 75 ? -2.563  10.433  -12.619 1.00 6.26  ? 75  VAL A CG2 1 
ATOM   586  N N   . LEU A 1 76 ? 0.165   6.830   -13.636 1.00 13.68 ? 76  LEU A N   1 
ATOM   587  C CA  . LEU A 1 76 ? 0.630   5.693   -14.418 1.00 12.65 ? 76  LEU A CA  1 
ATOM   588  C C   . LEU A 1 76 ? -0.598  4.870   -14.774 1.00 13.34 ? 76  LEU A C   1 
ATOM   589  O O   . LEU A 1 76 ? -1.456  4.634   -13.927 1.00 14.41 ? 76  LEU A O   1 
ATOM   590  C CB  . LEU A 1 76 ? 1.595   4.827   -13.599 1.00 13.92 ? 76  LEU A CB  1 
ATOM   591  C CG  . LEU A 1 76 ? 2.773   5.484   -12.865 1.00 15.32 ? 76  LEU A CG  1 
ATOM   592  C CD1 . LEU A 1 76 ? 3.502   4.430   -12.048 1.00 14.76 ? 76  LEU A CD1 1 
ATOM   593  C CD2 . LEU A 1 76 ? 3.725   6.142   -13.849 1.00 13.19 ? 76  LEU A CD2 1 
ATOM   594  N N   . VAL A 1 77 ? -0.691  4.456   -16.032 1.00 15.10 ? 77  VAL A N   1 
ATOM   595  C CA  . VAL A 1 77 ? -1.807  3.631   -16.484 1.00 14.47 ? 77  VAL A CA  1 
ATOM   596  C C   . VAL A 1 77 ? -1.241  2.304   -16.974 1.00 14.47 ? 77  VAL A C   1 
ATOM   597  O O   . VAL A 1 77 ? -0.285  2.270   -17.746 1.00 13.57 ? 77  VAL A O   1 
ATOM   598  C CB  . VAL A 1 77 ? -2.591  4.291   -17.644 1.00 14.70 ? 77  VAL A CB  1 
ATOM   599  C CG1 . VAL A 1 77 ? -3.804  3.436   -17.997 1.00 13.73 ? 77  VAL A CG1 1 
ATOM   600  C CG2 . VAL A 1 77 ? -3.025  5.696   -17.256 1.00 14.53 ? 77  VAL A CG2 1 
ATOM   601  N N   . GLY A 1 78 ? -1.830  1.210   -16.517 1.00 14.50 ? 78  GLY A N   1 
ATOM   602  C CA  . GLY A 1 78 ? -1.353  -0.092  -16.927 1.00 16.89 ? 78  GLY A CA  1 
ATOM   603  C C   . GLY A 1 78 ? -2.094  -1.212  -16.233 1.00 18.37 ? 78  GLY A C   1 
ATOM   604  O O   . GLY A 1 78 ? -2.918  -0.967  -15.356 1.00 16.24 ? 78  GLY A O   1 
ATOM   605  N N   . PRO A 1 79 ? -1.810  -2.466  -16.606 1.00 21.16 ? 79  PRO A N   1 
ATOM   606  C CA  . PRO A 1 79 ? -2.472  -3.621  -15.997 1.00 21.09 ? 79  PRO A CA  1 
ATOM   607  C C   . PRO A 1 79 ? -2.300  -3.637  -14.484 1.00 22.31 ? 79  PRO A C   1 
ATOM   608  O O   . PRO A 1 79 ? -1.183  -3.725  -13.979 1.00 24.51 ? 79  PRO A O   1 
ATOM   609  C CB  . PRO A 1 79 ? -1.785  -4.802  -16.674 1.00 21.53 ? 79  PRO A CB  1 
ATOM   610  C CG  . PRO A 1 79 ? -0.399  -4.274  -16.928 1.00 21.89 ? 79  PRO A CG  1 
ATOM   611  C CD  . PRO A 1 79 ? -0.693  -2.896  -17.464 1.00 20.82 ? 79  PRO A CD  1 
ATOM   612  N N   . THR A 1 80 ? -3.412  -3.539  -13.766 1.00 22.00 ? 80  THR A N   1 
ATOM   613  C CA  . THR A 1 80 ? -3.379  -3.548  -12.312 1.00 22.42 ? 80  THR A CA  1 
ATOM   614  C C   . THR A 1 80 ? -4.736  -3.984  -11.778 1.00 24.36 ? 80  THR A C   1 
ATOM   615  O O   . THR A 1 80 ? -5.771  -3.460  -12.179 1.00 25.11 ? 80  THR A O   1 
ATOM   616  C CB  . THR A 1 80 ? -3.026  -2.151  -11.744 1.00 22.77 ? 80  THR A CB  1 
ATOM   617  O OG1 . THR A 1 80 ? -3.013  -2.204  -10.313 1.00 19.24 ? 80  THR A OG1 1 
ATOM   618  C CG2 . THR A 1 80 ? -4.041  -1.114  -12.196 1.00 22.09 ? 80  THR A CG2 1 
ATOM   619  N N   . PRO A 1 81 ? -4.747  -4.965  -10.869 1.00 25.50 ? 81  PRO A N   1 
ATOM   620  C CA  . PRO A 1 81 ? -5.998  -5.461  -10.294 1.00 25.50 ? 81  PRO A CA  1 
ATOM   621  C C   . PRO A 1 81 ? -6.711  -4.488  -9.352  1.00 24.86 ? 81  PRO A C   1 
ATOM   622  O O   . PRO A 1 81 ? -7.722  -4.841  -8.742  1.00 26.28 ? 81  PRO A O   1 
ATOM   623  C CB  . PRO A 1 81 ? -5.563  -6.745  -9.595  1.00 26.35 ? 81  PRO A CB  1 
ATOM   624  C CG  . PRO A 1 81 ? -4.164  -6.436  -9.176  1.00 25.11 ? 81  PRO A CG  1 
ATOM   625  C CD  . PRO A 1 81 ? -3.598  -5.751  -10.387 1.00 26.40 ? 81  PRO A CD  1 
ATOM   626  N N   . ALA A 1 82 ? -6.192  -3.270  -9.231  1.00 23.25 ? 82  ALA A N   1 
ATOM   627  C CA  . ALA A 1 82 ? -6.814  -2.274  -8.363  1.00 20.51 ? 82  ALA A CA  1 
ATOM   628  C C   . ALA A 1 82 ? -6.221  -0.886  -8.554  1.00 18.81 ? 82  ALA A C   1 
ATOM   629  O O   . ALA A 1 82 ? -5.008  -0.733  -8.655  1.00 20.91 ? 82  ALA A O   1 
ATOM   630  C CB  . ALA A 1 82 ? -6.680  -2.697  -6.903  1.00 20.46 ? 82  ALA A CB  1 
ATOM   631  N N   . ASN A 1 83 ? -7.082  0.126   -8.601  1.00 17.41 ? 83  ASN A N   1 
ATOM   632  C CA  . ASN A 1 83 ? -6.616  1.493   -8.763  1.00 15.48 ? 83  ASN A CA  1 
ATOM   633  C C   . ASN A 1 83 ? -5.986  1.937   -7.447  1.00 15.00 ? 83  ASN A C   1 
ATOM   634  O O   . ASN A 1 83 ? -6.541  1.722   -6.371  1.00 14.38 ? 83  ASN A O   1 
ATOM   635  C CB  . ASN A 1 83 ? -7.772  2.415   -9.147  1.00 17.65 ? 83  ASN A CB  1 
ATOM   636  C CG  . ASN A 1 83 ? -8.489  1.958   -10.405 1.00 19.20 ? 83  ASN A CG  1 
ATOM   637  O OD1 . ASN A 1 83 ? -7.856  1.566   -11.385 1.00 20.65 ? 83  ASN A OD1 1 
ATOM   638  N ND2 . ASN A 1 83 ? -9.816  2.017   -10.388 1.00 20.66 ? 83  ASN A ND2 1 
ATOM   639  N N   . VAL A 1 84 ? -4.821  2.561   -7.546  1.00 13.95 ? 84  VAL A N   1 
ATOM   640  C CA  . VAL A 1 84 ? -4.081  2.994   -6.376  1.00 12.82 ? 84  VAL A CA  1 
ATOM   641  C C   . VAL A 1 84 ? -3.645  4.458   -6.400  1.00 13.22 ? 84  VAL A C   1 
ATOM   642  O O   . VAL A 1 84 ? -3.066  4.931   -7.379  1.00 12.32 ? 84  VAL A O   1 
ATOM   643  C CB  . VAL A 1 84 ? -2.823  2.094   -6.202  1.00 11.83 ? 84  VAL A CB  1 
ATOM   644  C CG1 . VAL A 1 84 ? -1.800  2.762   -5.314  1.00 11.77 ? 84  VAL A CG1 1 
ATOM   645  C CG2 . VAL A 1 84 ? -3.230  0.754   -5.619  1.00 12.61 ? 84  VAL A CG2 1 
ATOM   646  N N   . ILE A 1 85 ? -3.962  5.169   -5.326  1.00 13.89 ? 85  ILE A N   1 
ATOM   647  C CA  . ILE A 1 85 ? -3.532  6.541   -5.151  1.00 13.65 ? 85  ILE A CA  1 
ATOM   648  C C   . ILE A 1 85 ? -2.293  6.482   -4.270  1.00 14.42 ? 85  ILE A C   1 
ATOM   649  O O   . ILE A 1 85 ? -2.380  6.195   -3.076  1.00 13.64 ? 85  ILE A O   1 
ATOM   650  C CB  . ILE A 1 85 ? -4.589  7.421   -4.455  1.00 12.80 ? 85  ILE A CB  1 
ATOM   651  C CG1 . ILE A 1 85 ? -5.928  7.342   -5.201  1.00 13.49 ? 85  ILE A CG1 1 
ATOM   652  C CG2 . ILE A 1 85 ? -4.115  8.867   -4.371  1.00 8.91  ? 85  ILE A CG2 1 
ATOM   653  C CD1 . ILE A 1 85 ? -5.919  7.985   -6.567  1.00 12.73 ? 85  ILE A CD1 1 
ATOM   654  N N   . GLY A 1 86 ? -1.121  6.761   -4.833  1.00 14.88 ? 86  GLY A N   1 
ATOM   655  C CA  . GLY A 1 86 ? 0.112   6.692   -4.065  1.00 14.09 ? 86  GLY A CA  1 
ATOM   656  C C   . GLY A 1 86 ? 0.457   7.943   -3.278  1.00 13.72 ? 86  GLY A C   1 
ATOM   657  O O   . GLY A 1 86 ? -0.318  8.899   -3.220  1.00 13.99 ? 86  GLY A O   1 
ATOM   658  N N   . ARG A 1 87 ? 1.639   7.928   -2.672  1.00 12.73 ? 87  ARG A N   1 
ATOM   659  C CA  . ARG A 1 87 ? 2.128   9.048   -1.872  1.00 11.18 ? 87  ARG A CA  1 
ATOM   660  C C   . ARG A 1 87 ? 2.370   10.313  -2.694  1.00 11.31 ? 87  ARG A C   1 
ATOM   661  O O   . ARG A 1 87 ? 2.293   11.419  -2.168  1.00 13.00 ? 87  ARG A O   1 
ATOM   662  C CB  . ARG A 1 87 ? 3.422   8.646   -1.152  1.00 10.41 ? 87  ARG A CB  1 
ATOM   663  C CG  . ARG A 1 87 ? 3.247   7.466   -0.197  1.00 13.32 ? 87  ARG A CG  1 
ATOM   664  C CD  . ARG A 1 87 ? 4.473   7.211   0.683   1.00 14.00 ? 87  ARG A CD  1 
ATOM   665  N NE  . ARG A 1 87 ? 5.663   6.836   -0.077  1.00 15.93 ? 87  ARG A NE  1 
ATOM   666  C CZ  . ARG A 1 87 ? 6.621   7.684   -0.435  1.00 16.34 ? 87  ARG A CZ  1 
ATOM   667  N NH1 . ARG A 1 87 ? 6.537   8.964   -0.102  1.00 16.90 ? 87  ARG A NH1 1 
ATOM   668  N NH2 . ARG A 1 87 ? 7.662   7.253   -1.129  1.00 17.59 ? 87  ARG A NH2 1 
ATOM   669  N N   . ASN A 1 88 ? 2.663   10.155  -3.979  1.00 11.23 ? 88  ASN A N   1 
ATOM   670  C CA  . ASN A 1 88 ? 2.916   11.304  -4.840  1.00 12.58 ? 88  ASN A CA  1 
ATOM   671  C C   . ASN A 1 88 ? 1.703   12.222  -4.915  1.00 13.12 ? 88  ASN A C   1 
ATOM   672  O O   . ASN A 1 88 ? 1.837   13.415  -5.162  1.00 14.57 ? 88  ASN A O   1 
ATOM   673  C CB  . ASN A 1 88 ? 3.290   10.841  -6.249  1.00 11.28 ? 88  ASN A CB  1 
ATOM   674  C CG  . ASN A 1 88 ? 2.120   10.228  -6.989  1.00 10.62 ? 88  ASN A CG  1 
ATOM   675  O OD1 . ASN A 1 88 ? 1.430   9.347   -6.470  1.00 10.71 ? 88  ASN A OD1 1 
ATOM   676  N ND2 . ASN A 1 88 ? 1.891   10.691  -8.208  1.00 10.49 ? 88  ASN A ND2 1 
ATOM   677  N N   . LEU A 1 89 ? 0.518   11.663  -4.703  1.00 14.49 ? 89  LEU A N   1 
ATOM   678  C CA  . LEU A 1 89 ? -0.710  12.447  -4.757  1.00 14.93 ? 89  LEU A CA  1 
ATOM   679  C C   . LEU A 1 89 ? -1.304  12.668  -3.379  1.00 15.76 ? 89  LEU A C   1 
ATOM   680  O O   . LEU A 1 89 ? -2.011  13.652  -3.155  1.00 14.74 ? 89  LEU A O   1 
ATOM   681  C CB  . LEU A 1 89 ? -1.738  11.756  -5.656  1.00 13.31 ? 89  LEU A CB  1 
ATOM   682  C CG  . LEU A 1 89 ? -1.987  12.365  -7.036  1.00 14.20 ? 89  LEU A CG  1 
ATOM   683  C CD1 . LEU A 1 89 ? -0.731  13.018  -7.577  1.00 14.99 ? 89  LEU A CD1 1 
ATOM   684  C CD2 . LEU A 1 89 ? -2.475  11.276  -7.971  1.00 12.77 ? 89  LEU A CD2 1 
ATOM   685  N N   . MET A 1 90 ? -1.013  11.754  -2.456  1.00 15.35 ? 90  MET A N   1 
ATOM   686  C CA  . MET A 1 90 ? -1.532  11.865  -1.100  1.00 16.36 ? 90  MET A CA  1 
ATOM   687  C C   . MET A 1 90 ? -0.954  13.036  -0.324  1.00 15.12 ? 90  MET A C   1 
ATOM   688  O O   . MET A 1 90 ? -1.610  13.566  0.570   1.00 15.35 ? 90  MET A O   1 
ATOM   689  C CB  . MET A 1 90 ? -1.300  10.545  -0.346  1.00 16.86 ? 90  MET A CB  1 
ATOM   690  C CG  . MET A 1 90 ? -2.263  9.449   -0.759  1.00 17.07 ? 90  MET A CG  1 
ATOM   691  S SD  . MET A 1 90 ? -2.463  8.204   0.534   1.00 20.06 ? 90  MET A SD  1 
ATOM   692  C CE  . MET A 1 90 ? -0.897  7.343   0.404   1.00 18.67 ? 90  MET A CE  1 
ATOM   693  N N   . THR A 1 91 ? 0.264   13.445  -0.664  1.00 15.17 ? 91  THR A N   1 
ATOM   694  C CA  . THR A 1 91 ? 0.889   14.572  0.022   1.00 16.21 ? 91  THR A CA  1 
ATOM   695  C C   . THR A 1 91 ? 0.242   15.874  -0.435  1.00 17.40 ? 91  THR A C   1 
ATOM   696  O O   . THR A 1 91 ? 0.304   16.884  0.262   1.00 19.00 ? 91  THR A O   1 
ATOM   697  C CB  . THR A 1 91 ? 2.407   14.646  -0.261  1.00 14.00 ? 91  THR A CB  1 
ATOM   698  O OG1 . THR A 1 91 ? 2.630   14.747  -1.671  1.00 14.69 ? 91  THR A OG1 1 
ATOM   699  C CG2 . THR A 1 91 ? 3.104   13.407  0.262   1.00 14.49 ? 91  THR A CG2 1 
ATOM   700  N N   . GLN A 1 92 ? -0.382  15.831  -1.609  1.00 18.70 ? 92  GLN A N   1 
ATOM   701  C CA  . GLN A 1 92 ? -1.051  16.987  -2.197  1.00 19.64 ? 92  GLN A CA  1 
ATOM   702  C C   . GLN A 1 92 ? -2.258  17.417  -1.377  1.00 20.40 ? 92  GLN A C   1 
ATOM   703  O O   . GLN A 1 92 ? -2.542  18.610  -1.238  1.00 20.90 ? 92  GLN A O   1 
ATOM   704  C CB  . GLN A 1 92 ? -1.528  16.653  -3.608  1.00 24.06 ? 92  GLN A CB  1 
ATOM   705  C CG  . GLN A 1 92 ? -0.442  16.234  -4.571  1.00 26.10 ? 92  GLN A CG  1 
ATOM   706  C CD  . GLN A 1 92 ? 0.506   17.358  -4.878  1.00 25.93 ? 92  GLN A CD  1 
ATOM   707  O OE1 . GLN A 1 92 ? 1.291   17.764  -4.028  1.00 28.61 ? 92  GLN A OE1 1 
ATOM   708  N NE2 . GLN A 1 92 ? 0.432   17.880  -6.099  1.00 26.45 ? 92  GLN A NE2 1 
ATOM   709  N N   . ILE A 1 93 ? -2.982  16.439  -0.852  1.00 19.44 ? 93  ILE A N   1 
ATOM   710  C CA  . ILE A 1 93 ? -4.162  16.729  -0.060  1.00 19.97 ? 93  ILE A CA  1 
ATOM   711  C C   . ILE A 1 93 ? -3.869  16.680  1.435   1.00 19.56 ? 93  ILE A C   1 
ATOM   712  O O   . ILE A 1 93 ? -4.783  16.625  2.252   1.00 18.90 ? 93  ILE A O   1 
ATOM   713  C CB  . ILE A 1 93 ? -5.300  15.751  -0.412  1.00 20.61 ? 93  ILE A CB  1 
ATOM   714  C CG1 . ILE A 1 93 ? -4.855  14.310  -0.170  1.00 22.33 ? 93  ILE A CG1 1 
ATOM   715  C CG2 . ILE A 1 93 ? -5.680  15.916  -1.879  1.00 21.93 ? 93  ILE A CG2 1 
ATOM   716  C CD1 . ILE A 1 93 ? -5.909  13.285  -0.526  1.00 22.98 ? 93  ILE A CD1 1 
ATOM   717  N N   . GLY A 1 94 ? -2.584  16.711  1.782   1.00 20.66 ? 94  GLY A N   1 
ATOM   718  C CA  . GLY A 1 94 ? -2.180  16.683  3.177   1.00 22.72 ? 94  GLY A CA  1 
ATOM   719  C C   . GLY A 1 94 ? -2.706  15.488  3.947   1.00 23.58 ? 94  GLY A C   1 
ATOM   720  O O   . GLY A 1 94 ? -3.221  15.624  5.052   1.00 24.72 ? 94  GLY A O   1 
ATOM   721  N N   . CYS A 1 95 ? -2.564  14.308  3.364   1.00 23.62 ? 95  CYS A N   1 
ATOM   722  C CA  . CYS A 1 95 ? -3.033  13.081  3.984   1.00 23.98 ? 95  CYS A CA  1 
ATOM   723  C C   . CYS A 1 95 ? -1.964  12.471  4.904   1.00 22.59 ? 95  CYS A C   1 
ATOM   724  O O   . CYS A 1 95 ? -0.869  12.142  4.458   1.00 24.07 ? 95  CYS A O   1 
ATOM   725  C CB  . CYS A 1 95 ? -3.420  12.095  2.879   1.00 26.24 ? 95  CYS A CB  1 
ATOM   726  S SG  . CYS A 1 95 ? -4.207  10.596  3.441   1.00 35.48 ? 95  CYS A SG  1 
ATOM   727  N N   . THR A 1 96 ? -2.280  12.326  6.189   1.00 21.61 ? 96  THR A N   1 
ATOM   728  C CA  . THR A 1 96 ? -1.332  11.751  7.145   1.00 19.53 ? 96  THR A CA  1 
ATOM   729  C C   . THR A 1 96 ? -1.801  10.429  7.733   1.00 19.39 ? 96  THR A C   1 
ATOM   730  O O   . THR A 1 96 ? -2.990  10.106  7.722   1.00 19.68 ? 96  THR A O   1 
ATOM   731  C CB  . THR A 1 96 ? -1.055  12.691  8.337   1.00 18.15 ? 96  THR A CB  1 
ATOM   732  O OG1 . THR A 1 96 ? -2.281  12.954  9.034   1.00 17.51 ? 96  THR A OG1 1 
ATOM   733  C CG2 . THR A 1 96 ? -0.434  13.993  7.864   1.00 17.21 ? 96  THR A CG2 1 
ATOM   734  N N   . LEU A 1 97 ? -0.847  9.672   8.260   1.00 18.04 ? 97  LEU A N   1 
ATOM   735  C CA  . LEU A 1 97 ? -1.137  8.389   8.876   1.00 20.67 ? 97  LEU A CA  1 
ATOM   736  C C   . LEU A 1 97 ? -0.970  8.579   10.385  1.00 22.04 ? 97  LEU A C   1 
ATOM   737  O O   . LEU A 1 97 ? 0.094   8.983   10.851  1.00 23.54 ? 97  LEU A O   1 
ATOM   738  C CB  . LEU A 1 97 ? -0.167  7.334   8.339   1.00 19.82 ? 97  LEU A CB  1 
ATOM   739  C CG  . LEU A 1 97 ? -0.524  5.868   8.550   1.00 19.44 ? 97  LEU A CG  1 
ATOM   740  C CD1 . LEU A 1 97 ? -1.934  5.601   8.047   1.00 18.65 ? 97  LEU A CD1 1 
ATOM   741  C CD2 . LEU A 1 97 ? 0.483   4.999   7.817   1.00 20.32 ? 97  LEU A CD2 1 
ATOM   742  N N   . ASN A 1 98 ? -2.024  8.296   11.145  1.00 24.60 ? 98  ASN A N   1 
ATOM   743  C CA  . ASN A 1 98 ? -1.985  8.481   12.592  1.00 24.96 ? 98  ASN A CA  1 
ATOM   744  C C   . ASN A 1 98 ? -2.332  7.248   13.410  1.00 25.06 ? 98  ASN A C   1 
ATOM   745  O O   . ASN A 1 98 ? -3.157  6.429   13.010  1.00 24.80 ? 98  ASN A O   1 
ATOM   746  C CB  . ASN A 1 98 ? -2.928  9.618   12.985  1.00 25.98 ? 98  ASN A CB  1 
ATOM   747  C CG  . ASN A 1 98 ? -2.564  10.929  12.325  1.00 29.83 ? 98  ASN A CG  1 
ATOM   748  O OD1 . ASN A 1 98 ? -1.531  11.523  12.630  1.00 34.48 ? 98  ASN A OD1 1 
ATOM   749  N ND2 . ASN A 1 98 ? -3.404  11.383  11.404  1.00 30.94 ? 98  ASN A ND2 1 
ATOM   750  N N   . PHE A 1 99 ? -1.687  7.132   14.568  1.00 25.43 ? 99  PHE A N   1 
ATOM   751  C CA  . PHE A 1 99 ? -1.921  6.026   15.489  1.00 26.61 ? 99  PHE A CA  1 
ATOM   752  C C   . PHE A 1 99 ? -1.251  6.315   16.830  1.00 26.95 ? 99  PHE A C   1 
ATOM   753  O O   . PHE A 1 99 ? -0.745  7.414   17.050  1.00 27.84 ? 99  PHE A O   1 
ATOM   754  C CB  . PHE A 1 99 ? -1.390  4.701   14.921  1.00 23.93 ? 99  PHE A CB  1 
ATOM   755  C CG  . PHE A 1 99 ? 0.111   4.610   14.872  1.00 22.56 ? 99  PHE A CG  1 
ATOM   756  C CD1 . PHE A 1 99 ? 0.818   5.114   13.790  1.00 21.73 ? 99  PHE A CD1 1 
ATOM   757  C CD2 . PHE A 1 99 ? 0.815   3.991   15.902  1.00 23.69 ? 99  PHE A CD2 1 
ATOM   758  C CE1 . PHE A 1 99 ? 2.206   5.001   13.730  1.00 21.84 ? 99  PHE A CE1 1 
ATOM   759  C CE2 . PHE A 1 99 ? 2.203   3.874   15.850  1.00 21.47 ? 99  PHE A CE2 1 
ATOM   760  C CZ  . PHE A 1 99 ? 2.897   4.378   14.761  1.00 20.94 ? 99  PHE A CZ  1 
ATOM   761  O OXT . PHE A 1 99 ? -1.262  5.402   17.684  1.00 23.89 ? 99  PHE A OXT 1 
ATOM   762  N N   . PRO B 1 1  ? 1.894   8.488   16.843  1.00 26.10 ? 1   PRO B N   1 
ATOM   763  C CA  . PRO B 1 1  ? 2.452   9.683   16.204  1.00 26.38 ? 1   PRO B CA  1 
ATOM   764  C C   . PRO B 1 1  ? 1.824   9.958   14.845  1.00 27.56 ? 1   PRO B C   1 
ATOM   765  O O   . PRO B 1 1  ? 1.145   9.100   14.284  1.00 30.07 ? 1   PRO B O   1 
ATOM   766  C CB  . PRO B 1 1  ? 3.930   9.340   16.088  1.00 26.09 ? 1   PRO B CB  1 
ATOM   767  C CG  . PRO B 1 1  ? 3.894   7.871   15.829  1.00 26.27 ? 1   PRO B CG  1 
ATOM   768  C CD  . PRO B 1 1  ? 2.880   7.393   16.845  1.00 25.58 ? 1   PRO B CD  1 
ATOM   769  N N   . GLN B 1 2  ? 2.046   11.159  14.324  1.00 27.77 ? 2   GLN B N   1 
ATOM   770  C CA  . GLN B 1 2  ? 1.515   11.527  13.021  1.00 27.75 ? 2   GLN B CA  1 
ATOM   771  C C   . GLN B 1 2  ? 2.603   11.245  11.995  1.00 28.52 ? 2   GLN B C   1 
ATOM   772  O O   . GLN B 1 2  ? 3.779   11.522  12.233  1.00 28.99 ? 2   GLN B O   1 
ATOM   773  C CB  . GLN B 1 2  ? 1.126   13.008  12.991  1.00 27.21 ? 2   GLN B CB  1 
ATOM   774  C CG  . GLN B 1 2  ? 0.484   13.447  11.681  1.00 29.83 ? 2   GLN B CG  1 
ATOM   775  C CD  . GLN B 1 2  ? -0.095  14.858  11.737  1.00 30.54 ? 2   GLN B CD  1 
ATOM   776  O OE1 . GLN B 1 2  ? 0.631   15.843  11.895  1.00 28.15 ? 2   GLN B OE1 1 
ATOM   777  N NE2 . GLN B 1 2  ? -1.414  14.956  11.606  1.00 30.77 ? 2   GLN B NE2 1 
ATOM   778  N N   . ILE B 1 3  ? 2.212   10.681  10.859  1.00 26.90 ? 3   ILE B N   1 
ATOM   779  C CA  . ILE B 1 3  ? 3.172   10.354  9.818   1.00 26.34 ? 3   ILE B CA  1 
ATOM   780  C C   . ILE B 1 3  ? 2.855   11.070  8.508   1.00 24.97 ? 3   ILE B C   1 
ATOM   781  O O   . ILE B 1 3  ? 1.810   10.829  7.904   1.00 25.35 ? 3   ILE B O   1 
ATOM   782  C CB  . ILE B 1 3  ? 3.192   8.828   9.536   1.00 28.28 ? 3   ILE B CB  1 
ATOM   783  C CG1 . ILE B 1 3  ? 3.350   8.043   10.843  1.00 29.07 ? 3   ILE B CG1 1 
ATOM   784  C CG2 . ILE B 1 3  ? 4.337   8.487   8.590   1.00 28.36 ? 3   ILE B CG2 1 
ATOM   785  C CD1 . ILE B 1 3  ? 4.668   8.261   11.546  1.00 27.86 ? 3   ILE B CD1 1 
ATOM   786  N N   . THR B 1 4  ? 3.746   11.960  8.081   1.00 21.87 ? 4   THR B N   1 
ATOM   787  C CA  . THR B 1 4  ? 3.556   12.653  6.816   1.00 21.13 ? 4   THR B CA  1 
ATOM   788  C C   . THR B 1 4  ? 3.985   11.632  5.770   1.00 19.65 ? 4   THR B C   1 
ATOM   789  O O   . THR B 1 4  ? 4.628   10.642  6.107   1.00 19.91 ? 4   THR B O   1 
ATOM   790  C CB  . THR B 1 4  ? 4.433   13.914  6.707   1.00 22.87 ? 4   THR B CB  1 
ATOM   791  O OG1 . THR B 1 4  ? 5.808   13.566  6.919   1.00 25.55 ? 4   THR B OG1 1 
ATOM   792  C CG2 . THR B 1 4  ? 3.999   14.949  7.735   1.00 21.95 ? 4   THR B CG2 1 
ATOM   793  N N   . LEU B 1 5  ? 3.644   11.860  4.508   1.00 18.69 ? 5   LEU B N   1 
ATOM   794  C CA  . LEU B 1 5  ? 3.979   10.891  3.478   1.00 16.46 ? 5   LEU B CA  1 
ATOM   795  C C   . LEU B 1 5  ? 4.962   11.342  2.409   1.00 16.20 ? 5   LEU B C   1 
ATOM   796  O O   . LEU B 1 5  ? 4.921   10.852  1.278   1.00 13.39 ? 5   LEU B O   1 
ATOM   797  C CB  . LEU B 1 5  ? 2.689   10.385  2.823   1.00 17.37 ? 5   LEU B CB  1 
ATOM   798  C CG  . LEU B 1 5  ? 1.784   9.585   3.766   1.00 18.85 ? 5   LEU B CG  1 
ATOM   799  C CD1 . LEU B 1 5  ? 0.429   9.334   3.124   1.00 18.08 ? 5   LEU B CD1 1 
ATOM   800  C CD2 . LEU B 1 5  ? 2.466   8.276   4.119   1.00 17.72 ? 5   LEU B CD2 1 
ATOM   801  N N   . TRP B 1 6  ? 5.850   12.265  2.767   1.00 15.91 ? 6   TRP B N   1 
ATOM   802  C CA  . TRP B 1 6  ? 6.857   12.738  1.825   1.00 16.91 ? 6   TRP B CA  1 
ATOM   803  C C   . TRP B 1 6  ? 7.981   11.720  1.773   1.00 16.50 ? 6   TRP B C   1 
ATOM   804  O O   . TRP B 1 6  ? 8.893   11.817  0.958   1.00 18.56 ? 6   TRP B O   1 
ATOM   805  C CB  . TRP B 1 6  ? 7.400   14.097  2.252   1.00 17.61 ? 6   TRP B CB  1 
ATOM   806  C CG  . TRP B 1 6  ? 6.338   15.129  2.304   1.00 17.09 ? 6   TRP B CG  1 
ATOM   807  C CD1 . TRP B 1 6  ? 5.549   15.446  3.372   1.00 16.82 ? 6   TRP B CD1 1 
ATOM   808  C CD2 . TRP B 1 6  ? 5.899   15.950  1.220   1.00 14.34 ? 6   TRP B CD2 1 
ATOM   809  N NE1 . TRP B 1 6  ? 4.642   16.417  3.018   1.00 16.58 ? 6   TRP B NE1 1 
ATOM   810  C CE2 . TRP B 1 6  ? 4.834   16.744  1.701   1.00 15.79 ? 6   TRP B CE2 1 
ATOM   811  C CE3 . TRP B 1 6  ? 6.299   16.089  -0.112  1.00 13.78 ? 6   TRP B CE3 1 
ATOM   812  C CZ2 . TRP B 1 6  ? 4.165   17.666  0.895   1.00 15.52 ? 6   TRP B CZ2 1 
ATOM   813  C CZ3 . TRP B 1 6  ? 5.633   17.005  -0.916  1.00 14.19 ? 6   TRP B CZ3 1 
ATOM   814  C CH2 . TRP B 1 6  ? 4.578   17.781  -0.409  1.00 15.30 ? 6   TRP B CH2 1 
ATOM   815  N N   . GLN B 1 7  ? 7.900   10.741  2.664   1.00 16.87 ? 7   GLN B N   1 
ATOM   816  C CA  . GLN B 1 7  ? 8.880   9.668   2.738   1.00 17.72 ? 7   GLN B CA  1 
ATOM   817  C C   . GLN B 1 7  ? 8.083   8.393   2.961   1.00 15.06 ? 7   GLN B C   1 
ATOM   818  O O   . GLN B 1 7  ? 6.920   8.451   3.352   1.00 14.53 ? 7   GLN B O   1 
ATOM   819  C CB  . GLN B 1 7  ? 9.828   9.892   3.918   1.00 20.29 ? 7   GLN B CB  1 
ATOM   820  C CG  . GLN B 1 7  ? 10.345  11.309  4.034   1.00 27.10 ? 7   GLN B CG  1 
ATOM   821  C CD  . GLN B 1 7  ? 11.294  11.486  5.200   1.00 30.75 ? 7   GLN B CD  1 
ATOM   822  O OE1 . GLN B 1 7  ? 12.399  10.947  5.200   1.00 33.12 ? 7   GLN B OE1 1 
ATOM   823  N NE2 . GLN B 1 7  ? 10.861  12.243  6.209   1.00 30.85 ? 7   GLN B NE2 1 
ATOM   824  N N   A ARG B 1 8  ? 8.704   7.245   2.712   0.50 14.52 ? 8   ARG B N   1 
ATOM   825  N N   B ARG B 1 8  ? 8.703   7.246   2.707   0.13 14.06 ? 8   ARG B N   1 
ATOM   826  C CA  A ARG B 1 8  ? 8.028   5.971   2.909   0.50 13.52 ? 8   ARG B CA  1 
ATOM   827  C CA  B ARG B 1 8  ? 8.031   5.967   2.901   0.13 12.76 ? 8   ARG B CA  1 
ATOM   828  C C   A ARG B 1 8  ? 7.710   5.815   4.388   0.50 13.08 ? 8   ARG B C   1 
ATOM   829  C C   B ARG B 1 8  ? 7.716   5.799   4.385   0.13 12.86 ? 8   ARG B C   1 
ATOM   830  O O   A ARG B 1 8  ? 8.554   6.081   5.240   0.50 11.91 ? 8   ARG B O   1 
ATOM   831  O O   B ARG B 1 8  ? 8.573   6.034   5.236   0.13 12.28 ? 8   ARG B O   1 
ATOM   832  C CB  A ARG B 1 8  ? 8.924   4.812   2.470   0.50 13.60 ? 8   ARG B CB  1 
ATOM   833  C CB  B ARG B 1 8  ? 8.924   4.819   2.419   0.13 11.13 ? 8   ARG B CB  1 
ATOM   834  C CG  A ARG B 1 8  ? 9.389   4.872   1.025   0.50 14.80 ? 8   ARG B CG  1 
ATOM   835  C CG  B ARG B 1 8  ? 9.176   4.813   0.914   0.13 9.28  ? 8   ARG B CG  1 
ATOM   836  C CD  A ARG B 1 8  ? 10.905  4.850   0.957   0.50 14.68 ? 8   ARG B CD  1 
ATOM   837  C CD  B ARG B 1 8  ? 10.044  3.631   0.507   0.13 6.81  ? 8   ARG B CD  1 
ATOM   838  N NE  A ARG B 1 8  ? 11.465  3.652   1.579   0.50 14.38 ? 8   ARG B NE  1 
ATOM   839  N NE  B ARG B 1 8  ? 10.145  3.480   -0.943  0.13 4.27  ? 8   ARG B NE  1 
ATOM   840  C CZ  A ARG B 1 8  ? 12.752  3.501   1.874   0.50 14.23 ? 8   ARG B CZ  1 
ATOM   841  C CZ  B ARG B 1 8  ? 10.772  4.327   -1.753  0.13 3.30  ? 8   ARG B CZ  1 
ATOM   842  N NH1 A ARG B 1 8  ? 13.615  4.471   1.605   0.50 13.57 ? 8   ARG B NH1 1 
ATOM   843  N NH1 B ARG B 1 8  ? 11.369  5.407   -1.267  0.13 3.94  ? 8   ARG B NH1 1 
ATOM   844  N NH2 A ARG B 1 8  ? 13.179  2.379   2.438   0.50 15.11 ? 8   ARG B NH2 1 
ATOM   845  N NH2 B ARG B 1 8  ? 10.806  4.092   -3.056  0.13 3.20  ? 8   ARG B NH2 1 
ATOM   846  N N   . PRO B 1 9  ? 6.477   5.398   4.716   1.00 12.96 ? 9   PRO B N   1 
ATOM   847  C CA  . PRO B 1 9  ? 6.083   5.213   6.117   1.00 13.19 ? 9   PRO B CA  1 
ATOM   848  C C   . PRO B 1 9  ? 6.712   3.954   6.725   1.00 14.51 ? 9   PRO B C   1 
ATOM   849  O O   . PRO B 1 9  ? 6.066   2.914   6.845   1.00 14.43 ? 9   PRO B O   1 
ATOM   850  C CB  . PRO B 1 9  ? 4.562   5.137   6.033   1.00 14.18 ? 9   PRO B CB  1 
ATOM   851  C CG  . PRO B 1 9  ? 4.339   4.468   4.721   1.00 14.75 ? 9   PRO B CG  1 
ATOM   852  C CD  . PRO B 1 9  ? 5.339   5.160   3.810   1.00 12.77 ? 9   PRO B CD  1 
ATOM   853  N N   . LEU B 1 10 ? 7.982   4.062   7.103   1.00 15.86 ? 10  LEU B N   1 
ATOM   854  C CA  . LEU B 1 10 ? 8.720   2.942   7.687   1.00 16.31 ? 10  LEU B CA  1 
ATOM   855  C C   . LEU B 1 10 ? 8.707   2.945   9.202   1.00 16.13 ? 10  LEU B C   1 
ATOM   856  O O   . LEU B 1 10 ? 8.901   3.983   9.830   1.00 17.82 ? 10  LEU B O   1 
ATOM   857  C CB  . LEU B 1 10 ? 10.177  2.965   7.232   1.00 14.44 ? 10  LEU B CB  1 
ATOM   858  C CG  . LEU B 1 10 ? 10.474  2.682   5.767   1.00 14.50 ? 10  LEU B CG  1 
ATOM   859  C CD1 . LEU B 1 10 ? 11.943  2.956   5.504   1.00 15.46 ? 10  LEU B CD1 1 
ATOM   860  C CD2 . LEU B 1 10 ? 10.122  1.243   5.442   1.00 12.34 ? 10  LEU B CD2 1 
ATOM   861  N N   . VAL B 1 11 ? 8.489   1.774   9.784   1.00 14.85 ? 11  VAL B N   1 
ATOM   862  C CA  . VAL B 1 11 ? 8.492   1.633   11.228  1.00 14.52 ? 11  VAL B CA  1 
ATOM   863  C C   . VAL B 1 11 ? 9.406   0.478   11.587  1.00 14.87 ? 11  VAL B C   1 
ATOM   864  O O   . VAL B 1 11 ? 9.617   -0.429  10.784  1.00 13.97 ? 11  VAL B O   1 
ATOM   865  C CB  . VAL B 1 11 ? 7.078   1.360   11.786  1.00 13.75 ? 11  VAL B CB  1 
ATOM   866  C CG1 . VAL B 1 11 ? 6.198   2.577   11.562  1.00 16.28 ? 11  VAL B CG1 1 
ATOM   867  C CG2 . VAL B 1 11 ? 6.475   0.136   11.123  1.00 12.26 ? 11  VAL B CG2 1 
ATOM   868  N N   . THR B 1 12 ? 9.964   0.517   12.789  1.00 15.21 ? 12  THR B N   1 
ATOM   869  C CA  . THR B 1 12 ? 10.848  -0.548  13.217  1.00 16.57 ? 12  THR B CA  1 
ATOM   870  C C   . THR B 1 12 ? 10.035  -1.652  13.881  1.00 15.85 ? 12  THR B C   1 
ATOM   871  O O   . THR B 1 12 ? 9.172   -1.397  14.715  1.00 14.90 ? 12  THR B O   1 
ATOM   872  C CB  . THR B 1 12 ? 11.927  -0.011  14.170  1.00 18.70 ? 12  THR B CB  1 
ATOM   873  O OG1 . THR B 1 12 ? 12.670  1.018   13.502  1.00 18.90 ? 12  THR B OG1 1 
ATOM   874  C CG2 . THR B 1 12 ? 12.885  -1.121  14.565  1.00 20.68 ? 12  THR B CG2 1 
ATOM   875  N N   . ILE B 1 13 ? 10.320  -2.887  13.490  1.00 17.46 ? 13  ILE B N   1 
ATOM   876  C CA  . ILE B 1 13 ? 9.600   -4.045  14.003  1.00 17.82 ? 13  ILE B CA  1 
ATOM   877  C C   . ILE B 1 13 ? 10.458  -5.037  14.787  1.00 17.41 ? 13  ILE B C   1 
ATOM   878  O O   . ILE B 1 13 ? 11.646  -5.215  14.516  1.00 17.03 ? 13  ILE B O   1 
ATOM   879  C CB  . ILE B 1 13 ? 8.883   -4.789  12.830  1.00 16.78 ? 13  ILE B CB  1 
ATOM   880  C CG1 . ILE B 1 13 ? 7.409   -4.379  12.779  1.00 18.70 ? 13  ILE B CG1 1 
ATOM   881  C CG2 . ILE B 1 13 ? 9.012   -6.295  12.977  1.00 18.70 ? 13  ILE B CG2 1 
ATOM   882  C CD1 . ILE B 1 13 ? 7.182   -2.901  12.532  1.00 17.27 ? 13  ILE B CD1 1 
ATOM   883  N N   . LYS B 1 14 ? 9.827   -5.674  15.768  1.00 17.54 ? 14  LYS B N   1 
ATOM   884  C CA  . LYS B 1 14 ? 10.469  -6.678  16.602  1.00 18.79 ? 14  LYS B CA  1 
ATOM   885  C C   . LYS B 1 14 ? 9.544   -7.894  16.482  1.00 18.27 ? 14  LYS B C   1 
ATOM   886  O O   . LYS B 1 14 ? 8.436   -7.893  17.013  1.00 18.60 ? 14  LYS B O   1 
ATOM   887  C CB  . LYS B 1 14 ? 10.536  -6.187  18.051  1.00 20.70 ? 14  LYS B CB  1 
ATOM   888  C CG  . LYS B 1 14 ? 11.661  -6.777  18.892  1.00 21.35 ? 14  LYS B CG  1 
ATOM   889  C CD  . LYS B 1 14 ? 11.516  -8.276  19.096  1.00 25.25 ? 14  LYS B CD  1 
ATOM   890  C CE  . LYS B 1 14 ? 12.637  -8.823  19.980  1.00 25.70 ? 14  LYS B CE  1 
ATOM   891  N NZ  . LYS B 1 14 ? 12.656  -8.199  21.337  1.00 24.69 ? 14  LYS B NZ  1 
ATOM   892  N N   . ILE B 1 15 ? 9.991   -8.919  15.765  1.00 16.37 ? 15  ILE B N   1 
ATOM   893  C CA  . ILE B 1 15 ? 9.179   -10.112 15.566  1.00 15.44 ? 15  ILE B CA  1 
ATOM   894  C C   . ILE B 1 15 ? 10.008  -11.387 15.681  1.00 15.14 ? 15  ILE B C   1 
ATOM   895  O O   . ILE B 1 15 ? 11.027  -11.542 15.014  1.00 15.87 ? 15  ILE B O   1 
ATOM   896  C CB  . ILE B 1 15 ? 8.481   -10.070 14.180  1.00 15.36 ? 15  ILE B CB  1 
ATOM   897  C CG1 . ILE B 1 15 ? 7.585   -11.301 14.001  1.00 15.92 ? 15  ILE B CG1 1 
ATOM   898  C CG2 . ILE B 1 15 ? 9.530   -9.986  13.068  1.00 11.35 ? 15  ILE B CG2 1 
ATOM   899  C CD1 . ILE B 1 15 ? 6.696   -11.240 12.765  1.00 12.46 ? 15  ILE B CD1 1 
ATOM   900  N N   . GLY B 1 16 ? 9.564   -12.303 16.535  1.00 16.60 ? 16  GLY B N   1 
ATOM   901  C CA  . GLY B 1 16 ? 10.289  -13.545 16.720  1.00 17.07 ? 16  GLY B CA  1 
ATOM   902  C C   . GLY B 1 16 ? 11.717  -13.276 17.150  1.00 16.97 ? 16  GLY B C   1 
ATOM   903  O O   . GLY B 1 16 ? 12.643  -13.971 16.729  1.00 16.74 ? 16  GLY B O   1 
ATOM   904  N N   . GLY B 1 17 ? 11.891  -12.260 17.992  1.00 16.44 ? 17  GLY B N   1 
ATOM   905  C CA  . GLY B 1 17 ? 13.214  -11.902 18.468  1.00 16.29 ? 17  GLY B CA  1 
ATOM   906  C C   . GLY B 1 17 ? 14.095  -11.296 17.390  1.00 17.56 ? 17  GLY B C   1 
ATOM   907  O O   . GLY B 1 17 ? 15.284  -11.077 17.607  1.00 18.90 ? 17  GLY B O   1 
ATOM   908  N N   . GLN B 1 18 ? 13.515  -11.014 16.227  1.00 17.33 ? 18  GLN B N   1 
ATOM   909  C CA  . GLN B 1 18 ? 14.268  -10.441 15.119  1.00 17.55 ? 18  GLN B CA  1 
ATOM   910  C C   . GLN B 1 18 ? 13.833  -9.010  14.809  1.00 18.60 ? 18  GLN B C   1 
ATOM   911  O O   . GLN B 1 18 ? 12.639  -8.708  14.772  1.00 18.65 ? 18  GLN B O   1 
ATOM   912  C CB  . GLN B 1 18 ? 14.106  -11.333 13.889  1.00 17.87 ? 18  GLN B CB  1 
ATOM   913  C CG  . GLN B 1 18 ? 14.643  -12.737 14.115  1.00 17.89 ? 18  GLN B CG  1 
ATOM   914  C CD  . GLN B 1 18 ? 13.949  -13.775 13.267  1.00 16.64 ? 18  GLN B CD  1 
ATOM   915  O OE1 . GLN B 1 18 ? 14.008  -13.736 12.044  1.00 16.30 ? 18  GLN B OE1 1 
ATOM   916  N NE2 . GLN B 1 18 ? 13.284  -14.716 13.919  1.00 19.48 ? 18  GLN B NE2 1 
ATOM   917  N N   . LEU B 1 19 ? 14.811  -8.134  14.594  1.00 18.73 ? 19  LEU B N   1 
ATOM   918  C CA  . LEU B 1 19 ? 14.539  -6.731  14.304  1.00 19.16 ? 19  LEU B CA  1 
ATOM   919  C C   . LEU B 1 19 ? 14.513  -6.483  12.807  1.00 19.95 ? 19  LEU B C   1 
ATOM   920  O O   . LEU B 1 19 ? 15.337  -7.021  12.071  1.00 20.55 ? 19  LEU B O   1 
ATOM   921  C CB  . LEU B 1 19 ? 15.609  -5.841  14.939  1.00 19.10 ? 19  LEU B CB  1 
ATOM   922  C CG  . LEU B 1 19 ? 15.969  -6.094  16.405  1.00 19.35 ? 19  LEU B CG  1 
ATOM   923  C CD1 . LEU B 1 19 ? 17.026  -5.090  16.833  1.00 18.67 ? 19  LEU B CD1 1 
ATOM   924  C CD2 . LEU B 1 19 ? 14.732  -5.984  17.288  1.00 18.17 ? 19  LEU B CD2 1 
ATOM   925  N N   . ARG B 1 20 ? 13.568  -5.663  12.358  1.00 20.66 ? 20  ARG B N   1 
ATOM   926  C CA  . ARG B 1 20 ? 13.440  -5.344  10.940  1.00 21.66 ? 20  ARG B CA  1 
ATOM   927  C C   . ARG B 1 20 ? 12.582  -4.111  10.708  1.00 20.83 ? 20  ARG B C   1 
ATOM   928  O O   . ARG B 1 20 ? 11.853  -3.679  11.595  1.00 22.39 ? 20  ARG B O   1 
ATOM   929  C CB  . ARG B 1 20 ? 12.841  -6.535  10.185  1.00 22.91 ? 20  ARG B CB  1 
ATOM   930  C CG  . ARG B 1 20 ? 13.875  -7.564  9.742   1.00 23.51 ? 20  ARG B CG  1 
ATOM   931  C CD  . ARG B 1 20 ? 13.229  -8.896  9.457   1.00 24.98 ? 20  ARG B CD  1 
ATOM   932  N NE  . ARG B 1 20 ? 14.192  -9.916  9.044   1.00 26.72 ? 20  ARG B NE  1 
ATOM   933  C CZ  . ARG B 1 20 ? 15.287  -10.242 9.727   1.00 25.92 ? 20  ARG B CZ  1 
ATOM   934  N NH1 . ARG B 1 20 ? 15.577  -9.625  10.865  1.00 23.10 ? 20  ARG B NH1 1 
ATOM   935  N NH2 . ARG B 1 20 ? 16.084  -11.200 9.277   1.00 25.67 ? 20  ARG B NH2 1 
ATOM   936  N N   . GLU B 1 21 ? 12.685  -3.534  9.516   1.00 20.02 ? 21  GLU B N   1 
ATOM   937  C CA  . GLU B 1 21 ? 11.880  -2.364  9.188   1.00 19.46 ? 21  GLU B CA  1 
ATOM   938  C C   . GLU B 1 21 ? 10.749  -2.781  8.255   1.00 17.23 ? 21  GLU B C   1 
ATOM   939  O O   . GLU B 1 21 ? 10.931  -3.609  7.366   1.00 17.41 ? 21  GLU B O   1 
ATOM   940  C CB  . GLU B 1 21 ? 12.726  -1.278  8.522   1.00 19.66 ? 21  GLU B CB  1 
ATOM   941  C CG  . GLU B 1 21 ? 13.864  -0.763  9.380   1.00 23.75 ? 21  GLU B CG  1 
ATOM   942  C CD  . GLU B 1 21 ? 14.467  0.515   8.833   1.00 26.24 ? 21  GLU B CD  1 
ATOM   943  O OE1 . GLU B 1 21 ? 13.840  1.585   8.985   1.00 25.57 ? 21  GLU B OE1 1 
ATOM   944  O OE2 . GLU B 1 21 ? 15.565  0.446   8.239   1.00 27.34 ? 21  GLU B OE2 1 
ATOM   945  N N   . ALA B 1 22 ? 9.575   -2.213  8.474   1.00 15.07 ? 22  ALA B N   1 
ATOM   946  C CA  . ALA B 1 22 ? 8.429   -2.535  7.651   1.00 13.86 ? 22  ALA B CA  1 
ATOM   947  C C   . ALA B 1 22 ? 7.758   -1.262  7.174   1.00 14.42 ? 22  ALA B C   1 
ATOM   948  O O   . ALA B 1 22 ? 7.952   -0.182  7.738   1.00 13.15 ? 22  ALA B O   1 
ATOM   949  C CB  . ALA B 1 22 ? 7.445   -3.390  8.429   1.00 10.71 ? 22  ALA B CB  1 
ATOM   950  N N   . LEU B 1 23 ? 6.960   -1.410  6.130   1.00 14.57 ? 23  LEU B N   1 
ATOM   951  C CA  . LEU B 1 23 ? 6.251   -0.299  5.526   1.00 15.77 ? 23  LEU B CA  1 
ATOM   952  C C   . LEU B 1 23 ? 4.781   -0.355  5.941   1.00 14.74 ? 23  LEU B C   1 
ATOM   953  O O   . LEU B 1 23 ? 4.115   -1.367  5.714   1.00 15.36 ? 23  LEU B O   1 
ATOM   954  C CB  . LEU B 1 23 ? 6.374   -0.426  4.005   1.00 17.05 ? 23  LEU B CB  1 
ATOM   955  C CG  . LEU B 1 23 ? 6.377   0.773   3.061   1.00 18.08 ? 23  LEU B CG  1 
ATOM   956  C CD1 . LEU B 1 23 ? 7.558   1.668   3.367   1.00 18.62 ? 23  LEU B CD1 1 
ATOM   957  C CD2 . LEU B 1 23 ? 6.474   0.269   1.628   1.00 18.29 ? 23  LEU B CD2 1 
ATOM   958  N N   . LEU B 1 24 ? 4.289   0.707   6.581   1.00 13.55 ? 24  LEU B N   1 
ATOM   959  C CA  . LEU B 1 24 ? 2.885   0.791   6.950   1.00 13.23 ? 24  LEU B CA  1 
ATOM   960  C C   . LEU B 1 24 ? 2.151   0.918   5.641   1.00 12.93 ? 24  LEU B C   1 
ATOM   961  O O   . LEU B 1 24 ? 2.161   1.978   4.996   1.00 13.05 ? 24  LEU B O   1 
ATOM   962  C CB  . LEU B 1 24 ? 2.593   1.981   7.862   1.00 13.32 ? 24  LEU B CB  1 
ATOM   963  C CG  . LEU B 1 24 ? 3.195   1.953   9.270   1.00 15.26 ? 24  LEU B CG  1 
ATOM   964  C CD1 . LEU B 1 24 ? 2.886   3.241   10.008  1.00 14.00 ? 24  LEU B CD1 1 
ATOM   965  C CD2 . LEU B 1 24 ? 2.685   0.748   10.049  1.00 13.82 ? 24  LEU B CD2 1 
ATOM   966  N N   . ASP B 1 25 ? 1.505   -0.157  5.219   1.00 12.29 ? 25  ASP B N   1 
ATOM   967  C CA  . ASP B 1 25 ? 0.824   -0.195  3.940   1.00 12.02 ? 25  ASP B CA  1 
ATOM   968  C C   . ASP B 1 25 ? -0.694  -0.304  4.056   1.00 11.65 ? 25  ASP B C   1 
ATOM   969  O O   . ASP B 1 25 ? -1.229  -1.382  4.320   1.00 9.76  ? 25  ASP B O   1 
ATOM   970  C CB  . ASP B 1 25 ? 1.388   -1.372  3.144   1.00 12.55 ? 25  ASP B CB  1 
ATOM   971  C CG  . ASP B 1 25 ? 0.920   -1.391  1.720   1.00 15.40 ? 25  ASP B CG  1 
ATOM   972  O OD1 . ASP B 1 25 ? 0.475   -0.337  1.226   1.00 18.35 ? 25  ASP B OD1 1 
ATOM   973  O OD2 . ASP B 1 25 ? 1.013   -2.460  1.087   1.00 19.26 ? 25  ASP B OD2 1 
ATOM   974  N N   . THR B 1 26 ? -1.385  0.815   3.859   1.00 10.95 ? 26  THR B N   1 
ATOM   975  C CA  . THR B 1 26 ? -2.840  0.823   3.936   1.00 11.61 ? 26  THR B CA  1 
ATOM   976  C C   . THR B 1 26 ? -3.443  0.110   2.729   1.00 11.69 ? 26  THR B C   1 
ATOM   977  O O   . THR B 1 26 ? -4.578  -0.357  2.778   1.00 14.29 ? 26  THR B O   1 
ATOM   978  C CB  . THR B 1 26 ? -3.402  2.262   3.999   1.00 11.72 ? 26  THR B CB  1 
ATOM   979  O OG1 . THR B 1 26 ? -2.967  3.001   2.853   1.00 12.98 ? 26  THR B OG1 1 
ATOM   980  C CG2 . THR B 1 26 ? -2.931  2.963   5.259   1.00 11.46 ? 26  THR B CG2 1 
ATOM   981  N N   . GLY B 1 27 ? -2.676  0.024   1.648   1.00 11.37 ? 27  GLY B N   1 
ATOM   982  C CA  . GLY B 1 27 ? -3.156  -0.645  0.454   1.00 10.47 ? 27  GLY B CA  1 
ATOM   983  C C   . GLY B 1 27 ? -2.926  -2.144  0.501   1.00 12.60 ? 27  GLY B C   1 
ATOM   984  O O   . GLY B 1 27 ? -3.045  -2.826  -0.513  1.00 13.49 ? 27  GLY B O   1 
ATOM   985  N N   . ALA B 1 28 ? -2.590  -2.663  1.677   1.00 13.65 ? 28  ALA B N   1 
ATOM   986  C CA  . ALA B 1 28 ? -2.350  -4.091  1.838   1.00 14.82 ? 28  ALA B CA  1 
ATOM   987  C C   . ALA B 1 28 ? -3.306  -4.658  2.875   1.00 17.27 ? 28  ALA B C   1 
ATOM   988  O O   . ALA B 1 28 ? -3.446  -4.099  3.962   1.00 20.21 ? 28  ALA B O   1 
ATOM   989  C CB  . ALA B 1 28 ? -0.915  -4.332  2.269   1.00 13.09 ? 28  ALA B CB  1 
ATOM   990  N N   . ASP B 1 29 ? -3.967  -5.762  2.540   1.00 17.80 ? 29  ASP B N   1 
ATOM   991  C CA  . ASP B 1 29 ? -4.905  -6.385  3.465   1.00 19.91 ? 29  ASP B CA  1 
ATOM   992  C C   . ASP B 1 29 ? -4.175  -7.182  4.534   1.00 19.98 ? 29  ASP B C   1 
ATOM   993  O O   . ASP B 1 29 ? -4.639  -7.272  5.670   1.00 20.54 ? 29  ASP B O   1 
ATOM   994  C CB  . ASP B 1 29 ? -5.870  -7.325  2.727   1.00 23.80 ? 29  ASP B CB  1 
ATOM   995  C CG  . ASP B 1 29 ? -6.760  -6.603  1.725   1.00 28.16 ? 29  ASP B CG  1 
ATOM   996  O OD1 . ASP B 1 29 ? -6.904  -5.361  1.816   1.00 29.44 ? 29  ASP B OD1 1 
ATOM   997  O OD2 . ASP B 1 29 ? -7.332  -7.288  0.849   1.00 29.36 ? 29  ASP B OD2 1 
ATOM   998  N N   . ASP B 1 30 ? -3.035  -7.764  4.164   1.00 20.71 ? 30  ASP B N   1 
ATOM   999  C CA  . ASP B 1 30 ? -2.250  -8.577  5.089   1.00 19.49 ? 30  ASP B CA  1 
ATOM   1000 C C   . ASP B 1 30 ? -0.818  -8.101  5.261   1.00 18.79 ? 30  ASP B C   1 
ATOM   1001 O O   . ASP B 1 30 ? -0.352  -7.200  4.563   1.00 19.94 ? 30  ASP B O   1 
ATOM   1002 C CB  . ASP B 1 30 ? -2.214  -10.029 4.621   1.00 20.69 ? 30  ASP B CB  1 
ATOM   1003 C CG  . ASP B 1 30 ? -3.545  -10.506 4.110   1.00 22.98 ? 30  ASP B CG  1 
ATOM   1004 O OD1 . ASP B 1 30 ? -4.507  -10.520 4.902   1.00 23.71 ? 30  ASP B OD1 1 
ATOM   1005 O OD2 . ASP B 1 30 ? -3.628  -10.863 2.913   1.00 24.95 ? 30  ASP B OD2 1 
ATOM   1006 N N   . THR B 1 31 ? -0.128  -8.736  6.201   1.00 18.37 ? 31  THR B N   1 
ATOM   1007 C CA  . THR B 1 31 ? 1.256   -8.428  6.519   1.00 18.07 ? 31  THR B CA  1 
ATOM   1008 C C   . THR B 1 31 ? 2.140   -9.503  5.899   1.00 18.26 ? 31  THR B C   1 
ATOM   1009 O O   . THR B 1 31 ? 1.810   -10.691 5.943   1.00 17.21 ? 31  THR B O   1 
ATOM   1010 C CB  . THR B 1 31 ? 1.463   -8.413  8.045   1.00 19.09 ? 31  THR B CB  1 
ATOM   1011 O OG1 . THR B 1 31 ? 0.665   -7.370  8.617   1.00 21.59 ? 31  THR B OG1 1 
ATOM   1012 C CG2 . THR B 1 31 ? 2.922   -8.184  8.394   1.00 17.51 ? 31  THR B CG2 1 
ATOM   1013 N N   . ILE B 1 32 ? 3.262   -9.090  5.324   1.00 17.24 ? 32  ILE B N   1 
ATOM   1014 C CA  . ILE B 1 32 ? 4.162   -10.041 4.692   1.00 17.37 ? 32  ILE B CA  1 
ATOM   1015 C C   . ILE B 1 32 ? 5.628   -9.637  4.877   1.00 17.57 ? 32  ILE B C   1 
ATOM   1016 O O   . ILE B 1 32 ? 5.988   -8.468  4.741   1.00 17.57 ? 32  ILE B O   1 
ATOM   1017 C CB  . ILE B 1 32 ? 3.801   -10.178 3.171   1.00 17.75 ? 32  ILE B CB  1 
ATOM   1018 C CG1 . ILE B 1 32 ? 4.398   -11.462 2.583   1.00 18.46 ? 32  ILE B CG1 1 
ATOM   1019 C CG2 . ILE B 1 32 ? 4.243   -8.939  2.405   1.00 14.24 ? 32  ILE B CG2 1 
ATOM   1020 C CD1 . ILE B 1 32 ? 5.894   -11.468 2.425   1.00 20.15 ? 32  ILE B CD1 1 
ATOM   1021 N N   . PHE B 1 33 ? 6.462   -10.615 5.220   1.00 17.82 ? 33  PHE B N   1 
ATOM   1022 C CA  . PHE B 1 33 ? 7.895   -10.393 5.409   1.00 19.82 ? 33  PHE B CA  1 
ATOM   1023 C C   . PHE B 1 33 ? 8.679   -11.292 4.458   1.00 21.95 ? 33  PHE B C   1 
ATOM   1024 O O   . PHE B 1 33 ? 8.263   -12.414 4.174   1.00 20.92 ? 33  PHE B O   1 
ATOM   1025 C CB  . PHE B 1 33 ? 8.310   -10.685 6.855   1.00 17.64 ? 33  PHE B CB  1 
ATOM   1026 C CG  . PHE B 1 33 ? 7.929   -9.608  7.819   1.00 17.32 ? 33  PHE B CG  1 
ATOM   1027 C CD1 . PHE B 1 33 ? 6.607   -9.443  8.219   1.00 17.62 ? 33  PHE B CD1 1 
ATOM   1028 C CD2 . PHE B 1 33 ? 8.892   -8.733  8.312   1.00 16.46 ? 33  PHE B CD2 1 
ATOM   1029 C CE1 . PHE B 1 33 ? 6.247   -8.421  9.096   1.00 15.36 ? 33  PHE B CE1 1 
ATOM   1030 C CE2 . PHE B 1 33 ? 8.540   -7.709  9.189   1.00 16.00 ? 33  PHE B CE2 1 
ATOM   1031 C CZ  . PHE B 1 33 ? 7.215   -7.554  9.580   1.00 16.05 ? 33  PHE B CZ  1 
ATOM   1032 N N   . GLU B 1 34 ? 9.820   -10.799 3.982   1.00 25.04 ? 34  GLU B N   1 
ATOM   1033 C CA  . GLU B 1 34 ? 10.640  -11.547 3.036   1.00 30.29 ? 34  GLU B CA  1 
ATOM   1034 C C   . GLU B 1 34 ? 11.516  -12.642 3.628   1.00 31.89 ? 34  GLU B C   1 
ATOM   1035 O O   . GLU B 1 34 ? 11.600  -13.734 3.066   1.00 34.83 ? 34  GLU B O   1 
ATOM   1036 C CB  . GLU B 1 34 ? 11.525  -10.591 2.225   1.00 32.36 ? 34  GLU B CB  1 
ATOM   1037 C CG  . GLU B 1 34 ? 12.622  -9.914  3.031   1.00 36.54 ? 34  GLU B CG  1 
ATOM   1038 C CD  . GLU B 1 34 ? 13.450  -8.940  2.207   1.00 39.22 ? 34  GLU B CD  1 
ATOM   1039 O OE1 . GLU B 1 34 ? 12.885  -7.932  1.727   1.00 40.63 ? 34  GLU B OE1 1 
ATOM   1040 O OE2 . GLU B 1 34 ? 14.666  -9.184  2.041   1.00 40.20 ? 34  GLU B OE2 1 
ATOM   1041 N N   . GLU B 1 35 ? 12.173  -12.371 4.750   1.00 32.42 ? 35  GLU B N   1 
ATOM   1042 C CA  . GLU B 1 35 ? 13.049  -13.386 5.319   1.00 32.93 ? 35  GLU B CA  1 
ATOM   1043 C C   . GLU B 1 35 ? 13.212  -13.334 6.833   1.00 31.62 ? 35  GLU B C   1 
ATOM   1044 O O   . GLU B 1 35 ? 14.096  -12.655 7.357   1.00 32.91 ? 35  GLU B O   1 
ATOM   1045 C CB  . GLU B 1 35 ? 14.430  -13.301 4.658   1.00 36.48 ? 35  GLU B CB  1 
ATOM   1046 C CG  . GLU B 1 35 ? 15.154  -14.638 4.561   1.00 42.19 ? 35  GLU B CG  1 
ATOM   1047 C CD  . GLU B 1 35 ? 14.488  -15.593 3.579   1.00 44.72 ? 35  GLU B CD  1 
ATOM   1048 O OE1 . GLU B 1 35 ? 14.477  -15.288 2.365   1.00 45.23 ? 35  GLU B OE1 1 
ATOM   1049 O OE2 . GLU B 1 35 ? 13.974  -16.646 4.021   1.00 45.26 ? 35  GLU B OE2 1 
ATOM   1050 N N   . ILE B 1 36 ? 12.349  -14.063 7.528   1.00 28.52 ? 36  ILE B N   1 
ATOM   1051 C CA  . ILE B 1 36 ? 12.391  -14.148 8.977   1.00 26.41 ? 36  ILE B CA  1 
ATOM   1052 C C   . ILE B 1 36 ? 11.979  -15.561 9.331   1.00 26.19 ? 36  ILE B C   1 
ATOM   1053 O O   . ILE B 1 36 ? 11.154  -16.157 8.646   1.00 27.22 ? 36  ILE B O   1 
ATOM   1054 C CB  . ILE B 1 36 ? 11.406  -13.181 9.657   1.00 24.75 ? 36  ILE B CB  1 
ATOM   1055 C CG1 . ILE B 1 36 ? 9.981   -13.463 9.181   1.00 24.96 ? 36  ILE B CG1 1 
ATOM   1056 C CG2 . ILE B 1 36 ? 11.806  -11.757 9.377   1.00 24.77 ? 36  ILE B CG2 1 
ATOM   1057 C CD1 . ILE B 1 36 ? 8.922   -12.686 9.936   1.00 26.70 ? 36  ILE B CD1 1 
ATOM   1058 N N   . SER B 1 37 ? 12.557  -16.102 10.393  1.00 25.49 ? 37  SER B N   1 
ATOM   1059 C CA  . SER B 1 37 ? 12.217  -17.450 10.808  1.00 26.19 ? 37  SER B CA  1 
ATOM   1060 C C   . SER B 1 37 ? 11.185  -17.389 11.922  1.00 25.67 ? 37  SER B C   1 
ATOM   1061 O O   . SER B 1 37 ? 11.387  -16.728 12.939  1.00 25.32 ? 37  SER B O   1 
ATOM   1062 C CB  . SER B 1 37 ? 13.466  -18.193 11.287  1.00 26.95 ? 37  SER B CB  1 
ATOM   1063 O OG  . SER B 1 37 ? 14.018  -17.577 12.437  1.00 29.85 ? 37  SER B OG  1 
ATOM   1064 N N   . LEU B 1 38 ? 10.065  -18.064 11.708  1.00 25.82 ? 38  LEU B N   1 
ATOM   1065 C CA  . LEU B 1 38 ? 9.000   -18.104 12.694  1.00 25.09 ? 38  LEU B CA  1 
ATOM   1066 C C   . LEU B 1 38 ? 8.780   -19.556 13.069  1.00 26.48 ? 38  LEU B C   1 
ATOM   1067 O O   . LEU B 1 38 ? 8.845   -20.445 12.222  1.00 26.86 ? 38  LEU B O   1 
ATOM   1068 C CB  . LEU B 1 38 ? 7.716   -17.496 12.123  1.00 24.04 ? 38  LEU B CB  1 
ATOM   1069 C CG  . LEU B 1 38 ? 7.800   -16.000 11.800  1.00 23.21 ? 38  LEU B CG  1 
ATOM   1070 C CD1 . LEU B 1 38 ? 6.508   -15.534 11.157  1.00 22.56 ? 38  LEU B CD1 1 
ATOM   1071 C CD2 . LEU B 1 38 ? 8.082   -15.215 13.072  1.00 20.33 ? 38  LEU B CD2 1 
ATOM   1072 N N   . PRO B 1 39 ? 8.532   -19.820 14.354  1.00 28.08 ? 39  PRO B N   1 
ATOM   1073 C CA  . PRO B 1 39 ? 8.312   -21.195 14.795  1.00 29.89 ? 39  PRO B CA  1 
ATOM   1074 C C   . PRO B 1 39 ? 6.866   -21.634 14.598  1.00 32.13 ? 39  PRO B C   1 
ATOM   1075 O O   . PRO B 1 39 ? 5.983   -20.814 14.352  1.00 32.59 ? 39  PRO B O   1 
ATOM   1076 C CB  . PRO B 1 39 ? 8.701   -21.134 16.261  1.00 28.73 ? 39  PRO B CB  1 
ATOM   1077 C CG  . PRO B 1 39 ? 8.163   -19.785 16.658  1.00 28.05 ? 39  PRO B CG  1 
ATOM   1078 C CD  . PRO B 1 39 ? 8.587   -18.899 15.504  1.00 27.34 ? 39  PRO B CD  1 
ATOM   1079 N N   . GLY B 1 40 ? 6.634   -22.937 14.699  1.00 34.58 ? 40  GLY B N   1 
ATOM   1080 C CA  . GLY B 1 40 ? 5.289   -23.452 14.561  1.00 36.53 ? 40  GLY B CA  1 
ATOM   1081 C C   . GLY B 1 40 ? 4.863   -23.850 13.166  1.00 38.42 ? 40  GLY B C   1 
ATOM   1082 O O   . GLY B 1 40 ? 5.614   -23.721 12.198  1.00 38.57 ? 40  GLY B O   1 
ATOM   1083 N N   . ARG B 1 41 ? 3.631   -24.337 13.081  1.00 40.40 ? 41  ARG B N   1 
ATOM   1084 C CA  . ARG B 1 41 ? 3.035   -24.779 11.830  1.00 41.35 ? 41  ARG B CA  1 
ATOM   1085 C C   . ARG B 1 41 ? 2.636   -23.579 10.989  1.00 40.47 ? 41  ARG B C   1 
ATOM   1086 O O   . ARG B 1 41 ? 2.383   -22.493 11.509  1.00 41.03 ? 41  ARG B O   1 
ATOM   1087 C CB  . ARG B 1 41 ? 1.780   -25.602 12.115  1.00 44.31 ? 41  ARG B CB  1 
ATOM   1088 C CG  . ARG B 1 41 ? 1.925   -26.627 13.229  1.00 49.08 ? 41  ARG B CG  1 
ATOM   1089 C CD  . ARG B 1 41 ? 0.557   -27.140 13.667  1.00 52.74 ? 41  ARG B CD  1 
ATOM   1090 N NE  . ARG B 1 41 ? -0.208  -27.684 12.548  1.00 55.45 ? 41  ARG B NE  1 
ATOM   1091 C CZ  . ARG B 1 41 ? 0.144   -28.762 11.853  1.00 56.92 ? 41  ARG B CZ  1 
ATOM   1092 N NH1 . ARG B 1 41 ? 1.255   -29.421 12.163  1.00 57.25 ? 41  ARG B NH1 1 
ATOM   1093 N NH2 . ARG B 1 41 ? -0.610  -29.178 10.842  1.00 57.12 ? 41  ARG B NH2 1 
ATOM   1094 N N   . TRP B 1 42 ? 2.584   -23.783 9.681   1.00 40.21 ? 42  TRP B N   1 
ATOM   1095 C CA  . TRP B 1 42 ? 2.172   -22.732 8.768   1.00 39.94 ? 42  TRP B CA  1 
ATOM   1096 C C   . TRP B 1 42 ? 1.328   -23.355 7.670   1.00 40.17 ? 42  TRP B C   1 
ATOM   1097 O O   . TRP B 1 42 ? 1.394   -24.561 7.432   1.00 39.05 ? 42  TRP B O   1 
ATOM   1098 C CB  . TRP B 1 42 ? 3.380   -22.009 8.161   1.00 39.53 ? 42  TRP B CB  1 
ATOM   1099 C CG  . TRP B 1 42 ? 4.406   -22.899 7.532   1.00 39.20 ? 42  TRP B CG  1 
ATOM   1100 C CD1 . TRP B 1 42 ? 5.499   -23.448 8.139   1.00 38.91 ? 42  TRP B CD1 1 
ATOM   1101 C CD2 . TRP B 1 42 ? 4.446   -23.331 6.169   1.00 39.52 ? 42  TRP B CD2 1 
ATOM   1102 N NE1 . TRP B 1 42 ? 6.220   -24.190 7.237   1.00 39.07 ? 42  TRP B NE1 1 
ATOM   1103 C CE2 . TRP B 1 42 ? 5.596   -24.136 6.019   1.00 39.56 ? 42  TRP B CE2 1 
ATOM   1104 C CE3 . TRP B 1 42 ? 3.621   -23.114 5.056   1.00 41.15 ? 42  TRP B CE3 1 
ATOM   1105 C CZ2 . TRP B 1 42 ? 5.944   -24.727 4.800   1.00 40.32 ? 42  TRP B CZ2 1 
ATOM   1106 C CZ3 . TRP B 1 42 ? 3.967   -23.701 3.843   1.00 40.67 ? 42  TRP B CZ3 1 
ATOM   1107 C CH2 . TRP B 1 42 ? 5.119   -24.498 3.726   1.00 40.55 ? 42  TRP B CH2 1 
ATOM   1108 N N   . LYS B 1 43 ? 0.523   -22.532 7.013   1.00 41.24 ? 43  LYS B N   1 
ATOM   1109 C CA  . LYS B 1 43 ? -0.338  -23.007 5.942   1.00 42.16 ? 43  LYS B CA  1 
ATOM   1110 C C   . LYS B 1 43 ? 0.074   -22.368 4.626   1.00 41.21 ? 43  LYS B C   1 
ATOM   1111 O O   . LYS B 1 43 ? 0.282   -21.159 4.554   1.00 40.77 ? 43  LYS B O   1 
ATOM   1112 C CB  . LYS B 1 43 ? -1.796  -22.658 6.251   1.00 43.73 ? 43  LYS B CB  1 
ATOM   1113 C CG  . LYS B 1 43 ? -2.310  -23.228 7.567   1.00 46.07 ? 43  LYS B CG  1 
ATOM   1114 C CD  . LYS B 1 43 ? -3.726  -22.751 7.862   1.00 48.77 ? 43  LYS B CD  1 
ATOM   1115 C CE  . LYS B 1 43 ? -4.266  -23.359 9.156   1.00 51.53 ? 43  LYS B CE  1 
ATOM   1116 N NZ  . LYS B 1 43 ? -3.450  -22.985 10.349  1.00 52.30 ? 43  LYS B NZ  1 
ATOM   1117 N N   . PRO B 1 44 ? 0.213   -23.175 3.564   1.00 41.82 ? 44  PRO B N   1 
ATOM   1118 C CA  . PRO B 1 44 ? 0.603   -22.600 2.274   1.00 40.95 ? 44  PRO B CA  1 
ATOM   1119 C C   . PRO B 1 44 ? -0.480  -21.618 1.844   1.00 39.38 ? 44  PRO B C   1 
ATOM   1120 O O   . PRO B 1 44 ? -1.662  -21.848 2.089   1.00 38.73 ? 44  PRO B O   1 
ATOM   1121 C CB  . PRO B 1 44 ? 0.693   -23.822 1.365   1.00 40.40 ? 44  PRO B CB  1 
ATOM   1122 C CG  . PRO B 1 44 ? -0.352  -24.735 1.940   1.00 41.70 ? 44  PRO B CG  1 
ATOM   1123 C CD  . PRO B 1 44 ? -0.110  -24.606 3.429   1.00 41.75 ? 44  PRO B CD  1 
ATOM   1124 N N   . LYS B 1 45 ? -0.080  -20.519 1.219   1.00 38.54 ? 45  LYS B N   1 
ATOM   1125 C CA  . LYS B 1 45 ? -1.038  -19.511 0.790   1.00 37.47 ? 45  LYS B CA  1 
ATOM   1126 C C   . LYS B 1 45 ? -0.445  -18.715 -0.359  1.00 36.64 ? 45  LYS B C   1 
ATOM   1127 O O   . LYS B 1 45 ? 0.773   -18.645 -0.514  1.00 36.38 ? 45  LYS B O   1 
ATOM   1128 C CB  . LYS B 1 45 ? -1.358  -18.576 1.963   1.00 38.76 ? 45  LYS B CB  1 
ATOM   1129 C CG  . LYS B 1 45 ? -2.546  -17.641 1.754   1.00 39.59 ? 45  LYS B CG  1 
ATOM   1130 C CD  . LYS B 1 45 ? -2.701  -16.695 2.948   1.00 41.23 ? 45  LYS B CD  1 
ATOM   1131 C CE  . LYS B 1 45 ? -4.034  -15.949 2.935   1.00 42.31 ? 45  LYS B CE  1 
ATOM   1132 N NZ  . LYS B 1 45 ? -4.229  -15.118 1.712   1.00 42.96 ? 45  LYS B NZ  1 
ATOM   1133 N N   . MET B 1 46 ? -1.309  -18.117 -1.168  1.00 36.08 ? 46  MET B N   1 
ATOM   1134 C CA  . MET B 1 46 ? -0.853  -17.319 -2.296  1.00 35.85 ? 46  MET B CA  1 
ATOM   1135 C C   . MET B 1 46 ? -1.505  -15.953 -2.277  1.00 33.94 ? 46  MET B C   1 
ATOM   1136 O O   . MET B 1 46 ? -2.715  -15.835 -2.090  1.00 34.08 ? 46  MET B O   1 
ATOM   1137 C CB  . MET B 1 46 ? -1.184  -18.007 -3.619  1.00 36.63 ? 46  MET B CB  1 
ATOM   1138 C CG  . MET B 1 46 ? -0.625  -19.403 -3.762  1.00 39.27 ? 46  MET B CG  1 
ATOM   1139 S SD  . MET B 1 46 ? 0.000   -19.670 -5.427  1.00 46.27 ? 46  MET B SD  1 
ATOM   1140 C CE  . MET B 1 46 ? -1.419  -19.154 -6.419  1.00 44.70 ? 46  MET B CE  1 
ATOM   1141 N N   . ILE B 1 47 ? -0.697  -14.919 -2.465  1.00 31.85 ? 47  ILE B N   1 
ATOM   1142 C CA  . ILE B 1 47 ? -1.210  -13.560 -2.492  1.00 30.36 ? 47  ILE B CA  1 
ATOM   1143 C C   . ILE B 1 47 ? -0.850  -12.937 -3.832  1.00 28.19 ? 47  ILE B C   1 
ATOM   1144 O O   . ILE B 1 47 ? 0.104   -13.354 -4.488  1.00 26.99 ? 47  ILE B O   1 
ATOM   1145 C CB  . ILE B 1 47 ? -0.613  -12.697 -1.354  1.00 31.41 ? 47  ILE B CB  1 
ATOM   1146 C CG1 . ILE B 1 47 ? 0.895   -12.555 -1.542  1.00 31.54 ? 47  ILE B CG1 1 
ATOM   1147 C CG2 . ILE B 1 47 ? -0.921  -13.329 -0.005  1.00 32.48 ? 47  ILE B CG2 1 
ATOM   1148 C CD1 . ILE B 1 47 ? 1.547   -11.651 -0.530  1.00 33.53 ? 47  ILE B CD1 1 
ATOM   1149 N N   . GLY B 1 48 ? -1.621  -11.939 -4.237  1.00 27.62 ? 48  GLY B N   1 
ATOM   1150 C CA  . GLY B 1 48 ? -1.354  -11.282 -5.499  1.00 26.87 ? 48  GLY B CA  1 
ATOM   1151 C C   . GLY B 1 48 ? -1.041  -9.813  -5.329  1.00 25.55 ? 48  GLY B C   1 
ATOM   1152 O O   . GLY B 1 48 ? -1.483  -9.183  -4.369  1.00 25.02 ? 48  GLY B O   1 
ATOM   1153 N N   . GLY B 1 49 ? -0.264  -9.276  -6.264  1.00 25.70 ? 49  GLY B N   1 
ATOM   1154 C CA  . GLY B 1 49 ? 0.103   -7.873  -6.236  1.00 25.65 ? 49  GLY B CA  1 
ATOM   1155 C C   . GLY B 1 49 ? 0.023   -7.344  -7.655  1.00 26.07 ? 49  GLY B C   1 
ATOM   1156 O O   . GLY B 1 49 ? -0.628  -7.955  -8.495  1.00 24.36 ? 49  GLY B O   1 
ATOM   1157 N N   . ILE B 1 50 ? 0.676   -6.221  -7.933  1.00 27.94 ? 50  ILE B N   1 
ATOM   1158 C CA  . ILE B 1 50 ? 0.654   -5.663  -9.279  1.00 29.33 ? 50  ILE B CA  1 
ATOM   1159 C C   . ILE B 1 50 ? 1.477   -6.524  -10.226 1.00 29.63 ? 50  ILE B C   1 
ATOM   1160 O O   . ILE B 1 50 ? 1.211   -6.569  -11.427 1.00 30.83 ? 50  ILE B O   1 
ATOM   1161 C CB  . ILE B 1 50 ? 1.223   -4.229  -9.325  1.00 29.73 ? 50  ILE B CB  1 
ATOM   1162 C CG1 . ILE B 1 50 ? 2.611   -4.203  -8.687  1.00 31.73 ? 50  ILE B CG1 1 
ATOM   1163 C CG2 . ILE B 1 50 ? 0.272   -3.265  -8.637  1.00 30.40 ? 50  ILE B CG2 1 
ATOM   1164 C CD1 . ILE B 1 50 ? 3.340   -2.888  -8.865  1.00 35.82 ? 50  ILE B CD1 1 
ATOM   1165 N N   . GLY B 1 51 ? 2.478   -7.208  -9.683  1.00 29.01 ? 51  GLY B N   1 
ATOM   1166 C CA  . GLY B 1 51 ? 3.321   -8.048  -10.513 1.00 31.04 ? 51  GLY B CA  1 
ATOM   1167 C C   . GLY B 1 51 ? 2.725   -9.408  -10.831 1.00 31.81 ? 51  GLY B C   1 
ATOM   1168 O O   . GLY B 1 51 ? 2.861   -9.906  -11.943 1.00 31.28 ? 51  GLY B O   1 
ATOM   1169 N N   . GLY B 1 52 ? 2.063   -10.011 -9.850  1.00 32.97 ? 52  GLY B N   1 
ATOM   1170 C CA  . GLY B 1 52 ? 1.469   -11.317 -10.058 1.00 33.67 ? 52  GLY B CA  1 
ATOM   1171 C C   . GLY B 1 52 ? 1.187   -12.021 -8.746  1.00 34.49 ? 52  GLY B C   1 
ATOM   1172 O O   . GLY B 1 52 ? 0.917   -11.373 -7.736  1.00 34.92 ? 52  GLY B O   1 
ATOM   1173 N N   . PHE B 1 53 ? 1.257   -13.350 -8.760  1.00 35.10 ? 53  PHE B N   1 
ATOM   1174 C CA  . PHE B 1 53 ? 0.991   -14.150 -7.569  1.00 36.34 ? 53  PHE B CA  1 
ATOM   1175 C C   . PHE B 1 53 ? 2.278   -14.454 -6.820  1.00 35.61 ? 53  PHE B C   1 
ATOM   1176 O O   . PHE B 1 53 ? 3.372   -14.235 -7.336  1.00 36.78 ? 53  PHE B O   1 
ATOM   1177 C CB  . PHE B 1 53 ? 0.342   -15.481 -7.953  1.00 40.16 ? 53  PHE B CB  1 
ATOM   1178 C CG  . PHE B 1 53 ? 1.338   -16.555 -8.331  1.00 45.13 ? 53  PHE B CG  1 
ATOM   1179 C CD1 . PHE B 1 53 ? 1.219   -17.840 -7.810  1.00 47.13 ? 53  PHE B CD1 1 
ATOM   1180 C CD2 . PHE B 1 53 ? 2.407   -16.275 -9.184  1.00 47.44 ? 53  PHE B CD2 1 
ATOM   1181 C CE1 . PHE B 1 53 ? 2.149   -18.833 -8.127  1.00 49.35 ? 53  PHE B CE1 1 
ATOM   1182 C CE2 . PHE B 1 53 ? 3.344   -17.261 -9.509  1.00 49.27 ? 53  PHE B CE2 1 
ATOM   1183 C CZ  . PHE B 1 53 ? 3.215   -18.542 -8.979  1.00 49.87 ? 53  PHE B CZ  1 
ATOM   1184 N N   . VAL B 1 54 ? 2.133   -14.986 -5.613  1.00 34.09 ? 54  VAL B N   1 
ATOM   1185 C CA  . VAL B 1 54 ? 3.274   -15.356 -4.788  1.00 32.00 ? 54  VAL B CA  1 
ATOM   1186 C C   . VAL B 1 54 ? 2.886   -16.381 -3.726  1.00 30.45 ? 54  VAL B C   1 
ATOM   1187 O O   . VAL B 1 54 ? 1.911   -16.200 -2.993  1.00 28.87 ? 54  VAL B O   1 
ATOM   1188 C CB  . VAL B 1 54 ? 3.895   -14.126 -4.084  1.00 31.99 ? 54  VAL B CB  1 
ATOM   1189 C CG1 . VAL B 1 54 ? 4.812   -14.577 -2.958  1.00 33.58 ? 54  VAL B CG1 1 
ATOM   1190 C CG2 . VAL B 1 54 ? 4.696   -13.311 -5.075  1.00 31.16 ? 54  VAL B CG2 1 
ATOM   1191 N N   . LYS B 1 55 ? 3.654   -17.462 -3.663  1.00 28.74 ? 55  LYS B N   1 
ATOM   1192 C CA  . LYS B 1 55 ? 3.432   -18.506 -2.676  1.00 27.62 ? 55  LYS B CA  1 
ATOM   1193 C C   . LYS B 1 55 ? 4.081   -18.044 -1.378  1.00 25.73 ? 55  LYS B C   1 
ATOM   1194 O O   . LYS B 1 55 ? 5.273   -17.744 -1.342  1.00 24.44 ? 55  LYS B O   1 
ATOM   1195 C CB  . LYS B 1 55 ? 4.072   -19.816 -3.130  1.00 29.34 ? 55  LYS B CB  1 
ATOM   1196 C CG  . LYS B 1 55 ? 3.195   -20.674 -4.016  1.00 33.30 ? 55  LYS B CG  1 
ATOM   1197 C CD  . LYS B 1 55 ? 2.107   -21.367 -3.205  1.00 36.55 ? 55  LYS B CD  1 
ATOM   1198 C CE  . LYS B 1 55 ? 1.295   -22.317 -4.079  1.00 38.93 ? 55  LYS B CE  1 
ATOM   1199 N NZ  . LYS B 1 55 ? 0.209   -23.012 -3.329  1.00 41.18 ? 55  LYS B NZ  1 
ATOM   1200 N N   . VAL B 1 56 ? 3.292   -17.969 -0.316  1.00 24.61 ? 56  VAL B N   1 
ATOM   1201 C CA  . VAL B 1 56 ? 3.810   -17.537 0.972   1.00 23.43 ? 56  VAL B CA  1 
ATOM   1202 C C   . VAL B 1 56 ? 3.415   -18.532 2.046   1.00 23.86 ? 56  VAL B C   1 
ATOM   1203 O O   . VAL B 1 56 ? 2.642   -19.457 1.797   1.00 24.40 ? 56  VAL B O   1 
ATOM   1204 C CB  . VAL B 1 56 ? 3.256   -16.151 1.360   1.00 23.19 ? 56  VAL B CB  1 
ATOM   1205 C CG1 . VAL B 1 56 ? 3.632   -15.125 0.300   1.00 19.93 ? 56  VAL B CG1 1 
ATOM   1206 C CG2 . VAL B 1 56 ? 1.744   -16.228 1.531   1.00 19.18 ? 56  VAL B CG2 1 
ATOM   1207 N N   . ARG B 1 57 ? 3.950   -18.340 3.244   1.00 23.34 ? 57  ARG B N   1 
ATOM   1208 C CA  . ARG B 1 57 ? 3.628   -19.224 4.350   1.00 25.31 ? 57  ARG B CA  1 
ATOM   1209 C C   . ARG B 1 57 ? 2.808   -18.421 5.340   1.00 24.73 ? 57  ARG B C   1 
ATOM   1210 O O   . ARG B 1 57 ? 3.154   -17.288 5.671   1.00 24.51 ? 57  ARG B O   1 
ATOM   1211 C CB  . ARG B 1 57 ? 4.911   -19.747 5.005   1.00 26.85 ? 57  ARG B CB  1 
ATOM   1212 C CG  . ARG B 1 57 ? 5.965   -20.133 3.987   1.00 29.40 ? 57  ARG B CG  1 
ATOM   1213 C CD  . ARG B 1 57 ? 6.703   -21.404 4.343   1.00 29.39 ? 57  ARG B CD  1 
ATOM   1214 N NE  . ARG B 1 57 ? 7.624   -21.245 5.461   1.00 31.51 ? 57  ARG B NE  1 
ATOM   1215 C CZ  . ARG B 1 57 ? 8.597   -22.107 5.741   1.00 31.51 ? 57  ARG B CZ  1 
ATOM   1216 N NH1 . ARG B 1 57 ? 8.768   -23.178 4.977   1.00 29.75 ? 57  ARG B NH1 1 
ATOM   1217 N NH2 . ARG B 1 57 ? 9.397   -21.903 6.779   1.00 31.52 ? 57  ARG B NH2 1 
ATOM   1218 N N   . GLN B 1 58 ? 1.707   -18.999 5.800   1.00 24.65 ? 58  GLN B N   1 
ATOM   1219 C CA  . GLN B 1 58 ? 0.860   -18.305 6.747   1.00 25.01 ? 58  GLN B CA  1 
ATOM   1220 C C   . GLN B 1 58 ? 1.090   -18.789 8.162   1.00 23.65 ? 58  GLN B C   1 
ATOM   1221 O O   . GLN B 1 58 ? 1.070   -19.987 8.434   1.00 25.36 ? 58  GLN B O   1 
ATOM   1222 C CB  . GLN B 1 58 ? -0.617  -18.479 6.387   1.00 27.08 ? 58  GLN B CB  1 
ATOM   1223 C CG  . GLN B 1 58 ? -1.546  -17.649 7.264   1.00 30.14 ? 58  GLN B CG  1 
ATOM   1224 C CD  . GLN B 1 58 ? -3.002  -17.761 6.861   1.00 30.69 ? 58  GLN B CD  1 
ATOM   1225 O OE1 . GLN B 1 58 ? -3.354  -17.565 5.699   1.00 30.18 ? 58  GLN B OE1 1 
ATOM   1226 N NE2 . GLN B 1 58 ? -3.860  -18.065 7.828   1.00 30.87 ? 58  GLN B NE2 1 
ATOM   1227 N N   . TYR B 1 59 ? 1.319   -17.839 9.057   1.00 23.80 ? 59  TYR B N   1 
ATOM   1228 C CA  . TYR B 1 59 ? 1.524   -18.126 10.466  1.00 21.83 ? 59  TYR B CA  1 
ATOM   1229 C C   . TYR B 1 59 ? 0.508   -17.288 11.234  1.00 22.70 ? 59  TYR B C   1 
ATOM   1230 O O   . TYR B 1 59 ? 0.376   -16.089 10.994  1.00 24.38 ? 59  TYR B O   1 
ATOM   1231 C CB  . TYR B 1 59 ? 2.928   -17.724 10.909  1.00 21.75 ? 59  TYR B CB  1 
ATOM   1232 C CG  . TYR B 1 59 ? 4.064   -18.566 10.374  1.00 22.19 ? 59  TYR B CG  1 
ATOM   1233 C CD1 . TYR B 1 59 ? 4.576   -18.356 9.096   1.00 22.96 ? 59  TYR B CD1 1 
ATOM   1234 C CD2 . TYR B 1 59 ? 4.657   -19.546 11.168  1.00 21.98 ? 59  TYR B CD2 1 
ATOM   1235 C CE1 . TYR B 1 59 ? 5.657   -19.096 8.623   1.00 22.29 ? 59  TYR B CE1 1 
ATOM   1236 C CE2 . TYR B 1 59 ? 5.736   -20.291 10.705  1.00 21.33 ? 59  TYR B CE2 1 
ATOM   1237 C CZ  . TYR B 1 59 ? 6.232   -20.059 9.436   1.00 22.33 ? 59  TYR B CZ  1 
ATOM   1238 O OH  . TYR B 1 59 ? 7.313   -20.778 8.990   1.00 24.67 ? 59  TYR B OH  1 
ATOM   1239 N N   . ASP B 1 60 ? -0.215  -17.915 12.152  1.00 24.07 ? 60  ASP B N   1 
ATOM   1240 C CA  . ASP B 1 60 ? -1.210  -17.195 12.932  1.00 24.01 ? 60  ASP B CA  1 
ATOM   1241 C C   . ASP B 1 60 ? -0.731  -17.025 14.357  1.00 24.34 ? 60  ASP B C   1 
ATOM   1242 O O   . ASP B 1 60 ? 0.247   -17.649 14.771  1.00 25.45 ? 60  ASP B O   1 
ATOM   1243 C CB  . ASP B 1 60 ? -2.540  -17.951 12.950  1.00 25.12 ? 60  ASP B CB  1 
ATOM   1244 C CG  . ASP B 1 60 ? -3.061  -18.251 11.562  1.00 25.89 ? 60  ASP B CG  1 
ATOM   1245 O OD1 . ASP B 1 60 ? -3.169  -17.312 10.746  1.00 27.37 ? 60  ASP B OD1 1 
ATOM   1246 O OD2 . ASP B 1 60 ? -3.371  -19.429 11.290  1.00 27.58 ? 60  ASP B OD2 1 
ATOM   1247 N N   . GLN B 1 61 ? -1.433  -16.176 15.098  1.00 24.95 ? 61  GLN B N   1 
ATOM   1248 C CA  . GLN B 1 61 ? -1.135  -15.904 16.499  1.00 25.94 ? 61  GLN B CA  1 
ATOM   1249 C C   . GLN B 1 61 ? 0.330   -15.590 16.743  1.00 24.97 ? 61  GLN B C   1 
ATOM   1250 O O   . GLN B 1 61 ? 0.957   -16.183 17.611  1.00 24.98 ? 61  GLN B O   1 
ATOM   1251 C CB  . GLN B 1 61 ? -1.550  -17.099 17.364  1.00 28.09 ? 61  GLN B CB  1 
ATOM   1252 C CG  . GLN B 1 61 ? -2.939  -17.637 17.036  1.00 34.38 ? 61  GLN B CG  1 
ATOM   1253 C CD  . GLN B 1 61 ? -3.387  -18.748 17.972  1.00 37.52 ? 61  GLN B CD  1 
ATOM   1254 O OE1 . GLN B 1 61 ? -3.753  -18.498 19.126  1.00 39.49 ? 61  GLN B OE1 1 
ATOM   1255 N NE2 . GLN B 1 61 ? -3.356  -19.985 17.479  1.00 36.20 ? 61  GLN B NE2 1 
ATOM   1256 N N   . ILE B 1 62 ? 0.875   -14.654 15.976  1.00 25.38 ? 62  ILE B N   1 
ATOM   1257 C CA  . ILE B 1 62 ? 2.271   -14.273 16.142  1.00 25.68 ? 62  ILE B CA  1 
ATOM   1258 C C   . ILE B 1 62 ? 2.406   -12.904 16.782  1.00 24.81 ? 62  ILE B C   1 
ATOM   1259 O O   . ILE B 1 62 ? 1.939   -11.900 16.243  1.00 24.28 ? 62  ILE B O   1 
ATOM   1260 C CB  . ILE B 1 62 ? 3.019   -14.238 14.803  1.00 26.87 ? 62  ILE B CB  1 
ATOM   1261 C CG1 . ILE B 1 62 ? 3.044   -15.628 14.183  1.00 25.96 ? 62  ILE B CG1 1 
ATOM   1262 C CG2 . ILE B 1 62 ? 4.446   -13.747 15.015  1.00 26.71 ? 62  ILE B CG2 1 
ATOM   1263 C CD1 . ILE B 1 62 ? 3.781   -15.652 12.895  1.00 29.40 ? 62  ILE B CD1 1 
ATOM   1264 N N   . PRO B 1 63 ? 3.046   -12.848 17.952  1.00 24.58 ? 63  PRO B N   1 
ATOM   1265 C CA  . PRO B 1 63 ? 3.224   -11.565 18.631  1.00 24.77 ? 63  PRO B CA  1 
ATOM   1266 C C   . PRO B 1 63 ? 4.275   -10.728 17.906  1.00 24.72 ? 63  PRO B C   1 
ATOM   1267 O O   . PRO B 1 63 ? 5.404   -11.175 17.682  1.00 24.91 ? 63  PRO B O   1 
ATOM   1268 C CB  . PRO B 1 63 ? 3.660   -11.978 20.033  1.00 25.33 ? 63  PRO B CB  1 
ATOM   1269 C CG  . PRO B 1 63 ? 4.439   -13.236 19.776  1.00 26.15 ? 63  PRO B CG  1 
ATOM   1270 C CD  . PRO B 1 63 ? 3.567   -13.959 18.767  1.00 24.50 ? 63  PRO B CD  1 
ATOM   1271 N N   . ILE B 1 64 ? 3.886   -9.519  17.527  1.00 23.06 ? 64  ILE B N   1 
ATOM   1272 C CA  . ILE B 1 64 ? 4.779   -8.612  16.829  1.00 22.07 ? 64  ILE B CA  1 
ATOM   1273 C C   . ILE B 1 64 ? 4.768   -7.268  17.535  1.00 21.98 ? 64  ILE B C   1 
ATOM   1274 O O   . ILE B 1 64 ? 3.721   -6.784  17.956  1.00 20.53 ? 64  ILE B O   1 
ATOM   1275 C CB  . ILE B 1 64 ? 4.338   -8.438  15.367  1.00 21.84 ? 64  ILE B CB  1 
ATOM   1276 C CG1 . ILE B 1 64 ? 5.187   -7.368  14.689  1.00 21.70 ? 64  ILE B CG1 1 
ATOM   1277 C CG2 . ILE B 1 64 ? 2.863   -8.080  15.311  1.00 25.50 ? 64  ILE B CG2 1 
ATOM   1278 C CD1 . ILE B 1 64 ? 4.933   -7.260  13.203  1.00 24.57 ? 64  ILE B CD1 1 
ATOM   1279 N N   . GLU B 1 65 ? 5.942   -6.671  17.675  1.00 23.67 ? 65  GLU B N   1 
ATOM   1280 C CA  . GLU B 1 65 ? 6.053   -5.389  18.349  1.00 26.19 ? 65  GLU B CA  1 
ATOM   1281 C C   . GLU B 1 65 ? 6.191   -4.264  17.330  1.00 26.38 ? 65  GLU B C   1 
ATOM   1282 O O   . GLU B 1 65 ? 7.258   -4.051  16.756  1.00 26.54 ? 65  GLU B O   1 
ATOM   1283 C CB  . GLU B 1 65 ? 7.250   -5.413  19.300  1.00 27.99 ? 65  GLU B CB  1 
ATOM   1284 C CG  . GLU B 1 65 ? 6.983   -4.731  20.624  1.00 33.41 ? 65  GLU B CG  1 
ATOM   1285 C CD  . GLU B 1 65 ? 7.977   -5.136  21.694  1.00 36.60 ? 65  GLU B CD  1 
ATOM   1286 O OE1 . GLU B 1 65 ? 8.008   -6.332  22.060  1.00 36.11 ? 65  GLU B OE1 1 
ATOM   1287 O OE2 . GLU B 1 65 ? 8.729   -4.258  22.167  1.00 40.03 ? 65  GLU B OE2 1 
ATOM   1288 N N   . ILE B 1 66 ? 5.089   -3.554  17.106  1.00 27.26 ? 66  ILE B N   1 
ATOM   1289 C CA  . ILE B 1 66 ? 5.055   -2.453  16.157  1.00 28.35 ? 66  ILE B CA  1 
ATOM   1290 C C   . ILE B 1 66 ? 5.367   -1.128  16.836  1.00 29.43 ? 66  ILE B C   1 
ATOM   1291 O O   . ILE B 1 66 ? 4.666   -0.711  17.758  1.00 27.99 ? 66  ILE B O   1 
ATOM   1292 C CB  . ILE B 1 66 ? 3.668   -2.317  15.496  1.00 29.46 ? 66  ILE B CB  1 
ATOM   1293 C CG1 . ILE B 1 66 ? 3.224   -3.659  14.915  1.00 29.84 ? 66  ILE B CG1 1 
ATOM   1294 C CG2 . ILE B 1 66 ? 3.716   -1.249  14.408  1.00 29.28 ? 66  ILE B CG2 1 
ATOM   1295 C CD1 . ILE B 1 66 ? 4.103   -4.165  13.802  1.00 33.27 ? 66  ILE B CD1 1 
ATOM   1296 N N   . CYS B 1 67 ? 6.423   -0.475  16.369  1.00 31.31 ? 67  CYS B N   1 
ATOM   1297 C CA  . CYS B 1 67 ? 6.846   0.816   16.898  1.00 33.80 ? 67  CYS B CA  1 
ATOM   1298 C C   . CYS B 1 67 ? 6.629   0.954   18.410  1.00 33.64 ? 67  CYS B C   1 
ATOM   1299 O O   . CYS B 1 67 ? 6.165   1.993   18.885  1.00 34.04 ? 67  CYS B O   1 
ATOM   1300 C CB  . CYS B 1 67 ? 6.101   1.932   16.158  1.00 34.70 ? 67  CYS B CB  1 
ATOM   1301 S SG  . CYS B 1 67 ? 6.799   3.578   16.375  1.00 40.28 ? 67  CYS B SG  1 
ATOM   1302 N N   . GLY B 1 68 ? 6.962   -0.095  19.157  1.00 33.08 ? 68  GLY B N   1 
ATOM   1303 C CA  . GLY B 1 68 ? 6.809   -0.058  20.602  1.00 32.16 ? 68  GLY B CA  1 
ATOM   1304 C C   . GLY B 1 68 ? 5.477   -0.571  21.113  1.00 33.15 ? 68  GLY B C   1 
ATOM   1305 O O   . GLY B 1 68 ? 5.177   -0.458  22.302  1.00 33.23 ? 68  GLY B O   1 
ATOM   1306 N N   . HIS B 1 69 ? 4.671   -1.134  20.219  1.00 33.31 ? 69  HIS B N   1 
ATOM   1307 C CA  . HIS B 1 69 ? 3.363   -1.664  20.592  1.00 32.34 ? 69  HIS B CA  1 
ATOM   1308 C C   . HIS B 1 69 ? 3.315   -3.171  20.381  1.00 31.51 ? 69  HIS B C   1 
ATOM   1309 O O   . HIS B 1 69 ? 3.792   -3.679  19.368  1.00 31.26 ? 69  HIS B O   1 
ATOM   1310 C CB  . HIS B 1 69 ? 2.270   -0.983  19.767  1.00 32.57 ? 69  HIS B CB  1 
ATOM   1311 C CG  . HIS B 1 69 ? 2.186   0.493   19.988  1.00 34.31 ? 69  HIS B CG  1 
ATOM   1312 N ND1 . HIS B 1 69 ? 1.786   1.045   21.186  1.00 36.45 ? 69  HIS B ND1 1 
ATOM   1313 C CD2 . HIS B 1 69 ? 2.474   1.535   19.173  1.00 34.01 ? 69  HIS B CD2 1 
ATOM   1314 C CE1 . HIS B 1 69 ? 1.830   2.362   21.099  1.00 36.11 ? 69  HIS B CE1 1 
ATOM   1315 N NE2 . HIS B 1 69 ? 2.245   2.685   19.887  1.00 33.93 ? 69  HIS B NE2 1 
ATOM   1316 N N   . LYS B 1 70 ? 2.740   -3.881  21.346  1.00 30.65 ? 70  LYS B N   1 
ATOM   1317 C CA  . LYS B 1 70 ? 2.636   -5.332  21.270  1.00 29.48 ? 70  LYS B CA  1 
ATOM   1318 C C   . LYS B 1 70 ? 1.305   -5.736  20.647  1.00 28.12 ? 70  LYS B C   1 
ATOM   1319 O O   . LYS B 1 70 ? 0.238   -5.467  21.196  1.00 28.24 ? 70  LYS B O   1 
ATOM   1320 C CB  . LYS B 1 70 ? 2.781   -5.934  22.666  1.00 31.08 ? 70  LYS B CB  1 
ATOM   1321 C CG  . LYS B 1 70 ? 4.039   -5.469  23.381  1.00 33.82 ? 70  LYS B CG  1 
ATOM   1322 C CD  . LYS B 1 70 ? 4.182   -6.092  24.758  1.00 36.50 ? 70  LYS B CD  1 
ATOM   1323 C CE  . LYS B 1 70 ? 5.409   -5.537  25.465  1.00 40.46 ? 70  LYS B CE  1 
ATOM   1324 N NZ  . LYS B 1 70 ? 6.640   -5.684  24.628  1.00 41.50 ? 70  LYS B NZ  1 
ATOM   1325 N N   . VAL B 1 71 ? 1.390   -6.386  19.495  1.00 25.79 ? 71  VAL B N   1 
ATOM   1326 C CA  . VAL B 1 71 ? 0.221   -6.820  18.746  1.00 24.39 ? 71  VAL B CA  1 
ATOM   1327 C C   . VAL B 1 71 ? 0.370   -8.283  18.337  1.00 23.40 ? 71  VAL B C   1 
ATOM   1328 O O   . VAL B 1 71 ? 1.482   -8.783  18.184  1.00 23.54 ? 71  VAL B O   1 
ATOM   1329 C CB  . VAL B 1 71 ? 0.064   -5.959  17.465  1.00 23.77 ? 71  VAL B CB  1 
ATOM   1330 C CG1 . VAL B 1 71 ? -1.075  -6.466  16.619  1.00 26.18 ? 71  VAL B CG1 1 
ATOM   1331 C CG2 . VAL B 1 71 ? -0.168  -4.517  17.843  1.00 25.17 ? 71  VAL B CG2 1 
ATOM   1332 N N   . ILE B 1 72 ? -0.747  -8.977  18.172  1.00 22.56 ? 72  ILE B N   1 
ATOM   1333 C CA  . ILE B 1 72 ? -0.687  -10.366 17.743  1.00 23.78 ? 72  ILE B CA  1 
ATOM   1334 C C   . ILE B 1 72 ? -1.593  -10.556 16.531  1.00 21.93 ? 72  ILE B C   1 
ATOM   1335 O O   . ILE B 1 72 ? -2.705  -10.027 16.484  1.00 21.81 ? 72  ILE B O   1 
ATOM   1336 C CB  . ILE B 1 72 ? -1.106  -11.337 18.871  1.00 24.38 ? 72  ILE B CB  1 
ATOM   1337 C CG1 . ILE B 1 72 ? -0.957  -12.783 18.388  1.00 22.82 ? 72  ILE B CG1 1 
ATOM   1338 C CG2 . ILE B 1 72 ? -2.537  -11.051 19.306  1.00 26.89 ? 72  ILE B CG2 1 
ATOM   1339 C CD1 . ILE B 1 72 ? -1.187  -13.819 19.469  1.00 22.18 ? 72  ILE B CD1 1 
ATOM   1340 N N   . GLY B 1 73 ? -1.103  -11.297 15.544  1.00 19.34 ? 73  GLY B N   1 
ATOM   1341 C CA  . GLY B 1 73 ? -1.889  -11.528 14.349  1.00 18.02 ? 73  GLY B CA  1 
ATOM   1342 C C   . GLY B 1 73 ? -1.222  -12.430 13.334  1.00 18.84 ? 73  GLY B C   1 
ATOM   1343 O O   . GLY B 1 73 ? -0.103  -12.906 13.529  1.00 19.41 ? 73  GLY B O   1 
ATOM   1344 N N   . THR B 1 74 ? -1.926  -12.666 12.235  1.00 19.22 ? 74  THR B N   1 
ATOM   1345 C CA  . THR B 1 74 ? -1.436  -13.508 11.155  1.00 18.93 ? 74  THR B CA  1 
ATOM   1346 C C   . THR B 1 74 ? -0.307  -12.826 10.390  1.00 17.87 ? 74  THR B C   1 
ATOM   1347 O O   . THR B 1 74 ? -0.445  -11.686 9.955   1.00 17.85 ? 74  THR B O   1 
ATOM   1348 C CB  . THR B 1 74 ? -2.562  -13.822 10.153  1.00 19.35 ? 74  THR B CB  1 
ATOM   1349 O OG1 . THR B 1 74 ? -3.679  -14.389 10.850  1.00 19.93 ? 74  THR B OG1 1 
ATOM   1350 C CG2 . THR B 1 74 ? -2.072  -14.798 9.090   1.00 20.49 ? 74  THR B CG2 1 
ATOM   1351 N N   . VAL B 1 75 ? 0.807   -13.530 10.230  1.00 17.23 ? 75  VAL B N   1 
ATOM   1352 C CA  . VAL B 1 75 ? 1.946   -12.998 9.497   1.00 15.16 ? 75  VAL B CA  1 
ATOM   1353 C C   . VAL B 1 75 ? 2.288   -13.907 8.321   1.00 15.69 ? 75  VAL B C   1 
ATOM   1354 O O   . VAL B 1 75 ? 2.346   -15.126 8.458   1.00 16.12 ? 75  VAL B O   1 
ATOM   1355 C CB  . VAL B 1 75 ? 3.183   -12.854 10.412  1.00 16.38 ? 75  VAL B CB  1 
ATOM   1356 C CG1 . VAL B 1 75 ? 4.420   -12.556 9.575   1.00 15.28 ? 75  VAL B CG1 1 
ATOM   1357 C CG2 . VAL B 1 75 ? 2.955   -11.728 11.415  1.00 12.89 ? 75  VAL B CG2 1 
ATOM   1358 N N   . LEU B 1 76 ? 2.497   -13.301 7.158   1.00 17.15 ? 76  LEU B N   1 
ATOM   1359 C CA  . LEU B 1 76 ? 2.846   -14.038 5.950   1.00 16.21 ? 76  LEU B CA  1 
ATOM   1360 C C   . LEU B 1 76 ? 4.331   -13.870 5.659   1.00 16.44 ? 76  LEU B C   1 
ATOM   1361 O O   . LEU B 1 76 ? 4.853   -12.759 5.674   1.00 15.89 ? 76  LEU B O   1 
ATOM   1362 C CB  . LEU B 1 76 ? 2.036   -13.521 4.758   1.00 17.51 ? 76  LEU B CB  1 
ATOM   1363 C CG  . LEU B 1 76 ? 0.521   -13.716 4.813   1.00 18.69 ? 76  LEU B CG  1 
ATOM   1364 C CD1 . LEU B 1 76 ? -0.140  -13.024 3.632   1.00 18.07 ? 76  LEU B CD1 1 
ATOM   1365 C CD2 . LEU B 1 76 ? 0.204   -15.202 4.811   1.00 19.96 ? 76  LEU B CD2 1 
ATOM   1366 N N   . VAL B 1 77 ? 5.008   -14.981 5.400   1.00 16.75 ? 77  VAL B N   1 
ATOM   1367 C CA  . VAL B 1 77 ? 6.429   -14.943 5.090   1.00 18.10 ? 77  VAL B CA  1 
ATOM   1368 C C   . VAL B 1 77 ? 6.661   -15.542 3.710   1.00 20.26 ? 77  VAL B C   1 
ATOM   1369 O O   . VAL B 1 77 ? 6.340   -16.706 3.462   1.00 21.92 ? 77  VAL B O   1 
ATOM   1370 C CB  . VAL B 1 77 ? 7.261   -15.741 6.110   1.00 18.09 ? 77  VAL B CB  1 
ATOM   1371 C CG1 . VAL B 1 77 ? 8.747   -15.493 5.867   1.00 16.79 ? 77  VAL B CG1 1 
ATOM   1372 C CG2 . VAL B 1 77 ? 6.868   -15.350 7.528   1.00 17.32 ? 77  VAL B CG2 1 
ATOM   1373 N N   . GLY B 1 78 ? 7.219   -14.736 2.815   1.00 19.99 ? 78  GLY B N   1 
ATOM   1374 C CA  . GLY B 1 78 ? 7.485   -15.197 1.472   1.00 18.81 ? 78  GLY B CA  1 
ATOM   1375 C C   . GLY B 1 78 ? 8.270   -14.166 0.691   1.00 19.71 ? 78  GLY B C   1 
ATOM   1376 O O   . GLY B 1 78 ? 8.556   -13.084 1.200   1.00 19.93 ? 78  GLY B O   1 
ATOM   1377 N N   . PRO B 1 79 ? 8.625   -14.472 -0.563  1.00 20.33 ? 79  PRO B N   1 
ATOM   1378 C CA  . PRO B 1 79 ? 9.388   -13.568 -1.428  1.00 20.34 ? 79  PRO B CA  1 
ATOM   1379 C C   . PRO B 1 79 ? 8.708   -12.220 -1.645  1.00 21.06 ? 79  PRO B C   1 
ATOM   1380 O O   . PRO B 1 79 ? 7.634   -12.141 -2.238  1.00 23.08 ? 79  PRO B O   1 
ATOM   1381 C CB  . PRO B 1 79 ? 9.517   -14.368 -2.721  1.00 21.50 ? 79  PRO B CB  1 
ATOM   1382 C CG  . PRO B 1 79 ? 8.245   -15.168 -2.736  1.00 20.59 ? 79  PRO B CG  1 
ATOM   1383 C CD  . PRO B 1 79 ? 8.175   -15.655 -1.316  1.00 19.63 ? 79  PRO B CD  1 
ATOM   1384 N N   . THR B 1 80 ? 9.341   -11.162 -1.157  1.00 21.10 ? 80  THR B N   1 
ATOM   1385 C CA  . THR B 1 80 ? 8.807   -9.814  -1.301  1.00 22.65 ? 80  THR B CA  1 
ATOM   1386 C C   . THR B 1 80 ? 9.959   -8.834  -1.215  1.00 23.98 ? 80  THR B C   1 
ATOM   1387 O O   . THR B 1 80 ? 10.810  -8.943  -0.336  1.00 26.91 ? 80  THR B O   1 
ATOM   1388 C CB  . THR B 1 80 ? 7.783   -9.474  -0.186  1.00 24.46 ? 80  THR B CB  1 
ATOM   1389 O OG1 . THR B 1 80 ? 7.329   -8.126  -0.353  1.00 23.22 ? 80  THR B OG1 1 
ATOM   1390 C CG2 . THR B 1 80 ? 8.416   -9.610  1.191   1.00 21.51 ? 80  THR B CG2 1 
ATOM   1391 N N   . PRO B 1 81 ? 10.019  -7.873  -2.142  1.00 24.29 ? 81  PRO B N   1 
ATOM   1392 C CA  . PRO B 1 81 ? 11.120  -6.909  -2.088  1.00 24.22 ? 81  PRO B CA  1 
ATOM   1393 C C   . PRO B 1 81 ? 10.935  -5.817  -1.040  1.00 22.92 ? 81  PRO B C   1 
ATOM   1394 O O   . PRO B 1 81 ? 11.738  -4.892  -0.950  1.00 23.84 ? 81  PRO B O   1 
ATOM   1395 C CB  . PRO B 1 81 ? 11.174  -6.369  -3.515  1.00 25.09 ? 81  PRO B CB  1 
ATOM   1396 C CG  . PRO B 1 81 ? 9.768   -6.475  -3.973  1.00 24.23 ? 81  PRO B CG  1 
ATOM   1397 C CD  . PRO B 1 81 ? 9.309   -7.797  -3.430  1.00 25.43 ? 81  PRO B CD  1 
ATOM   1398 N N   . ALA B 1 82 ? 9.879   -5.932  -0.242  1.00 21.02 ? 82  ALA B N   1 
ATOM   1399 C CA  . ALA B 1 82 ? 9.616   -4.952  0.806   1.00 18.88 ? 82  ALA B CA  1 
ATOM   1400 C C   . ALA B 1 82 ? 8.749   -5.548  1.906   1.00 17.09 ? 82  ALA B C   1 
ATOM   1401 O O   . ALA B 1 82 ? 7.770   -6.233  1.627   1.00 19.27 ? 82  ALA B O   1 
ATOM   1402 C CB  . ALA B 1 82 ? 8.939   -3.720  0.214   1.00 18.49 ? 82  ALA B CB  1 
ATOM   1403 N N   . ASN B 1 83 ? 9.113   -5.297  3.159   1.00 15.53 ? 83  ASN B N   1 
ATOM   1404 C CA  . ASN B 1 83 ? 8.329   -5.809  4.270   1.00 14.55 ? 83  ASN B CA  1 
ATOM   1405 C C   . ASN B 1 83 ? 7.097   -4.921  4.413   1.00 13.90 ? 83  ASN B C   1 
ATOM   1406 O O   . ASN B 1 83 ? 7.197   -3.696  4.374   1.00 11.48 ? 83  ASN B O   1 
ATOM   1407 C CB  . ASN B 1 83 ? 9.153   -5.823  5.560   1.00 16.30 ? 83  ASN B CB  1 
ATOM   1408 C CG  . ASN B 1 83 ? 10.262  -6.869  5.534   1.00 18.78 ? 83  ASN B CG  1 
ATOM   1409 O OD1 . ASN B 1 83 ? 10.080  -7.971  5.014   1.00 18.88 ? 83  ASN B OD1 1 
ATOM   1410 N ND2 . ASN B 1 83 ? 11.411  -6.532  6.113   1.00 17.88 ? 83  ASN B ND2 1 
ATOM   1411 N N   . VAL B 1 84 ? 5.937   -5.550  4.573   1.00 13.12 ? 84  VAL B N   1 
ATOM   1412 C CA  . VAL B 1 84 ? 4.683   -4.820  4.669   1.00 13.37 ? 84  VAL B CA  1 
ATOM   1413 C C   . VAL B 1 84 ? 3.787   -5.179  5.854   1.00 12.85 ? 84  VAL B C   1 
ATOM   1414 O O   . VAL B 1 84 ? 3.579   -6.347  6.170   1.00 12.59 ? 84  VAL B O   1 
ATOM   1415 C CB  . VAL B 1 84 ? 3.859   -5.003  3.361   1.00 13.03 ? 84  VAL B CB  1 
ATOM   1416 C CG1 . VAL B 1 84 ? 2.426   -4.552  3.566   1.00 14.85 ? 84  VAL B CG1 1 
ATOM   1417 C CG2 . VAL B 1 84 ? 4.493   -4.209  2.239   1.00 11.55 ? 84  VAL B CG2 1 
ATOM   1418 N N   . ILE B 1 85 ? 3.261   -4.147  6.505   1.00 13.12 ? 85  ILE B N   1 
ATOM   1419 C CA  . ILE B 1 85 ? 2.341   -4.317  7.620   1.00 11.60 ? 85  ILE B CA  1 
ATOM   1420 C C   . ILE B 1 85 ? 0.996   -3.875  7.063   1.00 10.28 ? 85  ILE B C   1 
ATOM   1421 O O   . ILE B 1 85 ? 0.819   -2.712  6.707   1.00 9.06  ? 85  ILE B O   1 
ATOM   1422 C CB  . ILE B 1 85 ? 2.732   -3.428  8.811   1.00 13.36 ? 85  ILE B CB  1 
ATOM   1423 C CG1 . ILE B 1 85 ? 4.074   -3.905  9.376   1.00 13.53 ? 85  ILE B CG1 1 
ATOM   1424 C CG2 . ILE B 1 85 ? 1.640   -3.466  9.879   1.00 10.27 ? 85  ILE B CG2 1 
ATOM   1425 C CD1 . ILE B 1 85 ? 4.654   -3.000  10.418  1.00 14.85 ? 85  ILE B CD1 1 
ATOM   1426 N N   . GLY B 1 86 ? 0.063   -4.815  6.963   1.00 10.15 ? 86  GLY B N   1 
ATOM   1427 C CA  . GLY B 1 86 ? -1.247  -4.506  6.415   1.00 11.17 ? 86  GLY B CA  1 
ATOM   1428 C C   . GLY B 1 86 ? -2.282  -4.020  7.412   1.00 12.14 ? 86  GLY B C   1 
ATOM   1429 O O   . GLY B 1 86 ? -1.985  -3.784  8.585   1.00 12.07 ? 86  GLY B O   1 
ATOM   1430 N N   . ARG B 1 87 ? -3.511  -3.878  6.926   1.00 12.71 ? 87  ARG B N   1 
ATOM   1431 C CA  . ARG B 1 87 ? -4.632  -3.413  7.735   1.00 11.93 ? 87  ARG B CA  1 
ATOM   1432 C C   . ARG B 1 87 ? -5.019  -4.406  8.826   1.00 13.09 ? 87  ARG B C   1 
ATOM   1433 O O   . ARG B 1 87 ? -5.706  -4.050  9.782   1.00 14.90 ? 87  ARG B O   1 
ATOM   1434 C CB  . ARG B 1 87 ? -5.836  -3.126  6.828   1.00 12.03 ? 87  ARG B CB  1 
ATOM   1435 C CG  . ARG B 1 87 ? -5.550  -2.076  5.748   1.00 14.77 ? 87  ARG B CG  1 
ATOM   1436 C CD  . ARG B 1 87 ? -6.792  -1.663  4.951   1.00 16.74 ? 87  ARG B CD  1 
ATOM   1437 N NE  . ARG B 1 87 ? -7.334  -2.746  4.133   1.00 18.92 ? 87  ARG B NE  1 
ATOM   1438 C CZ  . ARG B 1 87 ? -8.299  -3.574  4.522   1.00 18.05 ? 87  ARG B CZ  1 
ATOM   1439 N NH1 . ARG B 1 87 ? -8.845  -3.451  5.725   1.00 17.00 ? 87  ARG B NH1 1 
ATOM   1440 N NH2 . ARG B 1 87 ? -8.715  -4.531  3.706   1.00 15.94 ? 87  ARG B NH2 1 
ATOM   1441 N N   . ASN B 1 88 ? -4.578  -5.652  8.691   1.00 12.69 ? 88  ASN B N   1 
ATOM   1442 C CA  . ASN B 1 88 ? -4.898  -6.667  9.687   1.00 12.17 ? 88  ASN B CA  1 
ATOM   1443 C C   . ASN B 1 88 ? -4.189  -6.352  11.005  1.00 12.33 ? 88  ASN B C   1 
ATOM   1444 O O   . ASN B 1 88 ? -4.647  -6.736  12.076  1.00 13.62 ? 88  ASN B O   1 
ATOM   1445 C CB  . ASN B 1 88 ? -4.494  -8.056  9.179   1.00 11.27 ? 88  ASN B CB  1 
ATOM   1446 C CG  . ASN B 1 88 ? -2.988  -8.240  9.102   1.00 11.74 ? 88  ASN B CG  1 
ATOM   1447 O OD1 . ASN B 1 88 ? -2.266  -7.399  8.557   1.00 9.06  ? 88  ASN B OD1 1 
ATOM   1448 N ND2 . ASN B 1 88 ? -2.507  -9.351  9.648   1.00 8.86  ? 88  ASN B ND2 1 
ATOM   1449 N N   . LEU B 1 89 ? -3.068  -5.647  10.925  1.00 13.62 ? 89  LEU B N   1 
ATOM   1450 C CA  . LEU B 1 89 ? -2.327  -5.284  12.124  1.00 13.82 ? 89  LEU B CA  1 
ATOM   1451 C C   . LEU B 1 89 ? -2.490  -3.809  12.434  1.00 13.80 ? 89  LEU B C   1 
ATOM   1452 O O   . LEU B 1 89 ? -2.492  -3.413  13.598  1.00 13.90 ? 89  LEU B O   1 
ATOM   1453 C CB  . LEU B 1 89 ? -0.842  -5.621  11.970  1.00 13.54 ? 89  LEU B CB  1 
ATOM   1454 C CG  . LEU B 1 89 ? -0.506  -7.112  12.002  1.00 15.94 ? 89  LEU B CG  1 
ATOM   1455 C CD1 . LEU B 1 89 ? 1.001   -7.304  11.938  1.00 17.16 ? 89  LEU B CD1 1 
ATOM   1456 C CD2 . LEU B 1 89 ? -1.060  -7.725  13.280  1.00 17.37 ? 89  LEU B CD2 1 
ATOM   1457 N N   . MET B 1 90 ? -2.642  -2.997  11.394  1.00 14.07 ? 90  MET B N   1 
ATOM   1458 C CA  . MET B 1 90 ? -2.802  -1.564  11.592  1.00 16.10 ? 90  MET B CA  1 
ATOM   1459 C C   . MET B 1 90 ? -4.048  -1.196  12.386  1.00 15.47 ? 90  MET B C   1 
ATOM   1460 O O   . MET B 1 90 ? -4.078  -0.151  13.034  1.00 15.39 ? 90  MET B O   1 
ATOM   1461 C CB  . MET B 1 90 ? -2.785  -0.845  10.233  1.00 16.89 ? 90  MET B CB  1 
ATOM   1462 C CG  . MET B 1 90 ? -1.385  -0.524  9.736   1.00 18.72 ? 90  MET B CG  1 
ATOM   1463 S SD  . MET B 1 90 ? -1.395  0.640   8.368   1.00 20.77 ? 90  MET B SD  1 
ATOM   1464 C CE  . MET B 1 90 ? -1.455  -0.472  6.967   1.00 20.41 ? 90  MET B CE  1 
ATOM   1465 N N   . THR B 1 91 ? -5.071  -2.045  12.347  1.00 14.54 ? 91  THR B N   1 
ATOM   1466 C CA  . THR B 1 91 ? -6.289  -1.770  13.099  1.00 15.83 ? 91  THR B CA  1 
ATOM   1467 C C   . THR B 1 91 ? -6.069  -2.050  14.582  1.00 16.81 ? 91  THR B C   1 
ATOM   1468 O O   . THR B 1 91 ? -6.748  -1.476  15.435  1.00 17.34 ? 91  THR B O   1 
ATOM   1469 C CB  . THR B 1 91 ? -7.487  -2.623  12.610  1.00 14.88 ? 91  THR B CB  1 
ATOM   1470 O OG1 . THR B 1 91 ? -7.137  -4.009  12.637  1.00 15.98 ? 91  THR B OG1 1 
ATOM   1471 C CG2 . THR B 1 91 ? -7.888  -2.226  11.200  1.00 15.23 ? 91  THR B CG2 1 
ATOM   1472 N N   . GLN B 1 92 ? -5.114  -2.923  14.890  1.00 17.18 ? 92  GLN B N   1 
ATOM   1473 C CA  . GLN B 1 92 ? -4.831  -3.259  16.279  1.00 17.64 ? 92  GLN B CA  1 
ATOM   1474 C C   . GLN B 1 92 ? -4.064  -2.155  17.004  1.00 17.70 ? 92  GLN B C   1 
ATOM   1475 O O   . GLN B 1 92 ? -4.103  -2.071  18.232  1.00 17.67 ? 92  GLN B O   1 
ATOM   1476 C CB  . GLN B 1 92 ? -4.064  -4.582  16.369  1.00 19.64 ? 92  GLN B CB  1 
ATOM   1477 C CG  . GLN B 1 92 ? -4.859  -5.803  15.917  1.00 21.35 ? 92  GLN B CG  1 
ATOM   1478 C CD  . GLN B 1 92 ? -4.171  -7.119  16.270  1.00 26.35 ? 92  GLN B CD  1 
ATOM   1479 O OE1 . GLN B 1 92 ? -4.055  -7.478  17.446  1.00 27.58 ? 92  GLN B OE1 1 
ATOM   1480 N NE2 . GLN B 1 92 ? -3.705  -7.840  15.252  1.00 25.94 ? 92  GLN B NE2 1 
ATOM   1481 N N   . ILE B 1 93 ? -3.367  -1.307  16.253  1.00 17.69 ? 93  ILE B N   1 
ATOM   1482 C CA  . ILE B 1 93 ? -2.629  -0.209  16.874  1.00 18.05 ? 93  ILE B CA  1 
ATOM   1483 C C   . ILE B 1 93 ? -3.331  1.135   16.667  1.00 17.98 ? 93  ILE B C   1 
ATOM   1484 O O   . ILE B 1 93 ? -2.761  2.192   16.930  1.00 18.36 ? 93  ILE B O   1 
ATOM   1485 C CB  . ILE B 1 93 ? -1.174  -0.117  16.353  1.00 16.72 ? 93  ILE B CB  1 
ATOM   1486 C CG1 . ILE B 1 93 ? -1.156  0.085   14.843  1.00 17.42 ? 93  ILE B CG1 1 
ATOM   1487 C CG2 . ILE B 1 93 ? -0.420  -1.388  16.703  1.00 18.91 ? 93  ILE B CG2 1 
ATOM   1488 C CD1 . ILE B 1 93 ? 0.243   0.265   14.289  1.00 19.27 ? 93  ILE B CD1 1 
ATOM   1489 N N   . GLY B 1 94 ? -4.573  1.080   16.195  1.00 18.18 ? 94  GLY B N   1 
ATOM   1490 C CA  . GLY B 1 94 ? -5.356  2.284   15.986  1.00 19.67 ? 94  GLY B CA  1 
ATOM   1491 C C   . GLY B 1 94 ? -4.941  3.220   14.866  1.00 22.25 ? 94  GLY B C   1 
ATOM   1492 O O   . GLY B 1 94 ? -5.168  4.425   14.961  1.00 21.92 ? 94  GLY B O   1 
ATOM   1493 N N   . CYS B 1 95 ? -4.337  2.685   13.809  1.00 23.32 ? 95  CYS B N   1 
ATOM   1494 C CA  . CYS B 1 95 ? -3.922  3.515   12.679  1.00 24.62 ? 95  CYS B CA  1 
ATOM   1495 C C   . CYS B 1 95 ? -5.120  4.016   11.892  1.00 23.21 ? 95  CYS B C   1 
ATOM   1496 O O   . CYS B 1 95 ? -6.046  3.259   11.606  1.00 23.35 ? 95  CYS B O   1 
ATOM   1497 C CB  . CYS B 1 95 ? -3.018  2.731   11.726  1.00 27.69 ? 95  CYS B CB  1 
ATOM   1498 S SG  . CYS B 1 95 ? -1.332  2.495   12.293  1.00 36.13 ? 95  CYS B SG  1 
ATOM   1499 N N   . THR B 1 96 ? -5.090  5.296   11.538  1.00 21.42 ? 96  THR B N   1 
ATOM   1500 C CA  . THR B 1 96 ? -6.157  5.909   10.759  1.00 21.07 ? 96  THR B CA  1 
ATOM   1501 C C   . THR B 1 96 ? -5.553  6.858   9.729   1.00 21.25 ? 96  THR B C   1 
ATOM   1502 O O   . THR B 1 96 ? -4.490  7.440   9.960   1.00 20.59 ? 96  THR B O   1 
ATOM   1503 C CB  . THR B 1 96 ? -7.122  6.732   11.650  1.00 20.90 ? 96  THR B CB  1 
ATOM   1504 O OG1 . THR B 1 96 ? -6.400  7.793   12.293  1.00 20.50 ? 96  THR B OG1 1 
ATOM   1505 C CG2 . THR B 1 96 ? -7.766  5.849   12.704  1.00 19.64 ? 96  THR B CG2 1 
ATOM   1506 N N   . LEU B 1 97 ? -6.214  6.995   8.585   1.00 19.52 ? 97  LEU B N   1 
ATOM   1507 C CA  . LEU B 1 97 ? -5.742  7.921   7.565   1.00 20.76 ? 97  LEU B CA  1 
ATOM   1508 C C   . LEU B 1 97 ? -6.413  9.241   7.883   1.00 20.67 ? 97  LEU B C   1 
ATOM   1509 O O   . LEU B 1 97 ? -7.505  9.254   8.443   1.00 21.93 ? 97  LEU B O   1 
ATOM   1510 C CB  . LEU B 1 97 ? -6.144  7.467   6.165   1.00 20.82 ? 97  LEU B CB  1 
ATOM   1511 C CG  . LEU B 1 97 ? -5.157  6.566   5.434   1.00 19.81 ? 97  LEU B CG  1 
ATOM   1512 C CD1 . LEU B 1 97 ? -5.665  6.300   4.028   1.00 21.64 ? 97  LEU B CD1 1 
ATOM   1513 C CD2 . LEU B 1 97 ? -3.799  7.247   5.384   1.00 20.63 ? 97  LEU B CD2 1 
ATOM   1514 N N   . ASN B 1 98 ? -5.773  10.348  7.530   1.00 23.12 ? 98  ASN B N   1 
ATOM   1515 C CA  . ASN B 1 98 ? -6.343  11.654  7.828   1.00 23.97 ? 98  ASN B CA  1 
ATOM   1516 C C   . ASN B 1 98 ? -6.021  12.713  6.789   1.00 25.66 ? 98  ASN B C   1 
ATOM   1517 O O   . ASN B 1 98 ? -4.893  12.809  6.316   1.00 24.87 ? 98  ASN B O   1 
ATOM   1518 C CB  . ASN B 1 98 ? -5.857  12.118  9.200   1.00 22.96 ? 98  ASN B CB  1 
ATOM   1519 C CG  . ASN B 1 98 ? -6.388  11.252  10.326  1.00 25.45 ? 98  ASN B CG  1 
ATOM   1520 O OD1 . ASN B 1 98 ? -7.506  11.451  10.797  1.00 28.04 ? 98  ASN B OD1 1 
ATOM   1521 N ND2 . ASN B 1 98 ? -5.596  10.274  10.752  1.00 24.85 ? 98  ASN B ND2 1 
ATOM   1522 N N   . PHE B 1 99 ? -7.038  13.494  6.434   1.00 27.66 ? 99  PHE B N   1 
ATOM   1523 C CA  . PHE B 1 99 ? -6.905  14.584  5.472   1.00 29.34 ? 99  PHE B CA  1 
ATOM   1524 C C   . PHE B 1 99 ? -8.217  15.371  5.428   1.00 29.86 ? 99  PHE B C   1 
ATOM   1525 O O   . PHE B 1 99 ? -8.547  15.943  4.367   1.00 30.38 ? 99  PHE B O   1 
ATOM   1526 C CB  . PHE B 1 99 ? -6.566  14.043  4.071   1.00 28.72 ? 99  PHE B CB  1 
ATOM   1527 C CG  . PHE B 1 99 ? -7.692  13.295  3.413   1.00 28.73 ? 99  PHE B CG  1 
ATOM   1528 C CD1 . PHE B 1 99 ? -8.078  12.042  3.871   1.00 29.80 ? 99  PHE B CD1 1 
ATOM   1529 C CD2 . PHE B 1 99 ? -8.374  13.853  2.335   1.00 29.09 ? 99  PHE B CD2 1 
ATOM   1530 C CE1 . PHE B 1 99 ? -9.129  11.353  3.263   1.00 30.27 ? 99  PHE B CE1 1 
ATOM   1531 C CE2 . PHE B 1 99 ? -9.426  13.171  1.722   1.00 28.60 ? 99  PHE B CE2 1 
ATOM   1532 C CZ  . PHE B 1 99 ? -9.803  11.921  2.186   1.00 28.20 ? 99  PHE B CZ  1 
ATOM   1533 O OXT . PHE B 1 99 ? -8.897  15.418  6.474   1.00 28.99 ? 99  PHE B OXT 1 
HETATM 1534 C C1  . RIT C 2 .  ? 0.646   -8.526  0.952   0.60 36.48 ? 301 RIT B C1  1 
HETATM 1535 C C2  . RIT C 2 .  ? -0.124  -8.232  -0.136  0.60 34.92 ? 301 RIT B C2  1 
HETATM 1536 S S3  . RIT C 2 .  ? -1.872  -8.492  0.060   0.60 37.23 ? 301 RIT B S3  1 
HETATM 1537 C C4  . RIT C 2 .  ? -1.252  -8.980  1.650   0.60 37.42 ? 301 RIT B C4  1 
HETATM 1538 N N5  . RIT C 2 .  ? -0.007  -8.952  1.965   0.60 38.08 ? 301 RIT B N5  1 
HETATM 1539 C C6  . RIT C 2 .  ? 0.037   -7.747  -1.462  0.60 33.04 ? 301 RIT B C6  1 
HETATM 1540 O O7  . RIT C 2 .  ? -0.115  -6.347  -1.434  0.60 30.15 ? 301 RIT B O7  1 
HETATM 1541 C C10 . RIT C 2 .  ? -0.030  -5.500  -2.532  0.60 28.26 ? 301 RIT B C10 1 
HETATM 1542 O O24 . RIT C 2 .  ? 0.194   -5.898  -3.683  0.60 29.93 ? 301 RIT B O24 1 
HETATM 1543 N N11 . RIT C 2 .  ? -0.224  -4.206  -2.155  0.60 26.15 ? 301 RIT B N11 1 
HETATM 1544 C C12 . RIT C 2 .  ? -0.192  -3.047  -3.067  0.60 22.97 ? 301 RIT B C12 1 
HETATM 1545 C C13 . RIT C 2 .  ? 0.507   -1.809  -2.473  0.60 20.59 ? 301 RIT B C13 1 
HETATM 1546 C C14 . RIT C 2 .  ? 1.864   -2.083  -1.860  0.60 20.21 ? 301 RIT B C14 1 
HETATM 1547 C C15 . RIT C 2 .  ? 3.126   -2.357  -2.720  0.60 20.73 ? 301 RIT B C15 1 
HETATM 1548 C C26 . RIT C 2 .  ? -1.583  -2.657  -3.636  0.60 22.82 ? 301 RIT B C26 1 
HETATM 1549 C C28 . RIT C 2 .  ? -2.437  -3.655  -4.245  0.60 22.53 ? 301 RIT B C28 1 
HETATM 1550 C C31 . RIT C 2 .  ? -2.087  -3.809  -5.617  0.60 22.75 ? 301 RIT B C31 1 
HETATM 1551 C C32 . RIT C 2 .  ? -2.816  -4.760  -6.394  0.60 23.58 ? 301 RIT B C32 1 
HETATM 1552 C C33 . RIT C 2 .  ? -3.870  -5.547  -5.831  0.60 22.95 ? 301 RIT B C33 1 
HETATM 1553 C C34 . RIT C 2 .  ? -4.205  -5.374  -4.446  0.60 23.06 ? 301 RIT B C34 1 
HETATM 1554 C C35 . RIT C 2 .  ? -3.493  -4.432  -3.655  0.60 23.10 ? 301 RIT B C35 1 
HETATM 1555 O O41 . RIT C 2 .  ? -0.359  -1.331  -1.467  0.60 19.88 ? 301 RIT B O41 1 
HETATM 1556 C C44 . RIT C 2 .  ? 4.244   -2.509  -1.710  0.60 20.64 ? 301 RIT B C44 1 
HETATM 1557 C C45 . RIT C 2 .  ? 5.430   -3.018  -2.383  0.60 21.49 ? 301 RIT B C45 1 
HETATM 1558 C C48 . RIT C 2 .  ? 6.455   -2.073  -2.699  0.60 22.31 ? 301 RIT B C48 1 
HETATM 1559 C C49 . RIT C 2 .  ? 7.648   -2.493  -3.364  0.60 23.03 ? 301 RIT B C49 1 
HETATM 1560 C C50 . RIT C 2 .  ? 7.797   -3.860  -3.700  0.60 22.73 ? 301 RIT B C50 1 
HETATM 1561 C C51 . RIT C 2 .  ? 6.786   -4.798  -3.385  0.60 22.86 ? 301 RIT B C51 1 
HETATM 1562 C C52 . RIT C 2 .  ? 5.598   -4.387  -2.727  0.60 21.79 ? 301 RIT B C52 1 
HETATM 1563 N N58 . RIT C 2 .  ? 3.461   -1.261  -3.632  0.60 22.11 ? 301 RIT B N58 1 
HETATM 1564 N N20 . RIT C 2 .  ? 5.372   -0.018  -5.954  0.60 29.11 ? 301 RIT B N20 1 
HETATM 1565 C C19 . RIT C 2 .  ? 3.924   -0.029  -5.664  0.60 25.04 ? 301 RIT B C19 1 
HETATM 1566 C C18 . RIT C 2 .  ? 3.523   -1.350  -4.979  0.60 23.45 ? 301 RIT B C18 1 
HETATM 1567 O O61 . RIT C 2 .  ? 3.293   -2.405  -5.609  0.60 24.59 ? 301 RIT B O61 1 
HETATM 1568 C C62 . RIT C 2 .  ? 3.166   0.291   -7.009  0.60 24.42 ? 301 RIT B C62 1 
HETATM 1569 C C64 . RIT C 2 .  ? 1.617   0.316   -6.919  0.60 23.23 ? 301 RIT B C64 1 
HETATM 1570 C C68 . RIT C 2 .  ? 3.659   1.634   -7.608  0.60 22.99 ? 301 RIT B C68 1 
HETATM 1571 C C21 . RIT C 2 .  ? 6.246   0.752   -5.240  0.60 31.71 ? 301 RIT B C21 1 
HETATM 1572 N N74 . RIT C 2 .  ? 7.574   0.569   -5.579  0.60 33.76 ? 301 RIT B N74 1 
HETATM 1573 C C75 . RIT C 2 .  ? 8.639   1.335   -4.894  0.60 36.67 ? 301 RIT B C75 1 
HETATM 1574 O O76 . RIT C 2 .  ? 5.837   1.552   -4.358  0.60 29.70 ? 301 RIT B O76 1 
HETATM 1575 C C77 . RIT C 2 .  ? 9.222   0.774   -3.659  0.60 39.97 ? 301 RIT B C77 1 
HETATM 1576 C C80 . RIT C 2 .  ? 8.680   1.173   -2.469  0.60 41.27 ? 301 RIT B C80 1 
HETATM 1577 S S81 . RIT C 2 .  ? 9.597   0.322   -1.201  0.60 43.73 ? 301 RIT B S81 1 
HETATM 1578 C C82 . RIT C 2 .  ? 10.584  -0.454  -2.449  0.60 42.92 ? 301 RIT B C82 1 
HETATM 1579 N N83 . RIT C 2 .  ? 10.213  -0.074  -3.646  0.60 41.89 ? 301 RIT B N83 1 
HETATM 1580 C C85 . RIT C 2 .  ? 11.510  -1.286  -1.811  0.60 43.67 ? 301 RIT B C85 1 
HETATM 1581 C C86 . RIT C 2 .  ? 12.506  -0.982  -0.694  0.60 43.93 ? 301 RIT B C86 1 
HETATM 1582 C C90 . RIT C 2 .  ? 12.340  -1.947  -2.838  0.60 43.79 ? 301 RIT B C90 1 
HETATM 1583 C C95 . RIT C 2 .  ? 8.101   -0.248  -6.496  0.60 32.74 ? 301 RIT B C95 1 
HETATM 1584 O O   . HOH D 3 .  ? -9.986  -0.091  -7.856  1.00 32.35 ? 100 HOH A O   1 
HETATM 1585 O O   . HOH D 3 .  ? -16.956 7.579   -15.897 1.00 30.02 ? 101 HOH A O   1 
HETATM 1586 O O   . HOH D 3 .  ? -13.592 2.204   -10.100 1.00 18.04 ? 102 HOH A O   1 
HETATM 1587 O O   . HOH D 3 .  ? -13.592 4.925   8.271   1.00 12.81 ? 103 HOH A O   1 
HETATM 1588 O O   . HOH D 3 .  ? 2.107   8.228   -10.381 1.00 14.89 ? 104 HOH A O   1 
HETATM 1589 O O   . HOH D 3 .  ? -14.166 2.369   12.210  1.00 28.32 ? 105 HOH A O   1 
HETATM 1590 O O   . HOH D 3 .  ? -11.470 23.607  -12.432 1.00 33.06 ? 106 HOH A O   1 
HETATM 1591 O O   . HOH D 3 .  ? 5.787   4.009   -0.439  1.00 42.39 ? 107 HOH A O   1 
HETATM 1592 O O   . HOH D 3 .  ? -14.848 9.167   -1.688  1.00 31.64 ? 108 HOH A O   1 
HETATM 1593 O O   . HOH D 3 .  ? 3.890   17.012  -4.284  1.00 37.72 ? 109 HOH A O   1 
HETATM 1594 O O   . HOH D 3 .  ? 3.142   12.516  -20.147 1.00 33.41 ? 110 HOH A O   1 
HETATM 1595 O O   . HOH D 3 .  ? -0.493  17.553  -18.959 1.00 21.61 ? 111 HOH A O   1 
HETATM 1596 O O   . HOH D 3 .  ? 1.326   13.546  4.013   1.00 33.78 ? 112 HOH A O   1 
HETATM 1597 O O   . HOH D 3 .  ? -10.372 -0.152  -17.048 1.00 18.22 ? 113 HOH A O   1 
HETATM 1598 O O   . HOH D 3 .  ? -15.296 5.093   -2.975  1.00 34.85 ? 114 HOH A O   1 
HETATM 1599 O O   . HOH D 3 .  ? -20.020 2.145   6.229   1.00 21.79 ? 115 HOH A O   1 
HETATM 1600 O O   . HOH D 3 .  ? -4.905  17.837  5.123   1.00 26.22 ? 116 HOH A O   1 
HETATM 1601 O O   . HOH D 3 .  ? 9.154   -6.906  -8.604  1.00 55.92 ? 117 HOH A O   1 
HETATM 1602 O O   . HOH D 3 .  ? 5.997   9.581   -3.785  1.00 34.70 ? 118 HOH A O   1 
HETATM 1603 O O   . HOH E 3 .  ? 11.202  -3.229  4.046   1.00 26.73 ? 302 HOH B O   1 
HETATM 1604 O O   . HOH E 3 .  ? 6.615   12.006  9.197   1.00 15.50 ? 303 HOH B O   1 
HETATM 1605 O O   . HOH E 3 .  ? -1.005  -11.125 7.451   1.00 16.48 ? 304 HOH B O   1 
HETATM 1606 O O   . HOH E 3 .  ? -8.045  1.487   12.049  1.00 28.73 ? 305 HOH B O   1 
HETATM 1607 O O   . HOH E 3 .  ? 6.687   16.087  6.850   1.00 28.91 ? 306 HOH B O   1 
HETATM 1608 O O   . HOH E 3 .  ? -6.117  -2.731  1.825   1.00 28.04 ? 307 HOH B O   1 
HETATM 1609 O O   . HOH E 3 .  ? -4.909  5.136   18.274  1.00 39.94 ? 308 HOH B O   1 
HETATM 1610 O O   . HOH E 3 .  ? -2.176  -22.228 -2.577  1.00 29.13 ? 309 HOH B O   1 
HETATM 1611 O O   . HOH E 3 .  ? 8.992   6.489   8.580   1.00 46.88 ? 310 HOH B O   1 
HETATM 1612 O O   . HOH E 3 .  ? 17.368  -9.230  14.361  1.00 32.61 ? 311 HOH B O   1 
HETATM 1613 O O   . HOH E 3 .  ? 14.338  -4.795  7.638   1.00 26.57 ? 312 HOH B O   1 
HETATM 1614 O O   . HOH E 3 .  ? -3.239  -14.835 13.541  1.00 28.05 ? 313 HOH B O   1 
HETATM 1615 O O   . HOH E 3 .  ? 13.030  -9.380  6.163   1.00 20.61 ? 314 HOH B O   1 
HETATM 1616 O O   . HOH E 3 .  ? 2.320   -4.975  -5.053  1.00 31.20 ? 315 HOH B O   1 
HETATM 1617 O O   . HOH E 3 .  ? -3.740  -6.414  -0.897  1.00 41.31 ? 316 HOH B O   1 
# 
loop_
_pdbx_poly_seq_scheme.asym_id 
_pdbx_poly_seq_scheme.entity_id 
_pdbx_poly_seq_scheme.seq_id 
_pdbx_poly_seq_scheme.mon_id 
_pdbx_poly_seq_scheme.ndb_seq_num 
_pdbx_poly_seq_scheme.pdb_seq_num 
_pdbx_poly_seq_scheme.auth_seq_num 
_pdbx_poly_seq_scheme.pdb_mon_id 
_pdbx_poly_seq_scheme.auth_mon_id 
_pdbx_poly_seq_scheme.pdb_strand_id 
_pdbx_poly_seq_scheme.pdb_ins_code 
_pdbx_poly_seq_scheme.hetero 
A 1 1  PRO 1  1  1  PRO PRO A . n 
A 1 2  GLN 2  2  2  GLN GLN A . n 
A 1 3  ILE 3  3  3  ILE ILE A . n 
A 1 4  THR 4  4  4  THR THR A . n 
A 1 5  LEU 5  5  5  LEU LEU A . n 
A 1 6  TRP 6  6  6  TRP TRP A . n 
A 1 7  GLN 7  7  7  GLN GLN A . n 
A 1 8  ARG 8  8  8  ARG ARG A . n 
A 1 9  PRO 9  9  9  PRO PRO A . n 
A 1 10 LEU 10 10 10 LEU LEU A . n 
A 1 11 VAL 11 11 11 VAL VAL A . n 
A 1 12 THR 12 12 12 THR THR A . n 
A 1 13 ILE 13 13 13 ILE ILE A . n 
A 1 14 LYS 14 14 14 LYS LYS A . n 
A 1 15 ILE 15 15 15 ILE ILE A . n 
A 1 16 GLY 16 16 16 GLY GLY A . n 
A 1 17 GLY 17 17 17 GLY GLY A . n 
A 1 18 GLN 18 18 18 GLN GLN A . n 
A 1 19 LEU 19 19 19 LEU LEU A . n 
A 1 20 ARG 20 20 20 ARG ARG A . n 
A 1 21 GLU 21 21 21 GLU GLU A . n 
A 1 22 ALA 22 22 22 ALA ALA A . n 
A 1 23 LEU 23 23 23 LEU LEU A . n 
A 1 24 LEU 24 24 24 LEU LEU A . n 
A 1 25 ASP 25 25 25 ASP ASP A . n 
A 1 26 THR 26 26 26 THR THR A . n 
A 1 27 GLY 27 27 27 GLY GLY A . n 
A 1 28 ALA 28 28 28 ALA ALA A . n 
A 1 29 ASP 29 29 29 ASP ASP A . n 
A 1 30 ASP 30 30 30 ASP ASP A . n 
A 1 31 THR 31 31 31 THR THR A . n 
A 1 32 ILE 32 32 32 ILE ILE A . n 
A 1 33 PHE 33 33 33 PHE PHE A . n 
A 1 34 GLU 34 34 34 GLU GLU A . n 
A 1 35 GLU 35 35 35 GLU GLU A . n 
A 1 36 ILE 36 36 36 ILE ILE A . n 
A 1 37 SER 37 37 37 SER SER A . n 
A 1 38 LEU 38 38 38 LEU LEU A . n 
A 1 39 PRO 39 39 39 PRO PRO A . n 
A 1 40 GLY 40 40 40 GLY GLY A . n 
A 1 41 ARG 41 41 41 ARG ARG A . n 
A 1 42 TRP 42 42 42 TRP TRP A . n 
A 1 43 LYS 43 43 43 LYS LYS A . n 
A 1 44 PRO 44 44 44 PRO PRO A . n 
A 1 45 LYS 45 45 45 LYS LYS A . n 
A 1 46 MET 46 46 46 MET MET A . n 
A 1 47 ILE 47 47 47 ILE ILE A . n 
A 1 48 GLY 48 48 48 GLY GLY A . n 
A 1 49 GLY 49 49 49 GLY GLY A . n 
A 1 50 ILE 50 50 50 ILE ILE A . n 
A 1 51 GLY 51 51 51 GLY GLY A . n 
A 1 52 GLY 52 52 52 GLY GLY A . n 
A 1 53 PHE 53 53 53 PHE PHE A . n 
A 1 54 VAL 54 54 54 VAL VAL A . n 
A 1 55 LYS 55 55 55 LYS LYS A . n 
A 1 56 VAL 56 56 56 VAL VAL A . n 
A 1 57 ARG 57 57 57 ARG ARG A . n 
A 1 58 GLN 58 58 58 GLN GLN A . n 
A 1 59 TYR 59 59 59 TYR TYR A . n 
A 1 60 ASP 60 60 60 ASP ASP A . n 
A 1 61 GLN 61 61 61 GLN GLN A . n 
A 1 62 ILE 62 62 62 ILE ILE A . n 
A 1 63 PRO 63 63 63 PRO PRO A . n 
A 1 64 ILE 64 64 64 ILE ILE A . n 
A 1 65 GLU 65 65 65 GLU GLU A . n 
A 1 66 ILE 66 66 66 ILE ILE A . n 
A 1 67 CYS 67 67 67 CYS CYS A . n 
A 1 68 GLY 68 68 68 GLY GLY A . n 
A 1 69 HIS 69 69 69 HIS HIS A . n 
A 1 70 LYS 70 70 70 LYS LYS A . n 
A 1 71 VAL 71 71 71 VAL VAL A . n 
A 1 72 ILE 72 72 72 ILE ILE A . n 
A 1 73 GLY 73 73 73 GLY GLY A . n 
A 1 74 THR 74 74 74 THR THR A . n 
A 1 75 VAL 75 75 75 VAL VAL A . n 
A 1 76 LEU 76 76 76 LEU LEU A . n 
A 1 77 VAL 77 77 77 VAL VAL A . n 
A 1 78 GLY 78 78 78 GLY GLY A . n 
A 1 79 PRO 79 79 79 PRO PRO A . n 
A 1 80 THR 80 80 80 THR THR A . n 
A 1 81 PRO 81 81 81 PRO PRO A . n 
A 1 82 ALA 82 82 82 ALA ALA A . n 
A 1 83 ASN 83 83 83 ASN ASN A . n 
A 1 84 VAL 84 84 84 VAL VAL A . n 
A 1 85 ILE 85 85 85 ILE ILE A . n 
A 1 86 GLY 86 86 86 GLY GLY A . n 
A 1 87 ARG 87 87 87 ARG ARG A . n 
A 1 88 ASN 88 88 88 ASN ASN A . n 
A 1 89 LEU 89 89 89 LEU LEU A . n 
A 1 90 MET 90 90 90 MET MET A . n 
A 1 91 THR 91 91 91 THR THR A . n 
A 1 92 GLN 92 92 92 GLN GLN A . n 
A 1 93 ILE 93 93 93 ILE ILE A . n 
A 1 94 GLY 94 94 94 GLY GLY A . n 
A 1 95 CYS 95 95 95 CYS CYS A . n 
A 1 96 THR 96 96 96 THR THR A . n 
A 1 97 LEU 97 97 97 LEU LEU A . n 
A 1 98 ASN 98 98 98 ASN ASN A . n 
A 1 99 PHE 99 99 99 PHE PHE A . n 
B 1 1  PRO 1  1  1  PRO PRO B . n 
B 1 2  GLN 2  2  2  GLN GLN B . n 
B 1 3  ILE 3  3  3  ILE ILE B . n 
B 1 4  THR 4  4  4  THR THR B . n 
B 1 5  LEU 5  5  5  LEU LEU B . n 
B 1 6  TRP 6  6  6  TRP TRP B . n 
B 1 7  GLN 7  7  7  GLN GLN B . n 
B 1 8  ARG 8  8  8  ARG ARG B . n 
B 1 9  PRO 9  9  9  PRO PRO B . n 
B 1 10 LEU 10 10 10 LEU LEU B . n 
B 1 11 VAL 11 11 11 VAL VAL B . n 
B 1 12 THR 12 12 12 THR THR B . n 
B 1 13 ILE 13 13 13 ILE ILE B . n 
B 1 14 LYS 14 14 14 LYS LYS B . n 
B 1 15 ILE 15 15 15 ILE ILE B . n 
B 1 16 GLY 16 16 16 GLY GLY B . n 
B 1 17 GLY 17 17 17 GLY GLY B . n 
B 1 18 GLN 18 18 18 GLN GLN B . n 
B 1 19 LEU 19 19 19 LEU LEU B . n 
B 1 20 ARG 20 20 20 ARG ARG B . n 
B 1 21 GLU 21 21 21 GLU GLU B . n 
B 1 22 ALA 22 22 22 ALA ALA B . n 
B 1 23 LEU 23 23 23 LEU LEU B . n 
B 1 24 LEU 24 24 24 LEU LEU B . n 
B 1 25 ASP 25 25 25 ASP ASP B . n 
B 1 26 THR 26 26 26 THR THR B . n 
B 1 27 GLY 27 27 27 GLY GLY B . n 
B 1 28 ALA 28 28 28 ALA ALA B . n 
B 1 29 ASP 29 29 29 ASP ASP B . n 
B 1 30 ASP 30 30 30 ASP ASP B . n 
B 1 31 THR 31 31 31 THR THR B . n 
B 1 32 ILE 32 32 32 ILE ILE B . n 
B 1 33 PHE 33 33 33 PHE PHE B . n 
B 1 34 GLU 34 34 34 GLU GLU B . n 
B 1 35 GLU 35 35 35 GLU GLU B . n 
B 1 36 ILE 36 36 36 ILE ILE B . n 
B 1 37 SER 37 37 37 SER SER B . n 
B 1 38 LEU 38 38 38 LEU LEU B . n 
B 1 39 PRO 39 39 39 PRO PRO B . n 
B 1 40 GLY 40 40 40 GLY GLY B . n 
B 1 41 ARG 41 41 41 ARG ARG B . n 
B 1 42 TRP 42 42 42 TRP TRP B . n 
B 1 43 LYS 43 43 43 LYS LYS B . n 
B 1 44 PRO 44 44 44 PRO PRO B . n 
B 1 45 LYS 45 45 45 LYS LYS B . n 
B 1 46 MET 46 46 46 MET MET B . n 
B 1 47 ILE 47 47 47 ILE ILE B . n 
B 1 48 GLY 48 48 48 GLY GLY B . n 
B 1 49 GLY 49 49 49 GLY GLY B . n 
B 1 50 ILE 50 50 50 ILE ILE B . n 
B 1 51 GLY 51 51 51 GLY GLY B . n 
B 1 52 GLY 52 52 52 GLY GLY B . n 
B 1 53 PHE 53 53 53 PHE PHE B . n 
B 1 54 VAL 54 54 54 VAL VAL B . n 
B 1 55 LYS 55 55 55 LYS LYS B . n 
B 1 56 VAL 56 56 56 VAL VAL B . n 
B 1 57 ARG 57 57 57 ARG ARG B . n 
B 1 58 GLN 58 58 58 GLN GLN B . n 
B 1 59 TYR 59 59 59 TYR TYR B . n 
B 1 60 ASP 60 60 60 ASP ASP B . n 
B 1 61 GLN 61 61 61 GLN GLN B . n 
B 1 62 ILE 62 62 62 ILE ILE B . n 
B 1 63 PRO 63 63 63 PRO PRO B . n 
B 1 64 ILE 64 64 64 ILE ILE B . n 
B 1 65 GLU 65 65 65 GLU GLU B . n 
B 1 66 ILE 66 66 66 ILE ILE B . n 
B 1 67 CYS 67 67 67 CYS CYS B . n 
B 1 68 GLY 68 68 68 GLY GLY B . n 
B 1 69 HIS 69 69 69 HIS HIS B . n 
B 1 70 LYS 70 70 70 LYS LYS B . n 
B 1 71 VAL 71 71 71 VAL VAL B . n 
B 1 72 ILE 72 72 72 ILE ILE B . n 
B 1 73 GLY 73 73 73 GLY GLY B . n 
B 1 74 THR 74 74 74 THR THR B . n 
B 1 75 VAL 75 75 75 VAL VAL B . n 
B 1 76 LEU 76 76 76 LEU LEU B . n 
B 1 77 VAL 77 77 77 VAL VAL B . n 
B 1 78 GLY 78 78 78 GLY GLY B . n 
B 1 79 PRO 79 79 79 PRO PRO B . n 
B 1 80 THR 80 80 80 THR THR B . n 
B 1 81 PRO 81 81 81 PRO PRO B . n 
B 1 82 ALA 82 82 82 ALA ALA B . n 
B 1 83 ASN 83 83 83 ASN ASN B . n 
B 1 84 VAL 84 84 84 VAL VAL B . n 
B 1 85 ILE 85 85 85 ILE ILE B . n 
B 1 86 GLY 86 86 86 GLY GLY B . n 
B 1 87 ARG 87 87 87 ARG ARG B . n 
B 1 88 ASN 88 88 88 ASN ASN B . n 
B 1 89 LEU 89 89 89 LEU LEU B . n 
B 1 90 MET 90 90 90 MET MET B . n 
B 1 91 THR 91 91 91 THR THR B . n 
B 1 92 GLN 92 92 92 GLN GLN B . n 
B 1 93 ILE 93 93 93 ILE ILE B . n 
B 1 94 GLY 94 94 94 GLY GLY B . n 
B 1 95 CYS 95 95 95 CYS CYS B . n 
B 1 96 THR 96 96 96 THR THR B . n 
B 1 97 LEU 97 97 97 LEU LEU B . n 
B 1 98 ASN 98 98 98 ASN ASN B . n 
B 1 99 PHE 99 99 99 PHE PHE B . n 
# 
loop_
_pdbx_nonpoly_scheme.asym_id 
_pdbx_nonpoly_scheme.entity_id 
_pdbx_nonpoly_scheme.mon_id 
_pdbx_nonpoly_scheme.ndb_seq_num 
_pdbx_nonpoly_scheme.pdb_seq_num 
_pdbx_nonpoly_scheme.auth_seq_num 
_pdbx_nonpoly_scheme.pdb_mon_id 
_pdbx_nonpoly_scheme.auth_mon_id 
_pdbx_nonpoly_scheme.pdb_strand_id 
_pdbx_nonpoly_scheme.pdb_ins_code 
C 2 RIT 1  301 301 RIT RIT B . 
D 3 HOH 1  100 2   HOH HOH A . 
D 3 HOH 2  101 3   HOH HOH A . 
D 3 HOH 3  102 4   HOH HOH A . 
D 3 HOH 4  103 6   HOH HOH A . 
D 3 HOH 5  104 7   HOH HOH A . 
D 3 HOH 6  105 9   HOH HOH A . 
D 3 HOH 7  106 10  HOH HOH A . 
D 3 HOH 8  107 12  HOH HOH A . 
D 3 HOH 9  108 16  HOH HOH A . 
D 3 HOH 10 109 23  HOH HOH A . 
D 3 HOH 11 110 24  HOH HOH A . 
D 3 HOH 12 111 25  HOH HOH A . 
D 3 HOH 13 112 26  HOH HOH A . 
D 3 HOH 14 113 29  HOH HOH A . 
D 3 HOH 15 114 30  HOH HOH A . 
D 3 HOH 16 115 32  HOH HOH A . 
D 3 HOH 17 116 33  HOH HOH A . 
D 3 HOH 18 117 34  HOH HOH A . 
D 3 HOH 19 118 35  HOH HOH A . 
E 3 HOH 1  302 1   HOH HOH B . 
E 3 HOH 2  303 5   HOH HOH B . 
E 3 HOH 3  304 8   HOH HOH B . 
E 3 HOH 4  305 11  HOH HOH B . 
E 3 HOH 5  306 14  HOH HOH B . 
E 3 HOH 6  307 15  HOH HOH B . 
E 3 HOH 7  308 17  HOH HOH B . 
E 3 HOH 8  309 18  HOH HOH B . 
E 3 HOH 9  310 19  HOH HOH B . 
E 3 HOH 10 311 20  HOH HOH B . 
E 3 HOH 11 312 21  HOH HOH B . 
E 3 HOH 12 313 22  HOH HOH B . 
E 3 HOH 13 314 27  HOH HOH B . 
E 3 HOH 14 315 28  HOH HOH B . 
E 3 HOH 15 316 31  HOH HOH B . 
# 
_pdbx_molecule_features.prd_id    PRD_001001 
_pdbx_molecule_features.name      RITONAVIR 
_pdbx_molecule_features.type      Peptide-like 
_pdbx_molecule_features.class     Inhibitor 
_pdbx_molecule_features.details   ? 
# 
_pdbx_molecule.instance_id   1 
_pdbx_molecule.prd_id        PRD_001001 
_pdbx_molecule.asym_id       C 
# 
_pdbx_struct_assembly.id                   1 
_pdbx_struct_assembly.details              author_and_software_defined_assembly 
_pdbx_struct_assembly.method_details       PISA 
_pdbx_struct_assembly.oligomeric_details   dimeric 
_pdbx_struct_assembly.oligomeric_count     2 
# 
_pdbx_struct_assembly_gen.assembly_id       1 
_pdbx_struct_assembly_gen.oper_expression   1 
_pdbx_struct_assembly_gen.asym_id_list      A,B,C,D,E 
# 
loop_
_pdbx_struct_assembly_prop.biol_id 
_pdbx_struct_assembly_prop.type 
_pdbx_struct_assembly_prop.value 
_pdbx_struct_assembly_prop.details 
1 'ABSA (A^2)' 5220 ? 
1 MORE         -42  ? 
1 'SSA (A^2)'  9590 ? 
# 
_pdbx_struct_oper_list.id                   1 
_pdbx_struct_oper_list.type                 'identity operation' 
_pdbx_struct_oper_list.name                 1_555 
_pdbx_struct_oper_list.symmetry_operation   x,y,z 
_pdbx_struct_oper_list.matrix[1][1]         1.0000000000 
_pdbx_struct_oper_list.matrix[1][2]         0.0000000000 
_pdbx_struct_oper_list.matrix[1][3]         0.0000000000 
_pdbx_struct_oper_list.vector[1]            0.0000000000 
_pdbx_struct_oper_list.matrix[2][1]         0.0000000000 
_pdbx_struct_oper_list.matrix[2][2]         1.0000000000 
_pdbx_struct_oper_list.matrix[2][3]         0.0000000000 
_pdbx_struct_oper_list.vector[2]            0.0000000000 
_pdbx_struct_oper_list.matrix[3][1]         0.0000000000 
_pdbx_struct_oper_list.matrix[3][2]         0.0000000000 
_pdbx_struct_oper_list.matrix[3][3]         1.0000000000 
_pdbx_struct_oper_list.vector[3]            0.0000000000 
# 
loop_
_pdbx_audit_revision_history.ordinal 
_pdbx_audit_revision_history.data_content_type 
_pdbx_audit_revision_history.major_revision 
_pdbx_audit_revision_history.minor_revision 
_pdbx_audit_revision_history.revision_date 
1 'Structure model' 1 0 2004-10-05 
2 'Structure model' 1 1 2008-04-29 
3 'Structure model' 1 2 2011-07-13 
4 'Structure model' 1 3 2013-02-27 
5 'Structure model' 1 4 2017-10-11 
6 'Structure model' 1 5 2021-10-27 
7 'Structure model' 1 6 2023-08-23 
# 
_pdbx_audit_revision_details.ordinal             1 
_pdbx_audit_revision_details.revision_ordinal    1 
_pdbx_audit_revision_details.data_content_type   'Structure model' 
_pdbx_audit_revision_details.provider            repository 
_pdbx_audit_revision_details.type                'Initial release' 
_pdbx_audit_revision_details.description         ? 
_pdbx_audit_revision_details.details             ? 
# 
loop_
_pdbx_audit_revision_group.ordinal 
_pdbx_audit_revision_group.revision_ordinal 
_pdbx_audit_revision_group.data_content_type 
_pdbx_audit_revision_group.group 
1  2 'Structure model' 'Version format compliance' 
2  3 'Structure model' 'Atomic model'              
3  3 'Structure model' 'Database references'       
4  3 'Structure model' 'Derived calculations'      
5  3 'Structure model' 'Non-polymer description'   
6  3 'Structure model' 'Structure summary'         
7  3 'Structure model' 'Version format compliance' 
8  4 'Structure model' Other                       
9  5 'Structure model' 'Refinement description'    
10 6 'Structure model' 'Database references'       
11 6 'Structure model' 'Derived calculations'      
12 7 'Structure model' 'Data collection'           
13 7 'Structure model' 'Refinement description'    
# 
loop_
_pdbx_audit_revision_category.ordinal 
_pdbx_audit_revision_category.revision_ordinal 
_pdbx_audit_revision_category.data_content_type 
_pdbx_audit_revision_category.category 
1 5 'Structure model' software                      
2 6 'Structure model' database_2                    
3 6 'Structure model' struct_ref_seq_dif            
4 6 'Structure model' struct_site                   
5 7 'Structure model' chem_comp_atom                
6 7 'Structure model' chem_comp_bond                
7 7 'Structure model' pdbx_initial_refinement_model 
# 
loop_
_pdbx_audit_revision_item.ordinal 
_pdbx_audit_revision_item.revision_ordinal 
_pdbx_audit_revision_item.data_content_type 
_pdbx_audit_revision_item.item 
1 6 'Structure model' '_database_2.pdbx_DOI'                
2 6 'Structure model' '_database_2.pdbx_database_accession' 
3 6 'Structure model' '_struct_ref_seq_dif.details'         
4 6 'Structure model' '_struct_site.pdbx_auth_asym_id'      
5 6 'Structure model' '_struct_site.pdbx_auth_comp_id'      
6 6 'Structure model' '_struct_site.pdbx_auth_seq_id'       
# 
loop_
_software.name 
_software.classification 
_software.version 
_software.citation_id 
_software.pdbx_ordinal 
CNS       refinement       1.1      ? 1 
SCALEPACK 'data scaling'   .        ? 2 
O         'model building' 'V. 7.0' ? 3 
# 
_pdbx_validate_rmsd_angle.id                         1 
_pdbx_validate_rmsd_angle.PDB_model_num              1 
_pdbx_validate_rmsd_angle.auth_atom_id_1             C 
_pdbx_validate_rmsd_angle.auth_asym_id_1             A 
_pdbx_validate_rmsd_angle.auth_comp_id_1             LEU 
_pdbx_validate_rmsd_angle.auth_seq_id_1              38 
_pdbx_validate_rmsd_angle.PDB_ins_code_1             ? 
_pdbx_validate_rmsd_angle.label_alt_id_1             ? 
_pdbx_validate_rmsd_angle.auth_atom_id_2             N 
_pdbx_validate_rmsd_angle.auth_asym_id_2             A 
_pdbx_validate_rmsd_angle.auth_comp_id_2             PRO 
_pdbx_validate_rmsd_angle.auth_seq_id_2              39 
_pdbx_validate_rmsd_angle.PDB_ins_code_2             ? 
_pdbx_validate_rmsd_angle.label_alt_id_2             ? 
_pdbx_validate_rmsd_angle.auth_atom_id_3             CD 
_pdbx_validate_rmsd_angle.auth_asym_id_3             A 
_pdbx_validate_rmsd_angle.auth_comp_id_3             PRO 
_pdbx_validate_rmsd_angle.auth_seq_id_3              39 
_pdbx_validate_rmsd_angle.PDB_ins_code_3             ? 
_pdbx_validate_rmsd_angle.label_alt_id_3             ? 
_pdbx_validate_rmsd_angle.angle_value                115.69 
_pdbx_validate_rmsd_angle.angle_target_value         128.40 
_pdbx_validate_rmsd_angle.angle_deviation            -12.71 
_pdbx_validate_rmsd_angle.angle_standard_deviation   2.10 
_pdbx_validate_rmsd_angle.linker_flag                Y 
# 
loop_
_pdbx_validate_torsion.id 
_pdbx_validate_torsion.PDB_model_num 
_pdbx_validate_torsion.auth_comp_id 
_pdbx_validate_torsion.auth_asym_id 
_pdbx_validate_torsion.auth_seq_id 
_pdbx_validate_torsion.PDB_ins_code 
_pdbx_validate_torsion.label_alt_id 
_pdbx_validate_torsion.phi 
_pdbx_validate_torsion.psi 
1 1 GLU A 35 ? ? 16.40   109.72  
2 1 TRP A 42 ? ? -124.49 -169.94 
3 1 PRO A 44 ? ? -56.95  101.05  
4 1 PRO A 81 ? ? -69.86  5.14    
5 1 CYS B 67 ? ? 35.54   43.09   
# 
loop_
_chem_comp_atom.comp_id 
_chem_comp_atom.atom_id 
_chem_comp_atom.type_symbol 
_chem_comp_atom.pdbx_aromatic_flag 
_chem_comp_atom.pdbx_stereo_config 
_chem_comp_atom.pdbx_ordinal 
ALA N    N N N 1   
ALA CA   C N S 2   
ALA C    C N N 3   
ALA O    O N N 4   
ALA CB   C N N 5   
ALA OXT  O N N 6   
ALA H    H N N 7   
ALA H2   H N N 8   
ALA HA   H N N 9   
ALA HB1  H N N 10  
ALA HB2  H N N 11  
ALA HB3  H N N 12  
ALA HXT  H N N 13  
ARG N    N N N 14  
ARG CA   C N S 15  
ARG C    C N N 16  
ARG O    O N N 17  
ARG CB   C N N 18  
ARG CG   C N N 19  
ARG CD   C N N 20  
ARG NE   N N N 21  
ARG CZ   C N N 22  
ARG NH1  N N N 23  
ARG NH2  N N N 24  
ARG OXT  O N N 25  
ARG H    H N N 26  
ARG H2   H N N 27  
ARG HA   H N N 28  
ARG HB2  H N N 29  
ARG HB3  H N N 30  
ARG HG2  H N N 31  
ARG HG3  H N N 32  
ARG HD2  H N N 33  
ARG HD3  H N N 34  
ARG HE   H N N 35  
ARG HH11 H N N 36  
ARG HH12 H N N 37  
ARG HH21 H N N 38  
ARG HH22 H N N 39  
ARG HXT  H N N 40  
ASN N    N N N 41  
ASN CA   C N S 42  
ASN C    C N N 43  
ASN O    O N N 44  
ASN CB   C N N 45  
ASN CG   C N N 46  
ASN OD1  O N N 47  
ASN ND2  N N N 48  
ASN OXT  O N N 49  
ASN H    H N N 50  
ASN H2   H N N 51  
ASN HA   H N N 52  
ASN HB2  H N N 53  
ASN HB3  H N N 54  
ASN HD21 H N N 55  
ASN HD22 H N N 56  
ASN HXT  H N N 57  
ASP N    N N N 58  
ASP CA   C N S 59  
ASP C    C N N 60  
ASP O    O N N 61  
ASP CB   C N N 62  
ASP CG   C N N 63  
ASP OD1  O N N 64  
ASP OD2  O N N 65  
ASP OXT  O N N 66  
ASP H    H N N 67  
ASP H2   H N N 68  
ASP HA   H N N 69  
ASP HB2  H N N 70  
ASP HB3  H N N 71  
ASP HD2  H N N 72  
ASP HXT  H N N 73  
CYS N    N N N 74  
CYS CA   C N R 75  
CYS C    C N N 76  
CYS O    O N N 77  
CYS CB   C N N 78  
CYS SG   S N N 79  
CYS OXT  O N N 80  
CYS H    H N N 81  
CYS H2   H N N 82  
CYS HA   H N N 83  
CYS HB2  H N N 84  
CYS HB3  H N N 85  
CYS HG   H N N 86  
CYS HXT  H N N 87  
GLN N    N N N 88  
GLN CA   C N S 89  
GLN C    C N N 90  
GLN O    O N N 91  
GLN CB   C N N 92  
GLN CG   C N N 93  
GLN CD   C N N 94  
GLN OE1  O N N 95  
GLN NE2  N N N 96  
GLN OXT  O N N 97  
GLN H    H N N 98  
GLN H2   H N N 99  
GLN HA   H N N 100 
GLN HB2  H N N 101 
GLN HB3  H N N 102 
GLN HG2  H N N 103 
GLN HG3  H N N 104 
GLN HE21 H N N 105 
GLN HE22 H N N 106 
GLN HXT  H N N 107 
GLU N    N N N 108 
GLU CA   C N S 109 
GLU C    C N N 110 
GLU O    O N N 111 
GLU CB   C N N 112 
GLU CG   C N N 113 
GLU CD   C N N 114 
GLU OE1  O N N 115 
GLU OE2  O N N 116 
GLU OXT  O N N 117 
GLU H    H N N 118 
GLU H2   H N N 119 
GLU HA   H N N 120 
GLU HB2  H N N 121 
GLU HB3  H N N 122 
GLU HG2  H N N 123 
GLU HG3  H N N 124 
GLU HE2  H N N 125 
GLU HXT  H N N 126 
GLY N    N N N 127 
GLY CA   C N N 128 
GLY C    C N N 129 
GLY O    O N N 130 
GLY OXT  O N N 131 
GLY H    H N N 132 
GLY H2   H N N 133 
GLY HA2  H N N 134 
GLY HA3  H N N 135 
GLY HXT  H N N 136 
HIS N    N N N 137 
HIS CA   C N S 138 
HIS C    C N N 139 
HIS O    O N N 140 
HIS CB   C N N 141 
HIS CG   C Y N 142 
HIS ND1  N Y N 143 
HIS CD2  C Y N 144 
HIS CE1  C Y N 145 
HIS NE2  N Y N 146 
HIS OXT  O N N 147 
HIS H    H N N 148 
HIS H2   H N N 149 
HIS HA   H N N 150 
HIS HB2  H N N 151 
HIS HB3  H N N 152 
HIS HD1  H N N 153 
HIS HD2  H N N 154 
HIS HE1  H N N 155 
HIS HE2  H N N 156 
HIS HXT  H N N 157 
HOH O    O N N 158 
HOH H1   H N N 159 
HOH H2   H N N 160 
ILE N    N N N 161 
ILE CA   C N S 162 
ILE C    C N N 163 
ILE O    O N N 164 
ILE CB   C N S 165 
ILE CG1  C N N 166 
ILE CG2  C N N 167 
ILE CD1  C N N 168 
ILE OXT  O N N 169 
ILE H    H N N 170 
ILE H2   H N N 171 
ILE HA   H N N 172 
ILE HB   H N N 173 
ILE HG12 H N N 174 
ILE HG13 H N N 175 
ILE HG21 H N N 176 
ILE HG22 H N N 177 
ILE HG23 H N N 178 
ILE HD11 H N N 179 
ILE HD12 H N N 180 
ILE HD13 H N N 181 
ILE HXT  H N N 182 
LEU N    N N N 183 
LEU CA   C N S 184 
LEU C    C N N 185 
LEU O    O N N 186 
LEU CB   C N N 187 
LEU CG   C N N 188 
LEU CD1  C N N 189 
LEU CD2  C N N 190 
LEU OXT  O N N 191 
LEU H    H N N 192 
LEU H2   H N N 193 
LEU HA   H N N 194 
LEU HB2  H N N 195 
LEU HB3  H N N 196 
LEU HG   H N N 197 
LEU HD11 H N N 198 
LEU HD12 H N N 199 
LEU HD13 H N N 200 
LEU HD21 H N N 201 
LEU HD22 H N N 202 
LEU HD23 H N N 203 
LEU HXT  H N N 204 
LYS N    N N N 205 
LYS CA   C N S 206 
LYS C    C N N 207 
LYS O    O N N 208 
LYS CB   C N N 209 
LYS CG   C N N 210 
LYS CD   C N N 211 
LYS CE   C N N 212 
LYS NZ   N N N 213 
LYS OXT  O N N 214 
LYS H    H N N 215 
LYS H2   H N N 216 
LYS HA   H N N 217 
LYS HB2  H N N 218 
LYS HB3  H N N 219 
LYS HG2  H N N 220 
LYS HG3  H N N 221 
LYS HD2  H N N 222 
LYS HD3  H N N 223 
LYS HE2  H N N 224 
LYS HE3  H N N 225 
LYS HZ1  H N N 226 
LYS HZ2  H N N 227 
LYS HZ3  H N N 228 
LYS HXT  H N N 229 
MET N    N N N 230 
MET CA   C N S 231 
MET C    C N N 232 
MET O    O N N 233 
MET CB   C N N 234 
MET CG   C N N 235 
MET SD   S N N 236 
MET CE   C N N 237 
MET OXT  O N N 238 
MET H    H N N 239 
MET H2   H N N 240 
MET HA   H N N 241 
MET HB2  H N N 242 
MET HB3  H N N 243 
MET HG2  H N N 244 
MET HG3  H N N 245 
MET HE1  H N N 246 
MET HE2  H N N 247 
MET HE3  H N N 248 
MET HXT  H N N 249 
PHE N    N N N 250 
PHE CA   C N S 251 
PHE C    C N N 252 
PHE O    O N N 253 
PHE CB   C N N 254 
PHE CG   C Y N 255 
PHE CD1  C Y N 256 
PHE CD2  C Y N 257 
PHE CE1  C Y N 258 
PHE CE2  C Y N 259 
PHE CZ   C Y N 260 
PHE OXT  O N N 261 
PHE H    H N N 262 
PHE H2   H N N 263 
PHE HA   H N N 264 
PHE HB2  H N N 265 
PHE HB3  H N N 266 
PHE HD1  H N N 267 
PHE HD2  H N N 268 
PHE HE1  H N N 269 
PHE HE2  H N N 270 
PHE HZ   H N N 271 
PHE HXT  H N N 272 
PRO N    N N N 273 
PRO CA   C N S 274 
PRO C    C N N 275 
PRO O    O N N 276 
PRO CB   C N N 277 
PRO CG   C N N 278 
PRO CD   C N N 279 
PRO OXT  O N N 280 
PRO H    H N N 281 
PRO HA   H N N 282 
PRO HB2  H N N 283 
PRO HB3  H N N 284 
PRO HG2  H N N 285 
PRO HG3  H N N 286 
PRO HD2  H N N 287 
PRO HD3  H N N 288 
PRO HXT  H N N 289 
RIT C1   C Y N 290 
RIT C2   C Y N 291 
RIT S3   S Y N 292 
RIT C4   C Y N 293 
RIT N5   N Y N 294 
RIT C6   C N N 295 
RIT O7   O N N 296 
RIT C10  C N N 297 
RIT O24  O N N 298 
RIT N11  N N N 299 
RIT C12  C N S 300 
RIT C13  C N S 301 
RIT C14  C N N 302 
RIT C15  C N S 303 
RIT C26  C N N 304 
RIT C28  C Y N 305 
RIT C31  C Y N 306 
RIT C32  C Y N 307 
RIT C33  C Y N 308 
RIT C34  C Y N 309 
RIT C35  C Y N 310 
RIT O41  O N N 311 
RIT C44  C N N 312 
RIT C45  C Y N 313 
RIT C48  C Y N 314 
RIT C49  C Y N 315 
RIT C50  C Y N 316 
RIT C51  C Y N 317 
RIT C52  C Y N 318 
RIT N58  N N N 319 
RIT N20  N N N 320 
RIT C19  C N S 321 
RIT C18  C N N 322 
RIT O61  O N N 323 
RIT C62  C N N 324 
RIT C64  C N N 325 
RIT C68  C N N 326 
RIT C21  C N N 327 
RIT N74  N N N 328 
RIT C75  C N N 329 
RIT O76  O N N 330 
RIT C77  C Y N 331 
RIT C80  C Y N 332 
RIT S81  S Y N 333 
RIT C82  C Y N 334 
RIT N83  N Y N 335 
RIT C85  C N N 336 
RIT C86  C N N 337 
RIT C90  C N N 338 
RIT C95  C N N 339 
RIT H1   H N N 340 
RIT H4   H N N 341 
RIT H61  H N N 342 
RIT H62A H N N 343 
RIT H11  H N N 344 
RIT H12  H N N 345 
RIT H13  H N N 346 
RIT H141 H N N 347 
RIT H142 H N N 348 
RIT H15  H N N 349 
RIT H261 H N N 350 
RIT H262 H N N 351 
RIT H31  H N N 352 
RIT H32  H N N 353 
RIT H33  H N N 354 
RIT H34  H N N 355 
RIT H35  H N N 356 
RIT HO4  H N N 357 
RIT H441 H N N 358 
RIT H442 H N N 359 
RIT H48  H N N 360 
RIT H49  H N N 361 
RIT H50  H N N 362 
RIT H51  H N N 363 
RIT H52  H N N 364 
RIT H58  H N N 365 
RIT H20  H N N 366 
RIT H19  H N N 367 
RIT H62  H N N 368 
RIT H641 H N N 369 
RIT H642 H N N 370 
RIT H643 H N N 371 
RIT H681 H N N 372 
RIT H682 H N N 373 
RIT H683 H N N 374 
RIT H751 H N N 375 
RIT H752 H N N 376 
RIT H80  H N N 377 
RIT H85  H N N 378 
RIT H861 H N N 379 
RIT H862 H N N 380 
RIT H863 H N N 381 
RIT H901 H N N 382 
RIT H902 H N N 383 
RIT H903 H N N 384 
RIT H951 H N N 385 
RIT H952 H N N 386 
RIT H953 H N N 387 
SER N    N N N 388 
SER CA   C N S 389 
SER C    C N N 390 
SER O    O N N 391 
SER CB   C N N 392 
SER OG   O N N 393 
SER OXT  O N N 394 
SER H    H N N 395 
SER H2   H N N 396 
SER HA   H N N 397 
SER HB2  H N N 398 
SER HB3  H N N 399 
SER HG   H N N 400 
SER HXT  H N N 401 
THR N    N N N 402 
THR CA   C N S 403 
THR C    C N N 404 
THR O    O N N 405 
THR CB   C N R 406 
THR OG1  O N N 407 
THR CG2  C N N 408 
THR OXT  O N N 409 
THR H    H N N 410 
THR H2   H N N 411 
THR HA   H N N 412 
THR HB   H N N 413 
THR HG1  H N N 414 
THR HG21 H N N 415 
THR HG22 H N N 416 
THR HG23 H N N 417 
THR HXT  H N N 418 
TRP N    N N N 419 
TRP CA   C N S 420 
TRP C    C N N 421 
TRP O    O N N 422 
TRP CB   C N N 423 
TRP CG   C Y N 424 
TRP CD1  C Y N 425 
TRP CD2  C Y N 426 
TRP NE1  N Y N 427 
TRP CE2  C Y N 428 
TRP CE3  C Y N 429 
TRP CZ2  C Y N 430 
TRP CZ3  C Y N 431 
TRP CH2  C Y N 432 
TRP OXT  O N N 433 
TRP H    H N N 434 
TRP H2   H N N 435 
TRP HA   H N N 436 
TRP HB2  H N N 437 
TRP HB3  H N N 438 
TRP HD1  H N N 439 
TRP HE1  H N N 440 
TRP HE3  H N N 441 
TRP HZ2  H N N 442 
TRP HZ3  H N N 443 
TRP HH2  H N N 444 
TRP HXT  H N N 445 
TYR N    N N N 446 
TYR CA   C N S 447 
TYR C    C N N 448 
TYR O    O N N 449 
TYR CB   C N N 450 
TYR CG   C Y N 451 
TYR CD1  C Y N 452 
TYR CD2  C Y N 453 
TYR CE1  C Y N 454 
TYR CE2  C Y N 455 
TYR CZ   C Y N 456 
TYR OH   O N N 457 
TYR OXT  O N N 458 
TYR H    H N N 459 
TYR H2   H N N 460 
TYR HA   H N N 461 
TYR HB2  H N N 462 
TYR HB3  H N N 463 
TYR HD1  H N N 464 
TYR HD2  H N N 465 
TYR HE1  H N N 466 
TYR HE2  H N N 467 
TYR HH   H N N 468 
TYR HXT  H N N 469 
VAL N    N N N 470 
VAL CA   C N S 471 
VAL C    C N N 472 
VAL O    O N N 473 
VAL CB   C N N 474 
VAL CG1  C N N 475 
VAL CG2  C N N 476 
VAL OXT  O N N 477 
VAL H    H N N 478 
VAL H2   H N N 479 
VAL HA   H N N 480 
VAL HB   H N N 481 
VAL HG11 H N N 482 
VAL HG12 H N N 483 
VAL HG13 H N N 484 
VAL HG21 H N N 485 
VAL HG22 H N N 486 
VAL HG23 H N N 487 
VAL HXT  H N N 488 
# 
loop_
_chem_comp_bond.comp_id 
_chem_comp_bond.atom_id_1 
_chem_comp_bond.atom_id_2 
_chem_comp_bond.value_order 
_chem_comp_bond.pdbx_aromatic_flag 
_chem_comp_bond.pdbx_stereo_config 
_chem_comp_bond.pdbx_ordinal 
ALA N   CA   sing N N 1   
ALA N   H    sing N N 2   
ALA N   H2   sing N N 3   
ALA CA  C    sing N N 4   
ALA CA  CB   sing N N 5   
ALA CA  HA   sing N N 6   
ALA C   O    doub N N 7   
ALA C   OXT  sing N N 8   
ALA CB  HB1  sing N N 9   
ALA CB  HB2  sing N N 10  
ALA CB  HB3  sing N N 11  
ALA OXT HXT  sing N N 12  
ARG N   CA   sing N N 13  
ARG N   H    sing N N 14  
ARG N   H2   sing N N 15  
ARG CA  C    sing N N 16  
ARG CA  CB   sing N N 17  
ARG CA  HA   sing N N 18  
ARG C   O    doub N N 19  
ARG C   OXT  sing N N 20  
ARG CB  CG   sing N N 21  
ARG CB  HB2  sing N N 22  
ARG CB  HB3  sing N N 23  
ARG CG  CD   sing N N 24  
ARG CG  HG2  sing N N 25  
ARG CG  HG3  sing N N 26  
ARG CD  NE   sing N N 27  
ARG CD  HD2  sing N N 28  
ARG CD  HD3  sing N N 29  
ARG NE  CZ   sing N N 30  
ARG NE  HE   sing N N 31  
ARG CZ  NH1  sing N N 32  
ARG CZ  NH2  doub N N 33  
ARG NH1 HH11 sing N N 34  
ARG NH1 HH12 sing N N 35  
ARG NH2 HH21 sing N N 36  
ARG NH2 HH22 sing N N 37  
ARG OXT HXT  sing N N 38  
ASN N   CA   sing N N 39  
ASN N   H    sing N N 40  
ASN N   H2   sing N N 41  
ASN CA  C    sing N N 42  
ASN CA  CB   sing N N 43  
ASN CA  HA   sing N N 44  
ASN C   O    doub N N 45  
ASN C   OXT  sing N N 46  
ASN CB  CG   sing N N 47  
ASN CB  HB2  sing N N 48  
ASN CB  HB3  sing N N 49  
ASN CG  OD1  doub N N 50  
ASN CG  ND2  sing N N 51  
ASN ND2 HD21 sing N N 52  
ASN ND2 HD22 sing N N 53  
ASN OXT HXT  sing N N 54  
ASP N   CA   sing N N 55  
ASP N   H    sing N N 56  
ASP N   H2   sing N N 57  
ASP CA  C    sing N N 58  
ASP CA  CB   sing N N 59  
ASP CA  HA   sing N N 60  
ASP C   O    doub N N 61  
ASP C   OXT  sing N N 62  
ASP CB  CG   sing N N 63  
ASP CB  HB2  sing N N 64  
ASP CB  HB3  sing N N 65  
ASP CG  OD1  doub N N 66  
ASP CG  OD2  sing N N 67  
ASP OD2 HD2  sing N N 68  
ASP OXT HXT  sing N N 69  
CYS N   CA   sing N N 70  
CYS N   H    sing N N 71  
CYS N   H2   sing N N 72  
CYS CA  C    sing N N 73  
CYS CA  CB   sing N N 74  
CYS CA  HA   sing N N 75  
CYS C   O    doub N N 76  
CYS C   OXT  sing N N 77  
CYS CB  SG   sing N N 78  
CYS CB  HB2  sing N N 79  
CYS CB  HB3  sing N N 80  
CYS SG  HG   sing N N 81  
CYS OXT HXT  sing N N 82  
GLN N   CA   sing N N 83  
GLN N   H    sing N N 84  
GLN N   H2   sing N N 85  
GLN CA  C    sing N N 86  
GLN CA  CB   sing N N 87  
GLN CA  HA   sing N N 88  
GLN C   O    doub N N 89  
GLN C   OXT  sing N N 90  
GLN CB  CG   sing N N 91  
GLN CB  HB2  sing N N 92  
GLN CB  HB3  sing N N 93  
GLN CG  CD   sing N N 94  
GLN CG  HG2  sing N N 95  
GLN CG  HG3  sing N N 96  
GLN CD  OE1  doub N N 97  
GLN CD  NE2  sing N N 98  
GLN NE2 HE21 sing N N 99  
GLN NE2 HE22 sing N N 100 
GLN OXT HXT  sing N N 101 
GLU N   CA   sing N N 102 
GLU N   H    sing N N 103 
GLU N   H2   sing N N 104 
GLU CA  C    sing N N 105 
GLU CA  CB   sing N N 106 
GLU CA  HA   sing N N 107 
GLU C   O    doub N N 108 
GLU C   OXT  sing N N 109 
GLU CB  CG   sing N N 110 
GLU CB  HB2  sing N N 111 
GLU CB  HB3  sing N N 112 
GLU CG  CD   sing N N 113 
GLU CG  HG2  sing N N 114 
GLU CG  HG3  sing N N 115 
GLU CD  OE1  doub N N 116 
GLU CD  OE2  sing N N 117 
GLU OE2 HE2  sing N N 118 
GLU OXT HXT  sing N N 119 
GLY N   CA   sing N N 120 
GLY N   H    sing N N 121 
GLY N   H2   sing N N 122 
GLY CA  C    sing N N 123 
GLY CA  HA2  sing N N 124 
GLY CA  HA3  sing N N 125 
GLY C   O    doub N N 126 
GLY C   OXT  sing N N 127 
GLY OXT HXT  sing N N 128 
HIS N   CA   sing N N 129 
HIS N   H    sing N N 130 
HIS N   H2   sing N N 131 
HIS CA  C    sing N N 132 
HIS CA  CB   sing N N 133 
HIS CA  HA   sing N N 134 
HIS C   O    doub N N 135 
HIS C   OXT  sing N N 136 
HIS CB  CG   sing N N 137 
HIS CB  HB2  sing N N 138 
HIS CB  HB3  sing N N 139 
HIS CG  ND1  sing Y N 140 
HIS CG  CD2  doub Y N 141 
HIS ND1 CE1  doub Y N 142 
HIS ND1 HD1  sing N N 143 
HIS CD2 NE2  sing Y N 144 
HIS CD2 HD2  sing N N 145 
HIS CE1 NE2  sing Y N 146 
HIS CE1 HE1  sing N N 147 
HIS NE2 HE2  sing N N 148 
HIS OXT HXT  sing N N 149 
HOH O   H1   sing N N 150 
HOH O   H2   sing N N 151 
ILE N   CA   sing N N 152 
ILE N   H    sing N N 153 
ILE N   H2   sing N N 154 
ILE CA  C    sing N N 155 
ILE CA  CB   sing N N 156 
ILE CA  HA   sing N N 157 
ILE C   O    doub N N 158 
ILE C   OXT  sing N N 159 
ILE CB  CG1  sing N N 160 
ILE CB  CG2  sing N N 161 
ILE CB  HB   sing N N 162 
ILE CG1 CD1  sing N N 163 
ILE CG1 HG12 sing N N 164 
ILE CG1 HG13 sing N N 165 
ILE CG2 HG21 sing N N 166 
ILE CG2 HG22 sing N N 167 
ILE CG2 HG23 sing N N 168 
ILE CD1 HD11 sing N N 169 
ILE CD1 HD12 sing N N 170 
ILE CD1 HD13 sing N N 171 
ILE OXT HXT  sing N N 172 
LEU N   CA   sing N N 173 
LEU N   H    sing N N 174 
LEU N   H2   sing N N 175 
LEU CA  C    sing N N 176 
LEU CA  CB   sing N N 177 
LEU CA  HA   sing N N 178 
LEU C   O    doub N N 179 
LEU C   OXT  sing N N 180 
LEU CB  CG   sing N N 181 
LEU CB  HB2  sing N N 182 
LEU CB  HB3  sing N N 183 
LEU CG  CD1  sing N N 184 
LEU CG  CD2  sing N N 185 
LEU CG  HG   sing N N 186 
LEU CD1 HD11 sing N N 187 
LEU CD1 HD12 sing N N 188 
LEU CD1 HD13 sing N N 189 
LEU CD2 HD21 sing N N 190 
LEU CD2 HD22 sing N N 191 
LEU CD2 HD23 sing N N 192 
LEU OXT HXT  sing N N 193 
LYS N   CA   sing N N 194 
LYS N   H    sing N N 195 
LYS N   H2   sing N N 196 
LYS CA  C    sing N N 197 
LYS CA  CB   sing N N 198 
LYS CA  HA   sing N N 199 
LYS C   O    doub N N 200 
LYS C   OXT  sing N N 201 
LYS CB  CG   sing N N 202 
LYS CB  HB2  sing N N 203 
LYS CB  HB3  sing N N 204 
LYS CG  CD   sing N N 205 
LYS CG  HG2  sing N N 206 
LYS CG  HG3  sing N N 207 
LYS CD  CE   sing N N 208 
LYS CD  HD2  sing N N 209 
LYS CD  HD3  sing N N 210 
LYS CE  NZ   sing N N 211 
LYS CE  HE2  sing N N 212 
LYS CE  HE3  sing N N 213 
LYS NZ  HZ1  sing N N 214 
LYS NZ  HZ2  sing N N 215 
LYS NZ  HZ3  sing N N 216 
LYS OXT HXT  sing N N 217 
MET N   CA   sing N N 218 
MET N   H    sing N N 219 
MET N   H2   sing N N 220 
MET CA  C    sing N N 221 
MET CA  CB   sing N N 222 
MET CA  HA   sing N N 223 
MET C   O    doub N N 224 
MET C   OXT  sing N N 225 
MET CB  CG   sing N N 226 
MET CB  HB2  sing N N 227 
MET CB  HB3  sing N N 228 
MET CG  SD   sing N N 229 
MET CG  HG2  sing N N 230 
MET CG  HG3  sing N N 231 
MET SD  CE   sing N N 232 
MET CE  HE1  sing N N 233 
MET CE  HE2  sing N N 234 
MET CE  HE3  sing N N 235 
MET OXT HXT  sing N N 236 
PHE N   CA   sing N N 237 
PHE N   H    sing N N 238 
PHE N   H2   sing N N 239 
PHE CA  C    sing N N 240 
PHE CA  CB   sing N N 241 
PHE CA  HA   sing N N 242 
PHE C   O    doub N N 243 
PHE C   OXT  sing N N 244 
PHE CB  CG   sing N N 245 
PHE CB  HB2  sing N N 246 
PHE CB  HB3  sing N N 247 
PHE CG  CD1  doub Y N 248 
PHE CG  CD2  sing Y N 249 
PHE CD1 CE1  sing Y N 250 
PHE CD1 HD1  sing N N 251 
PHE CD2 CE2  doub Y N 252 
PHE CD2 HD2  sing N N 253 
PHE CE1 CZ   doub Y N 254 
PHE CE1 HE1  sing N N 255 
PHE CE2 CZ   sing Y N 256 
PHE CE2 HE2  sing N N 257 
PHE CZ  HZ   sing N N 258 
PHE OXT HXT  sing N N 259 
PRO N   CA   sing N N 260 
PRO N   CD   sing N N 261 
PRO N   H    sing N N 262 
PRO CA  C    sing N N 263 
PRO CA  CB   sing N N 264 
PRO CA  HA   sing N N 265 
PRO C   O    doub N N 266 
PRO C   OXT  sing N N 267 
PRO CB  CG   sing N N 268 
PRO CB  HB2  sing N N 269 
PRO CB  HB3  sing N N 270 
PRO CG  CD   sing N N 271 
PRO CG  HG2  sing N N 272 
PRO CG  HG3  sing N N 273 
PRO CD  HD2  sing N N 274 
PRO CD  HD3  sing N N 275 
PRO OXT HXT  sing N N 276 
RIT C1  C2   doub Y N 277 
RIT C1  N5   sing Y N 278 
RIT C1  H1   sing N N 279 
RIT C2  S3   sing Y N 280 
RIT C2  C6   sing N N 281 
RIT S3  C4   sing Y N 282 
RIT C4  N5   doub Y N 283 
RIT C4  H4   sing N N 284 
RIT C6  O7   sing N N 285 
RIT C6  H61  sing N N 286 
RIT C6  H62A sing N N 287 
RIT O7  C10  sing N N 288 
RIT C10 N11  sing N N 289 
RIT C10 O24  doub N N 290 
RIT N11 C12  sing N N 291 
RIT N11 H11  sing N N 292 
RIT C12 C13  sing N N 293 
RIT C12 C26  sing N N 294 
RIT C12 H12  sing N N 295 
RIT C13 C14  sing N N 296 
RIT C13 O41  sing N N 297 
RIT C13 H13  sing N N 298 
RIT C14 C15  sing N N 299 
RIT C14 H141 sing N N 300 
RIT C14 H142 sing N N 301 
RIT C15 C44  sing N N 302 
RIT C15 N58  sing N N 303 
RIT C15 H15  sing N N 304 
RIT C18 C19  sing N N 305 
RIT C18 N58  sing N N 306 
RIT C18 O61  doub N N 307 
RIT C19 N20  sing N N 308 
RIT C19 C62  sing N N 309 
RIT C19 H19  sing N N 310 
RIT N20 C21  sing N N 311 
RIT N20 H20  sing N N 312 
RIT C21 N74  sing N N 313 
RIT C21 O76  doub N N 314 
RIT C26 C28  sing N N 315 
RIT C26 H261 sing N N 316 
RIT C26 H262 sing N N 317 
RIT C28 C31  doub Y N 318 
RIT C28 C35  sing Y N 319 
RIT C31 C32  sing Y N 320 
RIT C31 H31  sing N N 321 
RIT C32 C33  doub Y N 322 
RIT C32 H32  sing N N 323 
RIT C33 C34  sing Y N 324 
RIT C33 H33  sing N N 325 
RIT C34 C35  doub Y N 326 
RIT C34 H34  sing N N 327 
RIT C35 H35  sing N N 328 
RIT O41 HO4  sing N N 329 
RIT C44 C45  sing N N 330 
RIT C44 H441 sing N N 331 
RIT C44 H442 sing N N 332 
RIT C45 C48  doub Y N 333 
RIT C45 C52  sing Y N 334 
RIT C48 C49  sing Y N 335 
RIT C48 H48  sing N N 336 
RIT C49 C50  doub Y N 337 
RIT C49 H49  sing N N 338 
RIT C50 C51  sing Y N 339 
RIT C50 H50  sing N N 340 
RIT C51 C52  doub Y N 341 
RIT C51 H51  sing N N 342 
RIT C52 H52  sing N N 343 
RIT N58 H58  sing N N 344 
RIT C62 C64  sing N N 345 
RIT C62 C68  sing N N 346 
RIT C62 H62  sing N N 347 
RIT C64 H641 sing N N 348 
RIT C64 H642 sing N N 349 
RIT C64 H643 sing N N 350 
RIT C68 H681 sing N N 351 
RIT C68 H682 sing N N 352 
RIT C68 H683 sing N N 353 
RIT N74 C75  sing N N 354 
RIT N74 C95  sing N N 355 
RIT C75 C77  sing N N 356 
RIT C75 H751 sing N N 357 
RIT C75 H752 sing N N 358 
RIT C77 C80  doub Y N 359 
RIT C77 N83  sing Y N 360 
RIT C80 S81  sing Y N 361 
RIT C80 H80  sing N N 362 
RIT S81 C82  sing Y N 363 
RIT C82 N83  doub Y N 364 
RIT C82 C85  sing N N 365 
RIT C85 C86  sing N N 366 
RIT C85 C90  sing N N 367 
RIT C85 H85  sing N N 368 
RIT C86 H861 sing N N 369 
RIT C86 H862 sing N N 370 
RIT C86 H863 sing N N 371 
RIT C90 H901 sing N N 372 
RIT C90 H902 sing N N 373 
RIT C90 H903 sing N N 374 
RIT C95 H951 sing N N 375 
RIT C95 H952 sing N N 376 
RIT C95 H953 sing N N 377 
SER N   CA   sing N N 378 
SER N   H    sing N N 379 
SER N   H2   sing N N 380 
SER CA  C    sing N N 381 
SER CA  CB   sing N N 382 
SER CA  HA   sing N N 383 
SER C   O    doub N N 384 
SER C   OXT  sing N N 385 
SER CB  OG   sing N N 386 
SER CB  HB2  sing N N 387 
SER CB  HB3  sing N N 388 
SER OG  HG   sing N N 389 
SER OXT HXT  sing N N 390 
THR N   CA   sing N N 391 
THR N   H    sing N N 392 
THR N   H2   sing N N 393 
THR CA  C    sing N N 394 
THR CA  CB   sing N N 395 
THR CA  HA   sing N N 396 
THR C   O    doub N N 397 
THR C   OXT  sing N N 398 
THR CB  OG1  sing N N 399 
THR CB  CG2  sing N N 400 
THR CB  HB   sing N N 401 
THR OG1 HG1  sing N N 402 
THR CG2 HG21 sing N N 403 
THR CG2 HG22 sing N N 404 
THR CG2 HG23 sing N N 405 
THR OXT HXT  sing N N 406 
TRP N   CA   sing N N 407 
TRP N   H    sing N N 408 
TRP N   H2   sing N N 409 
TRP CA  C    sing N N 410 
TRP CA  CB   sing N N 411 
TRP CA  HA   sing N N 412 
TRP C   O    doub N N 413 
TRP C   OXT  sing N N 414 
TRP CB  CG   sing N N 415 
TRP CB  HB2  sing N N 416 
TRP CB  HB3  sing N N 417 
TRP CG  CD1  doub Y N 418 
TRP CG  CD2  sing Y N 419 
TRP CD1 NE1  sing Y N 420 
TRP CD1 HD1  sing N N 421 
TRP CD2 CE2  doub Y N 422 
TRP CD2 CE3  sing Y N 423 
TRP NE1 CE2  sing Y N 424 
TRP NE1 HE1  sing N N 425 
TRP CE2 CZ2  sing Y N 426 
TRP CE3 CZ3  doub Y N 427 
TRP CE3 HE3  sing N N 428 
TRP CZ2 CH2  doub Y N 429 
TRP CZ2 HZ2  sing N N 430 
TRP CZ3 CH2  sing Y N 431 
TRP CZ3 HZ3  sing N N 432 
TRP CH2 HH2  sing N N 433 
TRP OXT HXT  sing N N 434 
TYR N   CA   sing N N 435 
TYR N   H    sing N N 436 
TYR N   H2   sing N N 437 
TYR CA  C    sing N N 438 
TYR CA  CB   sing N N 439 
TYR CA  HA   sing N N 440 
TYR C   O    doub N N 441 
TYR C   OXT  sing N N 442 
TYR CB  CG   sing N N 443 
TYR CB  HB2  sing N N 444 
TYR CB  HB3  sing N N 445 
TYR CG  CD1  doub Y N 446 
TYR CG  CD2  sing Y N 447 
TYR CD1 CE1  sing Y N 448 
TYR CD1 HD1  sing N N 449 
TYR CD2 CE2  doub Y N 450 
TYR CD2 HD2  sing N N 451 
TYR CE1 CZ   doub Y N 452 
TYR CE1 HE1  sing N N 453 
TYR CE2 CZ   sing Y N 454 
TYR CE2 HE2  sing N N 455 
TYR CZ  OH   sing N N 456 
TYR OH  HH   sing N N 457 
TYR OXT HXT  sing N N 458 
VAL N   CA   sing N N 459 
VAL N   H    sing N N 460 
VAL N   H2   sing N N 461 
VAL CA  C    sing N N 462 
VAL CA  CB   sing N N 463 
VAL CA  HA   sing N N 464 
VAL C   O    doub N N 465 
VAL C   OXT  sing N N 466 
VAL CB  CG1  sing N N 467 
VAL CB  CG2  sing N N 468 
VAL CB  HB   sing N N 469 
VAL CG1 HG11 sing N N 470 
VAL CG1 HG12 sing N N 471 
VAL CG1 HG13 sing N N 472 
VAL CG2 HG21 sing N N 473 
VAL CG2 HG22 sing N N 474 
VAL CG2 HG23 sing N N 475 
VAL OXT HXT  sing N N 476 
# 
loop_
_pdbx_entity_nonpoly.entity_id 
_pdbx_entity_nonpoly.name 
_pdbx_entity_nonpoly.comp_id 
2 RITONAVIR RIT 
3 water     HOH 
# 
_pdbx_initial_refinement_model.id               1 
_pdbx_initial_refinement_model.entity_id_list   ? 
_pdbx_initial_refinement_model.type             'experimental model' 
_pdbx_initial_refinement_model.source_name      PDB 
_pdbx_initial_refinement_model.accession_code   1HXW 
_pdbx_initial_refinement_model.details          'PDB ENTRY 1HXW' 
# 
